data_2W93
#
_entry.id   2W93
#
_cell.length_a   73.050
_cell.length_b   79.220
_cell.length_c   109.090
_cell.angle_alpha   89.23
_cell.angle_beta   73.32
_cell.angle_gamma   62.43
#
_symmetry.space_group_name_H-M   'P 1'
#
loop_
_entity.id
_entity.type
_entity.pdbx_description
1 polymer 'PYRUVATE DECARBOXYLASE ISOZYME 1'
2 non-polymer 'THIAMINE DIPHOSPHATE'
3 non-polymer 'MAGNESIUM ION'
4 non-polymer (1S,2S)-1-amino-1,2-dihydroxypropan-1-olate
5 water water
#
_entity_poly.entity_id   1
_entity_poly.type   'polypeptide(L)'
_entity_poly.pdbx_seq_one_letter_code
;MSEITLGKYLFERLKQVNVNTVFGLPGDFNLSLLDKIYEVEGMRWAGNANELNAAYAADGYARIKGMSCIITTFGVGELS
ALNGIAGSYAEHVGVLHVVGVPSISSQAKQLLLHHTLGNGDFTVFHRMSANISETTAMITDIATAPAEIDRCIRTTYVTQ
RPVYLGLPANLVDLNVPAKLLQTPIDMSLKPNDAESEKEVIDTILALVKDAKNPVILADACCSRHDVKAETKKLIDLTQF
PAFVTPMGKGSIDEQHPRYGGVYVGTLSKPEVKEAVESADLILSVGALLSDFNTGSFSYSYKTKNIVEFHSDHMKIRNAT
FPGVQMKFVLQKLLTNIADAAKGYKPVAVPARTPANAAVPASTPLKQEWMWNQLGNFLQEGDVVIAETGTSAFGINQTTF
PNNTYGISQVLWGSIGFTTGATLGAAFAAEEIDPKKRVILFIGDGSLQLTVQEISTMIRWGLKPYLFVLNNDGYTIQKLI
HGPKAQYNEIQGWDHLSLLPTFGAKDYETHRVATTGEWDKLTQDKSFNDNSKIRMIEVMLPVFDAPQNLVEQAKLTAATN
AKQ
;
_entity_poly.pdbx_strand_id   A,B,C,D
#
loop_
_chem_comp.id
_chem_comp.type
_chem_comp.name
_chem_comp.formula
MG non-polymer 'MAGNESIUM ION' 'Mg 2'
PY0 non-polymer (1S,2S)-1-amino-1,2-dihydroxypropan-1-olate 'C3 H8 N O3 -1'
TPP non-polymer 'THIAMINE DIPHOSPHATE' 'C12 H19 N4 O7 P2 S 1'
#
# COMPACT_ATOMS: atom_id res chain seq x y z
N SER A 2 21.50 -35.88 -6.71
CA SER A 2 20.51 -35.92 -7.73
C SER A 2 19.47 -34.83 -7.69
N GLU A 3 18.91 -34.62 -8.84
CA GLU A 3 18.16 -33.39 -9.18
C GLU A 3 16.73 -33.68 -9.64
N ILE A 4 15.81 -32.75 -9.40
CA ILE A 4 14.42 -32.90 -9.85
C ILE A 4 13.92 -31.51 -10.28
N THR A 5 12.97 -31.43 -11.21
CA THR A 5 12.44 -30.11 -11.60
C THR A 5 11.63 -29.55 -10.45
N LEU A 6 11.58 -28.22 -10.38
CA LEU A 6 10.77 -27.56 -9.38
C LEU A 6 9.31 -28.01 -9.53
N GLY A 7 8.82 -28.12 -10.76
CA GLY A 7 7.47 -28.64 -11.00
C GLY A 7 7.26 -30.02 -10.40
N LYS A 8 8.17 -30.96 -10.66
CA LYS A 8 7.96 -32.30 -10.07
C LYS A 8 8.07 -32.27 -8.55
N TYR A 9 8.95 -31.41 -8.03
CA TYR A 9 9.10 -31.21 -6.59
C TYR A 9 7.76 -30.87 -5.98
N LEU A 10 7.04 -29.91 -6.57
CA LEU A 10 5.70 -29.59 -6.08
C LEU A 10 4.82 -30.82 -5.92
N PHE A 11 4.73 -31.65 -6.94
CA PHE A 11 3.82 -32.80 -6.88
C PHE A 11 4.32 -33.89 -5.96
N GLU A 12 5.64 -34.04 -5.84
CA GLU A 12 6.16 -34.99 -4.84
C GLU A 12 5.74 -34.57 -3.45
N ARG A 13 5.84 -33.26 -3.16
CA ARG A 13 5.43 -32.76 -1.82
C ARG A 13 3.93 -32.96 -1.62
N LEU A 14 3.14 -32.67 -2.65
CA LEU A 14 1.67 -32.83 -2.47
C LEU A 14 1.33 -34.28 -2.15
N LYS A 15 1.97 -35.20 -2.87
CA LYS A 15 1.82 -36.62 -2.60
C LYS A 15 2.15 -36.91 -1.13
N GLN A 16 3.27 -36.38 -0.65
CA GLN A 16 3.71 -36.66 0.73
C GLN A 16 2.69 -36.18 1.77
N VAL A 17 1.93 -35.13 1.44
CA VAL A 17 0.93 -34.60 2.39
C VAL A 17 -0.49 -35.05 2.00
N ASN A 18 -0.57 -36.09 1.18
CA ASN A 18 -1.83 -36.84 0.95
C ASN A 18 -2.80 -36.08 0.05
N VAL A 19 -2.24 -35.22 -0.80
CA VAL A 19 -3.04 -34.57 -1.84
C VAL A 19 -2.74 -35.33 -3.12
N ASN A 20 -3.73 -36.08 -3.60
CA ASN A 20 -3.52 -36.99 -4.72
C ASN A 20 -4.29 -36.63 -5.97
N THR A 21 -5.23 -35.70 -5.84
CA THR A 21 -5.96 -35.17 -6.99
C THR A 21 -5.68 -33.68 -7.04
N VAL A 22 -5.42 -33.18 -8.25
CA VAL A 22 -5.12 -31.77 -8.44
C VAL A 22 -6.20 -31.16 -9.35
N PHE A 23 -6.82 -30.09 -8.87
CA PHE A 23 -7.93 -29.44 -9.58
C PHE A 23 -7.41 -28.31 -10.42
N GLY A 24 -8.28 -27.79 -11.29
CA GLY A 24 -7.95 -26.58 -12.09
C GLY A 24 -8.11 -26.84 -13.57
N LEU A 25 -7.64 -25.87 -14.35
CA LEU A 25 -7.65 -26.04 -15.81
C LEU A 25 -6.32 -25.60 -16.37
N PRO A 26 -5.94 -26.20 -17.51
CA PRO A 26 -4.69 -25.83 -18.16
C PRO A 26 -4.74 -24.47 -18.86
N GLY A 27 -3.56 -23.89 -19.06
CA GLY A 27 -3.39 -22.76 -19.95
C GLY A 27 -1.91 -22.76 -20.29
N ASP A 28 -1.51 -22.00 -21.30
CA ASP A 28 -0.09 -22.03 -21.72
C ASP A 28 0.92 -21.83 -20.58
N PHE A 29 0.59 -20.93 -19.65
CA PHE A 29 1.48 -20.57 -18.55
C PHE A 29 1.63 -21.67 -17.50
N ASN A 30 0.79 -22.71 -17.59
CA ASN A 30 0.95 -23.84 -16.64
C ASN A 30 1.14 -25.22 -17.26
N LEU A 31 1.23 -25.31 -18.60
CA LEU A 31 1.31 -26.64 -19.22
C LEU A 31 2.53 -27.42 -18.81
N SER A 32 3.70 -26.78 -18.79
CA SER A 32 4.92 -27.48 -18.39
C SER A 32 4.80 -28.00 -16.98
N LEU A 33 4.18 -27.21 -16.11
CA LEU A 33 3.93 -27.67 -14.74
C LEU A 33 3.06 -28.92 -14.71
N LEU A 34 1.96 -28.88 -15.47
CA LEU A 34 1.02 -30.00 -15.45
C LEU A 34 1.65 -31.30 -15.94
N ASP A 35 2.59 -31.22 -16.89
CA ASP A 35 3.30 -32.43 -17.32
C ASP A 35 3.85 -33.21 -16.13
N LYS A 36 4.26 -32.48 -15.09
CA LYS A 36 4.99 -33.10 -13.96
C LYS A 36 4.07 -33.99 -13.13
N ILE A 37 2.76 -33.75 -13.20
CA ILE A 37 1.82 -34.62 -12.51
C ILE A 37 1.98 -36.06 -12.94
N TYR A 38 2.19 -36.26 -14.23
CA TYR A 38 2.25 -37.61 -14.77
C TYR A 38 3.54 -38.33 -14.39
N GLU A 39 4.49 -37.59 -13.83
CA GLU A 39 5.79 -38.17 -13.45
C GLU A 39 5.76 -38.72 -12.03
N VAL A 40 4.65 -38.47 -11.33
CA VAL A 40 4.57 -38.83 -9.92
C VAL A 40 3.44 -39.82 -9.75
N GLU A 41 3.80 -41.06 -9.41
CA GLU A 41 2.82 -42.12 -9.26
C GLU A 41 1.85 -41.76 -8.13
N GLY A 42 0.56 -41.96 -8.36
CA GLY A 42 -0.40 -41.66 -7.31
C GLY A 42 -0.98 -40.26 -7.42
N MET A 43 -0.58 -39.52 -8.45
CA MET A 43 -1.11 -38.15 -8.66
C MET A 43 -1.94 -38.07 -9.93
N ARG A 44 -3.06 -37.36 -9.85
CA ARG A 44 -3.91 -37.22 -11.03
C ARG A 44 -4.42 -35.79 -11.14
N TRP A 45 -4.79 -35.46 -12.39
CA TRP A 45 -5.38 -34.17 -12.78
C TRP A 45 -6.86 -34.34 -13.06
N ALA A 46 -7.70 -33.61 -12.32
CA ALA A 46 -9.14 -33.79 -12.45
C ALA A 46 -9.63 -33.45 -13.85
N GLY A 47 -9.15 -32.35 -14.40
CA GLY A 47 -9.67 -31.89 -15.70
C GLY A 47 -11.02 -31.21 -15.50
N ASN A 48 -11.01 -30.14 -14.70
CA ASN A 48 -12.29 -29.49 -14.36
C ASN A 48 -12.91 -28.78 -15.56
N ALA A 49 -14.22 -28.57 -15.49
CA ALA A 49 -14.95 -27.93 -16.59
C ALA A 49 -14.99 -26.39 -16.50
N ASN A 50 -14.71 -25.82 -15.34
CA ASN A 50 -14.31 -24.39 -15.26
C ASN A 50 -13.62 -24.12 -13.93
N GLU A 51 -13.00 -22.96 -13.82
CA GLU A 51 -12.15 -22.70 -12.66
C GLU A 51 -12.92 -22.43 -11.38
N LEU A 52 -14.09 -21.80 -11.50
CA LEU A 52 -14.86 -21.57 -10.26
C LEU A 52 -15.23 -22.94 -9.67
N ASN A 53 -15.71 -23.84 -10.54
CA ASN A 53 -16.08 -25.19 -10.11
C ASN A 53 -14.89 -25.94 -9.58
N ALA A 54 -13.73 -25.71 -10.21
CA ALA A 54 -12.49 -26.34 -9.74
C ALA A 54 -12.15 -25.93 -8.32
N ALA A 55 -12.39 -24.64 -7.97
CA ALA A 55 -12.10 -24.08 -6.65
C ALA A 55 -13.11 -24.64 -5.62
N TYR A 56 -14.38 -24.73 -6.03
CA TYR A 56 -15.37 -25.39 -5.20
C TYR A 56 -14.98 -26.82 -4.91
N ALA A 57 -14.46 -27.51 -5.93
CA ALA A 57 -14.06 -28.92 -5.81
C ALA A 57 -12.83 -29.05 -4.90
N ALA A 58 -11.85 -28.14 -5.08
CA ALA A 58 -10.69 -28.16 -4.20
C ALA A 58 -11.12 -27.97 -2.75
N ASP A 59 -12.17 -27.18 -2.53
CA ASP A 59 -12.72 -26.93 -1.18
C ASP A 59 -13.33 -28.23 -0.62
N GLY A 60 -14.22 -28.87 -1.39
CA GLY A 60 -14.78 -30.21 -1.00
C GLY A 60 -13.69 -31.21 -0.69
N TYR A 61 -12.68 -31.27 -1.57
CA TYR A 61 -11.60 -32.25 -1.38
C TYR A 61 -10.86 -31.99 -0.06
N ALA A 62 -10.51 -30.74 0.21
CA ALA A 62 -9.80 -30.38 1.43
C ALA A 62 -10.61 -30.72 2.68
N ARG A 63 -11.93 -30.52 2.61
CA ARG A 63 -12.78 -30.78 3.77
C ARG A 63 -12.68 -32.25 4.17
N ILE A 64 -12.64 -33.13 3.17
CA ILE A 64 -12.66 -34.57 3.43
C ILE A 64 -11.25 -35.11 3.63
N LYS A 65 -10.29 -34.63 2.82
CA LYS A 65 -8.93 -35.21 2.79
C LYS A 65 -7.98 -34.52 3.77
N GLY A 66 -8.16 -33.22 3.98
CA GLY A 66 -7.36 -32.43 4.90
C GLY A 66 -6.83 -31.13 4.30
N MET A 67 -6.45 -31.19 3.04
CA MET A 67 -6.09 -30.00 2.26
C MET A 67 -6.16 -30.34 0.76
N SER A 68 -6.01 -29.32 -0.09
CA SER A 68 -6.16 -29.56 -1.52
C SER A 68 -5.29 -28.61 -2.32
N CYS A 69 -5.26 -28.86 -3.61
CA CYS A 69 -4.55 -27.98 -4.52
C CYS A 69 -5.34 -27.77 -5.82
N ILE A 70 -5.45 -26.49 -6.21
CA ILE A 70 -5.99 -26.11 -7.54
C ILE A 70 -4.90 -25.35 -8.27
N ILE A 71 -4.71 -25.67 -9.55
CA ILE A 71 -3.78 -24.95 -10.43
C ILE A 71 -4.57 -24.24 -11.51
N THR A 72 -4.36 -22.93 -11.64
CA THR A 72 -5.02 -22.18 -12.71
C THR A 72 -3.97 -21.46 -13.53
N THR A 73 -4.43 -20.80 -14.58
CA THR A 73 -3.52 -19.99 -15.42
C THR A 73 -3.69 -18.50 -15.10
N PHE A 74 -2.62 -17.74 -15.27
CA PHE A 74 -2.54 -16.31 -15.02
C PHE A 74 -3.75 -15.52 -15.52
N GLY A 75 -4.31 -14.68 -14.68
CA GLY A 75 -5.37 -13.75 -15.10
C GLY A 75 -6.68 -14.48 -15.24
N VAL A 76 -6.91 -15.06 -16.42
CA VAL A 76 -8.23 -15.64 -16.75
C VAL A 76 -8.61 -16.83 -15.88
N GLY A 77 -7.63 -17.61 -15.43
CA GLY A 77 -7.97 -18.80 -14.66
C GLY A 77 -8.13 -18.40 -13.20
N GLU A 78 -7.09 -17.74 -12.66
CA GLU A 78 -7.11 -17.37 -11.24
C GLU A 78 -8.32 -16.49 -10.90
N LEU A 79 -8.61 -15.51 -11.74
CA LEU A 79 -9.74 -14.64 -11.37
C LEU A 79 -11.06 -15.37 -11.42
N SER A 80 -11.18 -16.36 -12.29
CA SER A 80 -12.41 -17.18 -12.35
C SER A 80 -12.59 -17.92 -11.02
N ALA A 81 -11.49 -18.27 -10.37
CA ALA A 81 -11.57 -19.11 -9.16
C ALA A 81 -11.89 -18.37 -7.86
N LEU A 82 -11.82 -17.04 -7.89
CA LEU A 82 -11.75 -16.26 -6.63
C LEU A 82 -12.95 -16.42 -5.70
N ASN A 83 -14.17 -16.54 -6.22
CA ASN A 83 -15.29 -16.74 -5.31
C ASN A 83 -15.17 -18.09 -4.57
N GLY A 84 -14.56 -19.07 -5.23
CA GLY A 84 -14.29 -20.35 -4.57
C GLY A 84 -13.25 -20.15 -3.47
N ILE A 85 -12.14 -19.51 -3.82
CA ILE A 85 -11.06 -19.25 -2.85
C ILE A 85 -11.59 -18.47 -1.63
N ALA A 86 -12.41 -17.45 -1.89
CA ALA A 86 -12.95 -16.61 -0.84
C ALA A 86 -13.82 -17.40 0.14
N GLY A 87 -14.64 -18.31 -0.38
CA GLY A 87 -15.46 -19.16 0.48
C GLY A 87 -14.58 -20.07 1.33
N SER A 88 -13.49 -20.53 0.75
CA SER A 88 -12.56 -21.34 1.55
C SER A 88 -11.87 -20.49 2.63
N TYR A 89 -11.56 -19.24 2.34
CA TYR A 89 -11.00 -18.37 3.37
C TYR A 89 -12.03 -18.16 4.48
N ALA A 90 -13.24 -17.84 4.07
CA ALA A 90 -14.33 -17.53 5.01
C ALA A 90 -14.62 -18.70 5.96
N GLU A 91 -14.63 -19.92 5.42
CA GLU A 91 -14.96 -21.12 6.20
C GLU A 91 -13.77 -21.93 6.68
N HIS A 92 -12.54 -21.38 6.51
CA HIS A 92 -11.33 -22.03 7.02
C HIS A 92 -11.15 -23.40 6.40
N VAL A 93 -10.96 -23.41 5.08
CA VAL A 93 -10.64 -24.64 4.36
C VAL A 93 -9.31 -24.45 3.66
N GLY A 94 -8.42 -25.42 3.86
CA GLY A 94 -7.03 -25.30 3.40
C GLY A 94 -6.84 -25.69 1.95
N VAL A 95 -6.95 -24.69 1.06
CA VAL A 95 -6.80 -24.85 -0.39
C VAL A 95 -5.55 -24.12 -0.87
N LEU A 96 -4.60 -24.84 -1.49
CA LEU A 96 -3.42 -24.21 -2.08
C LEU A 96 -3.74 -23.89 -3.54
N HIS A 97 -3.78 -22.59 -3.84
CA HIS A 97 -4.02 -22.12 -5.21
C HIS A 97 -2.68 -21.77 -5.85
N VAL A 98 -2.30 -22.62 -6.81
CA VAL A 98 -1.06 -22.41 -7.57
C VAL A 98 -1.46 -21.79 -8.89
N VAL A 99 -0.79 -20.71 -9.26
CA VAL A 99 -1.08 -20.10 -10.54
C VAL A 99 0.16 -20.14 -11.39
N GLY A 100 0.02 -20.65 -12.62
CA GLY A 100 1.14 -20.57 -13.61
C GLY A 100 1.16 -19.17 -14.17
N VAL A 101 2.30 -18.49 -14.07
CA VAL A 101 2.37 -17.08 -14.46
C VAL A 101 3.43 -16.90 -15.55
N PRO A 102 3.42 -15.77 -16.24
CA PRO A 102 4.40 -15.58 -17.31
C PRO A 102 5.83 -15.70 -16.84
N SER A 103 6.71 -16.09 -17.75
CA SER A 103 8.12 -16.29 -17.43
C SER A 103 8.72 -15.02 -16.84
N ILE A 104 9.82 -15.17 -16.11
CA ILE A 104 10.51 -14.06 -15.51
C ILE A 104 10.92 -13.05 -16.58
N SER A 105 11.39 -13.54 -17.73
CA SER A 105 11.80 -12.62 -18.80
C SER A 105 10.62 -11.86 -19.43
N SER A 106 9.48 -12.52 -19.55
CA SER A 106 8.27 -11.88 -20.09
C SER A 106 7.83 -10.74 -19.17
N GLN A 107 7.89 -10.98 -17.86
CA GLN A 107 7.49 -9.96 -16.90
C GLN A 107 8.46 -8.79 -16.96
N ALA A 108 9.76 -9.09 -16.95
CA ALA A 108 10.80 -8.03 -16.96
C ALA A 108 10.65 -7.10 -18.15
N LYS A 109 10.42 -7.69 -19.32
CA LYS A 109 10.25 -6.96 -20.57
C LYS A 109 8.86 -6.37 -20.74
N GLN A 110 7.99 -6.61 -19.76
CA GLN A 110 6.58 -6.14 -19.80
C GLN A 110 5.88 -6.43 -21.12
N LEU A 111 6.03 -7.65 -21.62
CA LEU A 111 5.40 -8.06 -22.88
C LEU A 111 3.89 -7.93 -22.78
N LEU A 112 3.28 -7.41 -23.83
CA LEU A 112 1.84 -7.19 -23.83
C LEU A 112 1.16 -8.50 -24.16
N LEU A 113 1.14 -9.39 -23.17
CA LEU A 113 0.66 -10.77 -23.37
C LEU A 113 -0.83 -10.95 -23.11
N HIS A 114 -1.40 -11.97 -23.75
CA HIS A 114 -2.73 -12.44 -23.41
C HIS A 114 -2.85 -12.66 -21.91
N HIS A 115 -4.07 -12.46 -21.41
CA HIS A 115 -4.43 -12.59 -19.99
C HIS A 115 -3.83 -11.48 -19.12
N THR A 116 -3.28 -10.41 -19.72
CA THR A 116 -2.95 -9.21 -18.94
C THR A 116 -3.99 -8.11 -19.19
N LEU A 117 -3.96 -7.09 -18.34
CA LEU A 117 -4.86 -5.94 -18.50
C LEU A 117 -4.38 -4.97 -19.57
N GLY A 118 -3.25 -5.30 -20.21
CA GLY A 118 -2.68 -4.51 -21.30
C GLY A 118 -1.82 -3.33 -20.85
N ASN A 119 -1.55 -3.28 -19.56
CA ASN A 119 -0.84 -2.19 -18.91
C ASN A 119 0.55 -2.57 -18.34
N GLY A 120 1.01 -3.78 -18.65
CA GLY A 120 2.31 -4.27 -18.21
C GLY A 120 2.43 -4.65 -16.74
N ASP A 121 1.31 -4.67 -16.00
CA ASP A 121 1.35 -4.94 -14.56
C ASP A 121 1.10 -6.42 -14.29
N PHE A 122 2.17 -7.16 -13.94
CA PHE A 122 2.05 -8.59 -13.73
C PHE A 122 1.77 -8.92 -12.26
N THR A 123 1.54 -7.88 -11.44
CA THR A 123 1.33 -8.06 -9.98
C THR A 123 -0.12 -8.02 -9.58
N VAL A 124 -0.95 -7.52 -10.46
CA VAL A 124 -2.33 -7.15 -10.09
C VAL A 124 -3.15 -8.33 -9.56
N PHE A 125 -3.05 -9.49 -10.20
CA PHE A 125 -3.92 -10.61 -9.79
C PHE A 125 -3.46 -11.20 -8.46
N HIS A 126 -2.14 -11.25 -8.30
CA HIS A 126 -1.54 -11.65 -7.02
C HIS A 126 -2.05 -10.72 -5.92
N ARG A 127 -1.95 -9.43 -6.13
CA ARG A 127 -2.44 -8.49 -5.18
C ARG A 127 -3.91 -8.68 -4.87
N MET A 128 -4.74 -8.96 -5.86
CA MET A 128 -6.16 -9.25 -5.60
C MET A 128 -6.33 -10.46 -4.73
N SER A 129 -5.61 -11.54 -5.05
CA SER A 129 -5.74 -12.76 -4.24
C SER A 129 -5.19 -12.63 -2.80
N ALA A 130 -4.29 -11.67 -2.56
CA ALA A 130 -3.70 -11.53 -1.20
C ALA A 130 -4.79 -11.19 -0.19
N ASN A 131 -5.83 -10.51 -0.65
CA ASN A 131 -6.96 -10.16 0.19
C ASN A 131 -7.74 -11.35 0.76
N ILE A 132 -7.64 -12.50 0.09
CA ILE A 132 -8.41 -13.68 0.49
C ILE A 132 -7.51 -14.89 0.71
N SER A 133 -6.28 -14.61 1.11
CA SER A 133 -5.29 -15.69 1.37
C SER A 133 -4.64 -15.50 2.72
N GLU A 134 -4.32 -16.61 3.36
CA GLU A 134 -3.54 -16.55 4.60
C GLU A 134 -2.14 -15.96 4.33
N THR A 135 -1.49 -16.44 3.26
CA THR A 135 -0.20 -15.92 2.83
C THR A 135 -0.08 -16.11 1.34
N THR A 136 0.89 -15.46 0.73
CA THR A 136 1.14 -15.64 -0.68
C THR A 136 2.65 -15.84 -0.92
N ALA A 137 2.98 -16.45 -2.03
CA ALA A 137 4.35 -16.49 -2.53
C ALA A 137 4.27 -16.31 -4.02
N MET A 138 5.09 -15.41 -4.55
CA MET A 138 5.29 -15.32 -6.00
C MET A 138 6.74 -15.63 -6.23
N ILE A 139 7.00 -16.81 -6.80
CA ILE A 139 8.36 -17.36 -6.90
C ILE A 139 9.15 -16.58 -7.95
N THR A 140 10.34 -16.11 -7.55
CA THR A 140 11.24 -15.38 -8.44
C THR A 140 12.64 -16.02 -8.51
N ASP A 141 12.98 -16.81 -7.51
CA ASP A 141 14.34 -17.36 -7.39
C ASP A 141 14.32 -18.89 -7.19
N ILE A 142 14.93 -19.62 -8.11
CA ILE A 142 14.99 -21.08 -7.99
C ILE A 142 15.67 -21.55 -6.69
N ALA A 143 16.59 -20.74 -6.18
CA ALA A 143 17.35 -21.13 -4.99
C ALA A 143 16.51 -21.25 -3.72
N THR A 144 15.45 -20.45 -3.61
CA THR A 144 14.63 -20.48 -2.38
C THR A 144 13.22 -21.01 -2.71
N ALA A 145 13.01 -21.38 -3.97
CA ALA A 145 11.72 -21.91 -4.42
C ALA A 145 11.24 -23.14 -3.59
N PRO A 146 12.11 -24.15 -3.39
CA PRO A 146 11.61 -25.29 -2.56
C PRO A 146 11.15 -24.89 -1.17
N ALA A 147 11.90 -24.05 -0.48
CA ALA A 147 11.52 -23.60 0.85
C ALA A 147 10.17 -22.87 0.78
N GLU A 148 9.97 -22.08 -0.27
CA GLU A 148 8.71 -21.31 -0.39
C GLU A 148 7.51 -22.24 -0.63
N ILE A 149 7.71 -23.25 -1.46
CA ILE A 149 6.67 -24.27 -1.70
C ILE A 149 6.32 -24.96 -0.36
N ASP A 150 7.35 -25.38 0.37
CA ASP A 150 7.13 -26.03 1.66
C ASP A 150 6.39 -25.12 2.63
N ARG A 151 6.77 -23.86 2.67
CA ARG A 151 6.09 -22.88 3.51
C ARG A 151 4.60 -22.78 3.16
N CYS A 152 4.31 -22.65 1.86
CA CYS A 152 2.92 -22.50 1.40
C CYS A 152 2.07 -23.72 1.76
N ILE A 153 2.63 -24.91 1.56
CA ILE A 153 1.93 -26.17 1.87
C ILE A 153 1.68 -26.30 3.38
N ARG A 154 2.71 -26.06 4.18
CA ARG A 154 2.52 -26.08 5.64
C ARG A 154 1.42 -25.11 6.06
N THR A 155 1.50 -23.87 5.60
CA THR A 155 0.58 -22.82 6.05
C THR A 155 -0.85 -23.19 5.64
N THR A 156 -1.02 -23.67 4.41
CA THR A 156 -2.37 -24.10 3.98
C THR A 156 -2.97 -25.07 4.99
N TYR A 157 -2.19 -26.06 5.38
CA TYR A 157 -2.74 -27.12 6.22
C TYR A 157 -2.92 -26.70 7.67
N VAL A 158 -1.92 -26.03 8.23
CA VAL A 158 -1.98 -25.74 9.67
C VAL A 158 -2.97 -24.63 9.97
N THR A 159 -3.09 -23.65 9.06
CA THR A 159 -4.07 -22.57 9.26
C THR A 159 -5.44 -22.85 8.70
N GLN A 160 -5.54 -23.91 7.87
CA GLN A 160 -6.77 -24.25 7.15
C GLN A 160 -7.35 -22.99 6.49
N ARG A 161 -6.53 -22.33 5.70
CA ARG A 161 -6.96 -21.19 4.90
C ARG A 161 -6.25 -21.24 3.57
N PRO A 162 -6.85 -20.67 2.52
CA PRO A 162 -6.12 -20.69 1.25
C PRO A 162 -4.80 -19.93 1.23
N VAL A 163 -3.92 -20.40 0.36
CA VAL A 163 -2.60 -19.81 0.17
C VAL A 163 -2.39 -19.71 -1.34
N TYR A 164 -1.72 -18.65 -1.77
CA TYR A 164 -1.55 -18.37 -3.19
C TYR A 164 -0.09 -18.57 -3.52
N LEU A 165 0.22 -19.39 -4.53
CA LEU A 165 1.61 -19.62 -4.97
C LEU A 165 1.71 -19.38 -6.48
N GLY A 166 2.42 -18.33 -6.87
CA GLY A 166 2.59 -18.04 -8.28
C GLY A 166 3.88 -18.68 -8.75
N LEU A 167 3.80 -19.45 -9.84
CA LEU A 167 4.98 -20.14 -10.39
C LEU A 167 5.22 -19.73 -11.85
N PRO A 168 6.25 -18.89 -12.08
CA PRO A 168 6.61 -18.55 -13.47
C PRO A 168 6.94 -19.77 -14.34
N ALA A 169 6.39 -19.78 -15.54
CA ALA A 169 6.48 -20.90 -16.46
C ALA A 169 7.93 -21.41 -16.62
N ASN A 170 8.88 -20.48 -16.68
CA ASN A 170 10.28 -20.87 -16.93
C ASN A 170 10.89 -21.58 -15.73
N LEU A 171 10.43 -21.24 -14.53
CA LEU A 171 11.09 -21.74 -13.32
C LEU A 171 10.67 -23.17 -13.01
N VAL A 172 9.53 -23.60 -13.55
CA VAL A 172 9.03 -24.97 -13.21
C VAL A 172 9.94 -26.08 -13.75
N ASP A 173 10.74 -25.74 -14.75
CA ASP A 173 11.58 -26.69 -15.44
C ASP A 173 13.03 -26.62 -14.97
N LEU A 174 13.32 -25.71 -14.04
CA LEU A 174 14.67 -25.60 -13.47
C LEU A 174 14.84 -26.66 -12.39
N ASN A 175 16.07 -27.11 -12.19
CA ASN A 175 16.28 -28.22 -11.26
C ASN A 175 16.63 -27.80 -9.85
N VAL A 176 16.20 -28.61 -8.89
CA VAL A 176 16.47 -28.40 -7.47
C VAL A 176 17.00 -29.71 -6.89
N PRO A 177 17.70 -29.66 -5.76
CA PRO A 177 18.21 -30.89 -5.12
C PRO A 177 17.10 -31.86 -4.65
N ALA A 178 17.12 -33.09 -5.18
CA ALA A 178 16.08 -34.09 -4.89
C ALA A 178 16.11 -34.48 -3.43
N LYS A 179 17.28 -34.39 -2.82
CA LYS A 179 17.44 -34.80 -1.42
C LYS A 179 16.54 -34.01 -0.46
N LEU A 180 16.12 -32.82 -0.89
CA LEU A 180 15.24 -31.98 -0.07
C LEU A 180 13.97 -32.74 0.25
N LEU A 181 13.54 -33.61 -0.65
CA LEU A 181 12.28 -34.34 -0.48
C LEU A 181 12.36 -35.39 0.64
N GLN A 182 13.58 -35.72 1.06
CA GLN A 182 13.76 -36.75 2.08
C GLN A 182 13.52 -36.20 3.48
N THR A 183 13.36 -34.88 3.61
CA THR A 183 13.02 -34.29 4.88
C THR A 183 11.55 -33.84 4.73
N PRO A 184 10.63 -34.44 5.50
CA PRO A 184 9.21 -34.05 5.38
C PRO A 184 8.95 -32.58 5.69
N ILE A 185 7.92 -32.02 5.06
CA ILE A 185 7.39 -30.76 5.50
C ILE A 185 6.81 -31.01 6.89
N ASP A 186 7.12 -30.12 7.83
CA ASP A 186 6.48 -30.16 9.14
C ASP A 186 5.02 -29.74 8.99
N MET A 187 4.08 -30.65 9.21
CA MET A 187 2.64 -30.36 9.07
C MET A 187 1.90 -30.32 10.41
N SER A 188 2.67 -30.29 11.49
CA SER A 188 2.13 -30.34 12.84
C SER A 188 2.07 -28.96 13.45
N LEU A 189 1.10 -28.79 14.33
CA LEU A 189 0.97 -27.59 15.13
C LEU A 189 2.16 -27.55 16.07
N LYS A 190 2.71 -26.36 16.27
CA LYS A 190 3.80 -26.18 17.23
C LYS A 190 3.18 -26.38 18.62
N PRO A 191 3.93 -26.99 19.56
CA PRO A 191 3.35 -27.21 20.89
C PRO A 191 2.92 -25.89 21.56
N ASN A 192 1.97 -25.98 22.48
CA ASN A 192 1.53 -24.81 23.23
C ASN A 192 2.57 -24.32 24.23
N ASP A 193 2.48 -23.04 24.59
CA ASP A 193 3.18 -22.52 25.76
C ASP A 193 2.72 -23.31 26.96
N ALA A 194 3.67 -23.93 27.66
CA ALA A 194 3.35 -24.91 28.70
C ALA A 194 2.55 -24.33 29.86
N GLU A 195 2.94 -23.13 30.31
CA GLU A 195 2.31 -22.54 31.50
C GLU A 195 0.92 -22.02 31.18
N SER A 196 0.76 -21.48 29.97
CA SER A 196 -0.53 -20.98 29.51
C SER A 196 -1.49 -22.15 29.36
N GLU A 197 -1.04 -23.18 28.64
CA GLU A 197 -1.84 -24.39 28.47
C GLU A 197 -2.26 -24.96 29.80
N LYS A 198 -1.34 -24.99 30.78
CA LYS A 198 -1.68 -25.54 32.09
C LYS A 198 -2.70 -24.67 32.85
N GLU A 199 -2.58 -23.36 32.72
CA GLU A 199 -3.58 -22.51 33.34
C GLU A 199 -4.97 -22.82 32.79
N VAL A 200 -5.05 -22.94 31.47
CA VAL A 200 -6.33 -23.16 30.78
C VAL A 200 -6.99 -24.44 31.27
N ILE A 201 -6.20 -25.51 31.33
CA ILE A 201 -6.65 -26.84 31.75
C ILE A 201 -7.21 -26.78 33.18
N ASP A 202 -6.51 -26.08 34.07
CA ASP A 202 -6.93 -25.94 35.46
C ASP A 202 -8.27 -25.22 35.65
N THR A 203 -8.39 -24.10 34.99
CA THR A 203 -9.52 -23.27 35.11
C THR A 203 -10.81 -24.00 34.65
N ILE A 204 -10.70 -24.65 33.53
CA ILE A 204 -11.81 -25.39 32.89
C ILE A 204 -12.42 -26.41 33.87
N LEU A 205 -11.57 -27.21 34.51
CA LEU A 205 -11.98 -28.19 35.51
C LEU A 205 -12.82 -27.61 36.65
N ALA A 206 -12.44 -26.44 37.14
CA ALA A 206 -13.13 -25.75 38.23
C ALA A 206 -14.53 -25.26 37.84
N LEU A 207 -14.68 -24.83 36.59
CA LEU A 207 -15.97 -24.35 36.12
C LEU A 207 -16.91 -25.52 35.95
N VAL A 208 -16.32 -26.64 35.50
CA VAL A 208 -17.01 -27.89 35.30
C VAL A 208 -17.62 -28.32 36.63
N LYS A 209 -16.80 -28.35 37.68
CA LYS A 209 -17.25 -28.78 39.00
C LYS A 209 -18.48 -28.02 39.49
N ASP A 210 -18.50 -26.72 39.23
CA ASP A 210 -19.60 -25.87 39.69
C ASP A 210 -20.87 -25.87 38.85
N ALA A 211 -20.79 -26.28 37.58
CA ALA A 211 -21.92 -26.17 36.66
C ALA A 211 -23.07 -27.15 36.96
N LYS A 212 -24.28 -26.62 37.00
CA LYS A 212 -25.49 -27.41 37.23
C LYS A 212 -26.13 -27.85 35.92
N ASN A 213 -26.05 -26.98 34.91
CA ASN A 213 -26.65 -27.27 33.61
C ASN A 213 -25.68 -26.96 32.46
N PRO A 214 -24.56 -27.71 32.40
CA PRO A 214 -23.57 -27.49 31.34
C PRO A 214 -23.92 -28.25 30.06
N VAL A 215 -23.43 -27.76 28.93
CA VAL A 215 -23.60 -28.43 27.65
C VAL A 215 -22.30 -28.33 26.85
N ILE A 216 -22.15 -29.22 25.88
CA ILE A 216 -21.08 -29.14 24.88
C ILE A 216 -21.72 -28.68 23.57
N LEU A 217 -21.08 -27.73 22.89
CA LEU A 217 -21.59 -27.26 21.59
C LEU A 217 -20.49 -27.30 20.53
N ALA A 218 -20.63 -28.17 19.54
CA ALA A 218 -19.58 -28.36 18.51
C ALA A 218 -19.92 -27.57 17.26
N ASP A 219 -18.99 -26.74 16.79
CA ASP A 219 -19.19 -25.84 15.65
C ASP A 219 -18.16 -26.18 14.57
N ALA A 220 -18.02 -25.31 13.57
CA ALA A 220 -17.28 -25.64 12.34
C ALA A 220 -15.88 -26.17 12.57
N CYS A 221 -15.13 -25.53 13.46
CA CYS A 221 -13.73 -25.89 13.64
C CYS A 221 -13.49 -27.17 14.45
N CYS A 222 -14.57 -27.75 14.97
CA CYS A 222 -14.48 -29.07 15.58
C CYS A 222 -13.92 -30.09 14.58
N SER A 223 -14.56 -30.21 13.41
CA SER A 223 -14.14 -31.16 12.39
C SER A 223 -12.92 -30.68 11.60
N ARG A 224 -12.89 -29.39 11.27
CA ARG A 224 -11.82 -28.83 10.45
C ARG A 224 -10.43 -28.93 11.08
N HIS A 225 -10.37 -28.87 12.42
CA HIS A 225 -9.09 -28.95 13.12
C HIS A 225 -8.90 -30.25 13.89
N ASP A 226 -9.52 -31.32 13.39
CA ASP A 226 -9.24 -32.68 13.85
C ASP A 226 -9.39 -32.85 15.37
N VAL A 227 -10.48 -32.31 15.92
CA VAL A 227 -10.78 -32.55 17.33
C VAL A 227 -12.09 -33.35 17.53
N LYS A 228 -12.61 -33.93 16.45
CA LYS A 228 -13.78 -34.80 16.56
C LYS A 228 -13.58 -35.91 17.59
N ALA A 229 -12.44 -36.59 17.50
CA ALA A 229 -12.08 -37.70 18.39
C ALA A 229 -12.05 -37.27 19.85
N GLU A 230 -11.41 -36.13 20.10
CA GLU A 230 -11.32 -35.54 21.42
C GLU A 230 -12.66 -35.13 21.97
N THR A 231 -13.47 -34.52 21.12
CA THR A 231 -14.79 -34.12 21.48
C THR A 231 -15.70 -35.25 21.87
N LYS A 232 -15.62 -36.31 21.15
CA LYS A 232 -16.38 -37.54 21.38
C LYS A 232 -16.11 -38.08 22.79
N LYS A 233 -14.82 -38.18 23.13
CA LYS A 233 -14.37 -38.54 24.48
C LYS A 233 -14.84 -37.56 25.55
N LEU A 234 -14.85 -36.28 25.20
CA LEU A 234 -15.37 -35.25 26.09
C LEU A 234 -16.83 -35.53 26.46
N ILE A 235 -17.62 -35.90 25.45
CA ILE A 235 -19.05 -36.17 25.66
C ILE A 235 -19.22 -37.38 26.60
N ASP A 236 -18.49 -38.45 26.30
CA ASP A 236 -18.49 -39.68 27.09
C ASP A 236 -18.15 -39.49 28.57
N LEU A 237 -17.07 -38.75 28.83
CA LEU A 237 -16.53 -38.62 30.18
C LEU A 237 -17.37 -37.71 31.05
N THR A 238 -17.96 -36.72 30.42
CA THR A 238 -18.73 -35.76 31.17
C THR A 238 -20.24 -36.10 31.18
N GLN A 239 -20.72 -36.69 30.08
CA GLN A 239 -22.14 -36.99 29.87
C GLN A 239 -23.00 -35.73 29.87
N PHE A 240 -22.38 -34.60 29.54
CA PHE A 240 -23.14 -33.37 29.37
C PHE A 240 -23.93 -33.52 28.08
N PRO A 241 -25.11 -32.90 28.01
CA PRO A 241 -25.82 -32.84 26.74
C PRO A 241 -24.87 -32.27 25.67
N ALA A 242 -24.88 -32.84 24.47
CA ALA A 242 -23.96 -32.40 23.38
C ALA A 242 -24.76 -32.01 22.12
N PHE A 243 -24.48 -30.83 21.60
CA PHE A 243 -25.22 -30.28 20.48
C PHE A 243 -24.24 -29.84 19.39
N VAL A 244 -24.74 -29.73 18.17
CA VAL A 244 -23.91 -29.20 17.07
C VAL A 244 -24.60 -27.99 16.48
N THR A 245 -23.82 -27.11 15.86
CA THR A 245 -24.37 -26.06 14.99
C THR A 245 -24.55 -26.62 13.56
N PRO A 246 -25.31 -25.90 12.71
CA PRO A 246 -25.40 -26.29 11.30
C PRO A 246 -24.04 -26.54 10.62
N MET A 247 -23.06 -25.65 10.83
CA MET A 247 -21.72 -25.86 10.25
C MET A 247 -20.96 -27.01 10.91
N GLY A 248 -21.29 -27.31 12.15
CA GLY A 248 -20.63 -28.39 12.88
C GLY A 248 -21.29 -29.76 12.71
N LYS A 249 -22.43 -29.79 12.01
CA LYS A 249 -23.21 -31.02 11.92
C LYS A 249 -22.41 -32.13 11.24
N GLY A 250 -22.34 -33.28 11.91
CA GLY A 250 -21.49 -34.37 11.46
C GLY A 250 -20.29 -34.54 12.39
N SER A 251 -19.89 -33.47 13.06
CA SER A 251 -18.70 -33.53 13.92
C SER A 251 -18.95 -34.21 15.28
N ILE A 252 -20.21 -34.37 15.66
CA ILE A 252 -20.57 -35.22 16.78
C ILE A 252 -21.47 -36.33 16.24
N ASP A 253 -21.22 -37.58 16.65
CA ASP A 253 -22.02 -38.71 16.17
C ASP A 253 -23.42 -38.63 16.79
N GLU A 254 -24.44 -38.57 15.93
CA GLU A 254 -25.79 -38.25 16.37
C GLU A 254 -26.56 -39.40 17.00
N GLN A 255 -25.96 -40.59 17.01
CA GLN A 255 -26.59 -41.75 17.62
C GLN A 255 -26.15 -41.92 19.08
N HIS A 256 -25.32 -41.00 19.57
CA HIS A 256 -24.87 -41.02 20.97
C HIS A 256 -26.04 -40.69 21.88
N PRO A 257 -26.19 -41.42 23.01
CA PRO A 257 -27.30 -41.14 23.95
C PRO A 257 -27.34 -39.72 24.47
N ARG A 258 -26.20 -39.04 24.51
CA ARG A 258 -26.14 -37.70 25.06
C ARG A 258 -26.21 -36.60 24.00
N TYR A 259 -26.33 -36.98 22.73
CA TYR A 259 -26.51 -36.02 21.65
C TYR A 259 -27.91 -35.41 21.74
N GLY A 260 -27.99 -34.09 21.81
CA GLY A 260 -29.25 -33.41 22.04
C GLY A 260 -29.85 -32.70 20.84
N GLY A 261 -29.12 -32.66 19.72
CA GLY A 261 -29.65 -32.03 18.51
C GLY A 261 -28.86 -30.87 17.92
N VAL A 262 -29.48 -30.17 16.98
CA VAL A 262 -28.83 -29.08 16.28
C VAL A 262 -29.29 -27.74 16.83
N TYR A 263 -28.35 -26.97 17.36
CA TYR A 263 -28.66 -25.64 17.86
C TYR A 263 -28.60 -24.60 16.75
N VAL A 264 -29.76 -24.04 16.39
CA VAL A 264 -29.88 -23.07 15.30
C VAL A 264 -30.67 -21.85 15.75
N GLY A 265 -30.44 -21.41 16.98
CA GLY A 265 -31.20 -20.32 17.59
C GLY A 265 -32.70 -20.58 17.63
N THR A 266 -33.47 -19.57 17.24
CA THR A 266 -34.94 -19.64 17.25
C THR A 266 -35.47 -20.73 16.30
N LEU A 267 -34.60 -21.21 15.42
CA LEU A 267 -34.98 -22.23 14.44
C LEU A 267 -34.71 -23.67 14.92
N SER A 268 -34.18 -23.80 16.14
CA SER A 268 -33.96 -25.10 16.76
C SER A 268 -35.29 -25.73 17.17
N LYS A 269 -35.31 -27.06 17.32
CA LYS A 269 -36.42 -27.73 17.99
C LYS A 269 -36.59 -27.11 19.36
N PRO A 270 -37.86 -26.94 19.82
CA PRO A 270 -38.12 -26.20 21.07
C PRO A 270 -37.27 -26.68 22.25
N GLU A 271 -37.22 -27.99 22.44
CA GLU A 271 -36.40 -28.59 23.51
C GLU A 271 -34.92 -28.20 23.35
N VAL A 272 -34.43 -28.24 22.11
CA VAL A 272 -33.01 -27.95 21.82
C VAL A 272 -32.64 -26.49 22.14
N LYS A 273 -33.45 -25.56 21.63
CA LYS A 273 -33.25 -24.12 21.89
C LYS A 273 -33.16 -23.85 23.39
N GLU A 274 -34.13 -24.39 24.11
CA GLU A 274 -34.24 -24.22 25.56
C GLU A 274 -33.05 -24.84 26.29
N ALA A 275 -32.67 -26.06 25.91
CA ALA A 275 -31.59 -26.80 26.59
C ALA A 275 -30.23 -26.11 26.48
N VAL A 276 -29.94 -25.53 25.31
CA VAL A 276 -28.71 -24.77 25.12
C VAL A 276 -28.79 -23.39 25.81
N GLU A 277 -29.83 -22.62 25.48
CA GLU A 277 -29.94 -21.25 25.98
C GLU A 277 -30.18 -21.17 27.48
N SER A 278 -30.44 -22.33 28.09
CA SER A 278 -30.66 -22.41 29.54
C SER A 278 -29.44 -22.99 30.26
N ALA A 279 -28.36 -23.20 29.52
CA ALA A 279 -27.12 -23.71 30.13
C ALA A 279 -26.50 -22.64 31.02
N ASP A 280 -25.83 -23.07 32.08
CA ASP A 280 -25.11 -22.14 32.96
C ASP A 280 -23.60 -22.19 32.69
N LEU A 281 -23.19 -23.19 31.90
CA LEU A 281 -21.82 -23.34 31.37
C LEU A 281 -21.90 -23.96 29.99
N ILE A 282 -21.07 -23.48 29.08
CA ILE A 282 -21.01 -24.04 27.73
C ILE A 282 -19.58 -24.36 27.37
N LEU A 283 -19.34 -25.60 26.94
CA LEU A 283 -18.06 -26.01 26.40
C LEU A 283 -18.18 -25.93 24.88
N SER A 284 -17.65 -24.83 24.33
CA SER A 284 -17.84 -24.50 22.92
C SER A 284 -16.61 -24.90 22.15
N VAL A 285 -16.77 -25.84 21.22
CA VAL A 285 -15.65 -26.37 20.46
C VAL A 285 -15.67 -25.87 19.03
N GLY A 286 -14.73 -24.98 18.71
CA GLY A 286 -14.53 -24.53 17.34
C GLY A 286 -15.56 -23.59 16.78
N ALA A 287 -16.02 -22.64 17.60
CA ALA A 287 -17.03 -21.65 17.17
C ALA A 287 -16.53 -20.83 16.00
N LEU A 288 -17.45 -20.58 15.05
CA LEU A 288 -17.16 -19.80 13.85
C LEU A 288 -18.37 -18.90 13.58
N THR A 303 -26.22 -16.90 29.05
CA THR A 303 -25.08 -16.99 29.96
C THR A 303 -23.79 -16.45 29.32
N LYS A 304 -22.87 -16.04 30.18
CA LYS A 304 -21.56 -15.56 29.78
C LYS A 304 -20.47 -16.52 30.26
N ASN A 305 -20.91 -17.59 30.93
CA ASN A 305 -20.00 -18.65 31.40
C ASN A 305 -19.65 -19.64 30.29
N ILE A 306 -18.71 -19.25 29.43
CA ILE A 306 -18.42 -20.01 28.22
C ILE A 306 -16.93 -20.31 28.10
N VAL A 307 -16.59 -21.58 27.87
CA VAL A 307 -15.24 -21.98 27.48
C VAL A 307 -15.21 -22.13 25.95
N GLU A 308 -14.45 -21.26 25.27
CA GLU A 308 -14.29 -21.37 23.82
C GLU A 308 -12.95 -22.04 23.46
N PHE A 309 -13.04 -23.23 22.88
CA PHE A 309 -11.91 -23.92 22.26
C PHE A 309 -11.79 -23.50 20.81
N HIS A 310 -10.61 -23.02 20.40
CA HIS A 310 -10.37 -22.58 19.03
C HIS A 310 -9.02 -23.11 18.61
N SER A 311 -8.77 -23.18 17.31
CA SER A 311 -7.55 -23.81 16.81
C SER A 311 -6.28 -23.07 17.21
N ASP A 312 -6.38 -21.74 17.35
CA ASP A 312 -5.21 -20.90 17.58
C ASP A 312 -5.24 -20.10 18.89
N HIS A 313 -6.26 -20.33 19.72
CA HIS A 313 -6.38 -19.65 21.00
C HIS A 313 -7.50 -20.27 21.84
N MET A 314 -7.56 -19.88 23.11
CA MET A 314 -8.63 -20.28 24.02
C MET A 314 -9.24 -19.04 24.63
N LYS A 315 -10.51 -19.13 25.01
CA LYS A 315 -11.13 -18.07 25.78
C LYS A 315 -11.96 -18.74 26.87
N ILE A 316 -11.86 -18.24 28.09
CA ILE A 316 -12.64 -18.75 29.21
C ILE A 316 -13.30 -17.54 29.85
N ARG A 317 -14.62 -17.46 29.72
CA ARG A 317 -15.34 -16.22 30.04
C ARG A 317 -14.69 -15.06 29.33
N ASN A 318 -14.22 -14.08 30.08
CA ASN A 318 -13.64 -12.87 29.50
C ASN A 318 -12.15 -12.99 29.24
N ALA A 319 -11.55 -14.05 29.77
CA ALA A 319 -10.10 -14.22 29.66
C ALA A 319 -9.70 -14.90 28.36
N THR A 320 -8.81 -14.28 27.61
CA THR A 320 -8.33 -14.86 26.39
C THR A 320 -6.92 -15.34 26.56
N PHE A 321 -6.60 -16.40 25.88
CA PHE A 321 -5.29 -17.01 25.92
C PHE A 321 -4.79 -17.12 24.49
N PRO A 322 -4.21 -16.03 23.95
CA PRO A 322 -3.70 -16.07 22.59
C PRO A 322 -2.68 -17.19 22.39
N GLY A 323 -2.75 -17.86 21.24
CA GLY A 323 -1.76 -18.85 20.88
C GLY A 323 -1.97 -20.20 21.52
N VAL A 324 -2.89 -20.30 22.47
CA VAL A 324 -3.12 -21.58 23.13
C VAL A 324 -4.09 -22.41 22.29
N GLN A 325 -3.55 -23.46 21.68
CA GLN A 325 -4.28 -24.27 20.70
C GLN A 325 -5.15 -25.36 21.32
N MET A 326 -6.40 -25.47 20.85
CA MET A 326 -7.37 -26.39 21.43
C MET A 326 -7.02 -27.87 21.32
N LYS A 327 -6.38 -28.26 20.22
CA LYS A 327 -6.03 -29.67 19.99
C LYS A 327 -5.36 -30.27 21.23
N PHE A 328 -4.32 -29.57 21.72
CA PHE A 328 -3.55 -30.04 22.86
C PHE A 328 -4.24 -29.82 24.22
N VAL A 329 -4.99 -28.72 24.35
CA VAL A 329 -5.78 -28.50 25.56
C VAL A 329 -6.76 -29.65 25.75
N LEU A 330 -7.47 -30.01 24.66
CA LEU A 330 -8.48 -31.06 24.74
C LEU A 330 -7.90 -32.43 25.15
N GLN A 331 -6.76 -32.79 24.59
CA GLN A 331 -6.09 -34.06 24.89
C GLN A 331 -5.83 -34.21 26.39
N LYS A 332 -5.13 -33.22 26.94
CA LYS A 332 -4.74 -33.23 28.35
C LYS A 332 -5.93 -33.13 29.29
N LEU A 333 -6.92 -32.34 28.90
CA LEU A 333 -8.18 -32.26 29.65
C LEU A 333 -8.79 -33.65 29.86
N LEU A 334 -8.79 -34.44 28.79
CA LEU A 334 -9.42 -35.76 28.79
C LEU A 334 -8.76 -36.73 29.75
N THR A 335 -7.42 -36.66 29.84
CA THR A 335 -6.65 -37.44 30.82
C THR A 335 -7.22 -37.29 32.24
N ASN A 336 -7.85 -36.14 32.52
CA ASN A 336 -8.35 -35.80 33.85
C ASN A 336 -9.86 -35.54 34.03
N ILE A 337 -10.56 -35.21 32.94
CA ILE A 337 -11.91 -34.61 33.00
C ILE A 337 -13.01 -35.34 33.79
N ALA A 338 -12.98 -36.67 33.78
CA ALA A 338 -14.02 -37.49 34.42
C ALA A 338 -14.35 -37.07 35.86
N ASP A 339 -13.31 -36.88 36.68
CA ASP A 339 -13.46 -36.54 38.09
C ASP A 339 -14.27 -35.26 38.32
N ALA A 340 -13.99 -34.24 37.51
CA ALA A 340 -14.52 -32.91 37.74
C ALA A 340 -16.03 -32.79 37.53
N ALA A 341 -16.64 -33.80 36.92
CA ALA A 341 -18.05 -33.72 36.52
C ALA A 341 -18.96 -34.73 37.20
N LYS A 342 -18.42 -35.50 38.16
CA LYS A 342 -19.21 -36.55 38.84
C LYS A 342 -20.35 -36.01 39.72
N GLY A 343 -20.23 -34.75 40.15
CA GLY A 343 -21.33 -34.07 40.86
C GLY A 343 -22.51 -33.76 39.96
N TYR A 344 -22.26 -33.74 38.65
CA TYR A 344 -23.32 -33.53 37.65
C TYR A 344 -24.22 -34.75 37.59
N LYS A 345 -25.53 -34.50 37.72
CA LYS A 345 -26.50 -35.57 37.58
C LYS A 345 -27.15 -35.44 36.20
N PRO A 346 -26.80 -36.37 35.28
CA PRO A 346 -27.18 -36.32 33.86
C PRO A 346 -28.60 -35.81 33.62
N VAL A 347 -28.69 -34.63 33.07
CA VAL A 347 -29.95 -34.11 32.73
C VAL A 347 -30.46 -34.62 31.41
N ALA A 348 -31.77 -34.70 31.25
CA ALA A 348 -32.35 -35.29 30.06
C ALA A 348 -32.08 -34.42 28.83
N VAL A 349 -31.59 -35.06 27.77
CA VAL A 349 -31.38 -34.40 26.47
C VAL A 349 -32.70 -34.43 25.67
N PRO A 350 -32.92 -33.41 24.80
CA PRO A 350 -34.10 -33.41 23.94
C PRO A 350 -34.22 -34.71 23.16
N ALA A 351 -35.45 -35.20 23.00
CA ALA A 351 -35.69 -36.47 22.30
C ALA A 351 -35.56 -36.29 20.80
N ARG A 352 -35.07 -37.33 20.12
CA ARG A 352 -35.03 -37.35 18.65
C ARG A 352 -36.44 -37.20 18.10
N THR A 353 -36.56 -36.51 16.97
CA THR A 353 -37.85 -36.31 16.30
C THR A 353 -38.46 -37.67 16.01
N PRO A 354 -39.76 -37.85 16.34
CA PRO A 354 -40.41 -39.12 16.04
C PRO A 354 -40.32 -39.42 14.54
N ALA A 355 -40.25 -40.71 14.21
CA ALA A 355 -40.32 -41.14 12.82
C ALA A 355 -41.61 -40.61 12.22
N ASN A 356 -41.61 -40.46 10.90
CA ASN A 356 -42.83 -40.09 10.19
C ASN A 356 -43.88 -41.19 10.38
N ALA A 357 -45.11 -40.75 10.64
CA ALA A 357 -46.23 -41.69 10.67
C ALA A 357 -46.43 -42.26 9.27
N ALA A 358 -46.91 -43.50 9.19
CA ALA A 358 -47.30 -44.12 7.92
C ALA A 358 -48.34 -43.29 7.21
N VAL A 359 -48.11 -43.03 5.92
CA VAL A 359 -49.09 -42.35 5.09
C VAL A 359 -49.22 -43.14 3.79
N PRO A 360 -50.30 -42.93 3.00
CA PRO A 360 -50.46 -43.63 1.74
C PRO A 360 -49.27 -43.38 0.82
N ALA A 361 -48.95 -44.38 0.01
CA ALA A 361 -47.78 -44.31 -0.88
C ALA A 361 -47.87 -43.19 -1.90
N SER A 362 -49.08 -42.69 -2.13
CA SER A 362 -49.34 -41.65 -3.15
C SER A 362 -49.23 -40.23 -2.59
N THR A 363 -48.94 -40.12 -1.30
CA THR A 363 -48.85 -38.84 -0.60
C THR A 363 -47.80 -37.98 -1.27
N PRO A 364 -48.22 -36.80 -1.75
CA PRO A 364 -47.19 -35.95 -2.39
C PRO A 364 -46.06 -35.58 -1.43
N LEU A 365 -44.85 -35.56 -1.95
CA LEU A 365 -43.69 -35.22 -1.13
C LEU A 365 -43.71 -33.78 -0.63
N LYS A 366 -43.37 -33.61 0.66
CA LYS A 366 -43.17 -32.29 1.25
C LYS A 366 -41.83 -32.30 1.97
N GLN A 367 -41.21 -31.13 2.10
CA GLN A 367 -39.88 -31.07 2.66
C GLN A 367 -39.82 -31.55 4.10
N GLU A 368 -40.82 -31.17 4.89
CA GLU A 368 -40.79 -31.58 6.30
C GLU A 368 -40.72 -33.10 6.41
N TRP A 369 -41.57 -33.79 5.66
CA TRP A 369 -41.51 -35.24 5.62
C TRP A 369 -40.17 -35.78 5.14
N MET A 370 -39.65 -35.17 4.07
CA MET A 370 -38.46 -35.69 3.40
C MET A 370 -37.21 -35.65 4.29
N TRP A 371 -36.98 -34.54 4.98
CA TRP A 371 -35.73 -34.38 5.74
C TRP A 371 -35.76 -35.31 6.94
N ASN A 372 -36.96 -35.54 7.49
CA ASN A 372 -37.15 -36.54 8.56
C ASN A 372 -36.93 -37.97 8.05
N GLN A 373 -37.44 -38.29 6.85
CA GLN A 373 -37.29 -39.62 6.29
C GLN A 373 -35.85 -39.92 5.87
N LEU A 374 -35.12 -38.89 5.45
CA LEU A 374 -33.78 -39.05 4.86
C LEU A 374 -32.83 -39.89 5.71
N GLY A 375 -32.97 -39.78 7.02
CA GLY A 375 -32.18 -40.57 7.99
C GLY A 375 -32.19 -42.06 7.70
N ASN A 376 -33.31 -42.54 7.16
CA ASN A 376 -33.46 -43.97 6.83
C ASN A 376 -32.50 -44.42 5.74
N PHE A 377 -32.19 -43.51 4.81
CA PHE A 377 -31.39 -43.83 3.64
C PHE A 377 -29.90 -43.78 3.96
N LEU A 378 -29.52 -42.84 4.83
CA LEU A 378 -28.12 -42.57 5.11
C LEU A 378 -27.47 -43.75 5.82
N GLN A 379 -26.17 -43.96 5.59
CA GLN A 379 -25.42 -45.04 6.28
C GLN A 379 -24.10 -44.52 6.82
N GLU A 380 -23.50 -45.22 7.78
CA GLU A 380 -22.22 -44.76 8.34
C GLU A 380 -21.20 -44.62 7.23
N GLY A 381 -20.38 -43.58 7.33
CA GLY A 381 -19.34 -43.33 6.33
C GLY A 381 -19.75 -42.34 5.25
N ASP A 382 -21.05 -42.04 5.16
CA ASP A 382 -21.57 -41.14 4.10
C ASP A 382 -21.01 -39.74 4.25
N VAL A 383 -20.83 -39.07 3.11
CA VAL A 383 -20.59 -37.64 3.09
C VAL A 383 -21.91 -37.04 2.58
N VAL A 384 -22.46 -36.08 3.32
CA VAL A 384 -23.78 -35.51 3.01
C VAL A 384 -23.62 -34.00 2.81
N ILE A 385 -23.91 -33.55 1.59
CA ILE A 385 -23.65 -32.19 1.16
C ILE A 385 -25.00 -31.53 0.86
N ALA A 386 -25.19 -30.33 1.41
CA ALA A 386 -26.46 -29.62 1.27
C ALA A 386 -26.21 -28.21 0.78
N GLU A 387 -26.90 -27.82 -0.29
CA GLU A 387 -26.74 -26.48 -0.85
C GLU A 387 -27.49 -25.41 -0.11
N THR A 388 -26.90 -24.21 -0.09
CA THR A 388 -27.58 -22.99 0.33
C THR A 388 -28.94 -22.91 -0.38
N GLY A 389 -29.99 -22.60 0.39
CA GLY A 389 -31.37 -22.74 -0.09
C GLY A 389 -32.14 -23.58 0.90
N THR A 390 -33.31 -24.07 0.52
CA THR A 390 -34.07 -24.94 1.42
C THR A 390 -33.27 -26.15 1.91
N SER A 391 -32.40 -26.69 1.06
CA SER A 391 -31.60 -27.88 1.43
C SER A 391 -30.77 -27.65 2.68
N ALA A 392 -30.10 -26.51 2.76
CA ALA A 392 -29.21 -26.26 3.90
C ALA A 392 -30.01 -26.12 5.20
N PHE A 393 -31.24 -25.60 5.10
CA PHE A 393 -32.10 -25.55 6.27
C PHE A 393 -32.64 -26.93 6.59
N GLY A 394 -33.03 -27.67 5.55
CA GLY A 394 -33.72 -28.95 5.76
C GLY A 394 -32.80 -29.97 6.37
N ILE A 395 -31.53 -29.96 6.00
CA ILE A 395 -30.63 -31.01 6.46
C ILE A 395 -30.43 -30.94 7.97
N ASN A 396 -30.67 -29.75 8.56
CA ASN A 396 -30.55 -29.56 10.02
C ASN A 396 -31.55 -30.43 10.73
N GLN A 397 -32.58 -30.86 10.01
CA GLN A 397 -33.67 -31.67 10.58
C GLN A 397 -33.47 -33.18 10.38
N THR A 398 -32.42 -33.57 9.66
CA THR A 398 -32.16 -34.96 9.37
C THR A 398 -31.22 -35.52 10.41
N THR A 399 -31.54 -36.72 10.90
CA THR A 399 -30.63 -37.38 11.83
C THR A 399 -29.62 -38.25 11.08
N PHE A 400 -28.33 -38.03 11.35
CA PHE A 400 -27.26 -38.77 10.69
C PHE A 400 -26.93 -40.06 11.45
N PRO A 401 -26.50 -41.08 10.72
CA PRO A 401 -25.86 -42.23 11.35
C PRO A 401 -24.51 -41.76 11.92
N ASN A 402 -23.90 -42.58 12.77
CA ASN A 402 -22.54 -42.28 13.19
C ASN A 402 -21.57 -42.17 12.01
N ASN A 403 -20.49 -41.43 12.20
CA ASN A 403 -19.44 -41.26 11.19
C ASN A 403 -19.99 -40.73 9.86
N THR A 404 -20.81 -39.68 9.96
CA THR A 404 -21.30 -38.97 8.77
C THR A 404 -20.61 -37.62 8.73
N TYR A 405 -20.10 -37.28 7.55
CA TYR A 405 -19.46 -36.02 7.33
C TYR A 405 -20.43 -35.09 6.61
N GLY A 406 -20.80 -33.98 7.26
CA GLY A 406 -21.69 -32.98 6.65
C GLY A 406 -20.91 -31.85 6.02
N ILE A 407 -21.34 -31.41 4.84
CA ILE A 407 -20.83 -30.16 4.25
C ILE A 407 -22.03 -29.23 3.98
N SER A 408 -22.05 -28.07 4.63
CA SER A 408 -23.07 -27.02 4.39
C SER A 408 -22.35 -25.69 4.59
N GLN A 409 -22.25 -24.91 3.51
CA GLN A 409 -21.44 -23.70 3.49
C GLN A 409 -22.26 -22.51 4.05
N VAL A 410 -22.58 -22.62 5.34
CA VAL A 410 -23.56 -21.73 5.98
C VAL A 410 -23.05 -20.29 6.06
N LEU A 411 -21.75 -20.10 6.24
CA LEU A 411 -21.24 -18.75 6.38
C LEU A 411 -21.09 -18.04 5.02
N TRP A 412 -20.34 -18.64 4.10
CA TRP A 412 -20.13 -17.98 2.82
C TRP A 412 -21.39 -17.99 1.96
N GLY A 413 -22.09 -19.13 1.94
CA GLY A 413 -23.38 -19.27 1.29
C GLY A 413 -23.41 -18.95 -0.18
N SER A 414 -22.50 -19.56 -0.94
CA SER A 414 -22.46 -19.33 -2.35
C SER A 414 -23.21 -20.45 -3.08
N ILE A 415 -24.39 -20.13 -3.60
CA ILE A 415 -25.10 -21.15 -4.36
C ILE A 415 -24.29 -21.64 -5.56
N GLY A 416 -24.36 -22.95 -5.80
CA GLY A 416 -23.60 -23.61 -6.87
C GLY A 416 -22.38 -24.29 -6.30
N PHE A 417 -21.85 -23.78 -5.17
CA PHE A 417 -20.76 -24.44 -4.44
C PHE A 417 -20.85 -25.96 -4.44
N THR A 418 -22.04 -26.49 -4.20
CA THR A 418 -22.10 -27.94 -3.90
C THR A 418 -21.84 -28.87 -5.08
N THR A 419 -22.06 -28.41 -6.32
CA THR A 419 -21.80 -29.29 -7.46
C THR A 419 -20.29 -29.55 -7.51
N GLY A 420 -19.51 -28.48 -7.31
CA GLY A 420 -18.05 -28.67 -7.27
C GLY A 420 -17.62 -29.42 -6.03
N ALA A 421 -18.13 -29.00 -4.88
CA ALA A 421 -17.74 -29.66 -3.61
C ALA A 421 -17.98 -31.16 -3.70
N THR A 422 -19.09 -31.55 -4.35
CA THR A 422 -19.43 -32.97 -4.51
C THR A 422 -18.36 -33.72 -5.31
N LEU A 423 -17.89 -33.11 -6.39
CA LEU A 423 -16.78 -33.68 -7.15
C LEU A 423 -15.55 -33.86 -6.26
N GLY A 424 -15.12 -32.81 -5.57
CA GLY A 424 -13.92 -32.90 -4.72
C GLY A 424 -14.10 -33.92 -3.58
N ALA A 425 -15.27 -33.90 -2.97
CA ALA A 425 -15.54 -34.90 -1.91
C ALA A 425 -15.52 -36.35 -2.42
N ALA A 426 -16.05 -36.58 -3.62
CA ALA A 426 -16.08 -37.93 -4.23
C ALA A 426 -14.66 -38.41 -4.56
N PHE A 427 -13.79 -37.51 -5.06
CA PHE A 427 -12.39 -37.94 -5.28
C PHE A 427 -11.76 -38.30 -3.93
N ALA A 428 -11.88 -37.42 -2.94
CA ALA A 428 -11.28 -37.69 -1.62
C ALA A 428 -11.84 -38.97 -1.01
N ALA A 429 -13.15 -39.13 -1.08
CA ALA A 429 -13.74 -40.31 -0.44
C ALA A 429 -13.31 -41.59 -1.11
N GLU A 430 -13.17 -41.57 -2.45
CA GLU A 430 -12.62 -42.70 -3.18
C GLU A 430 -11.25 -43.09 -2.65
N GLU A 431 -10.39 -42.09 -2.48
CA GLU A 431 -9.01 -42.33 -2.03
C GLU A 431 -8.97 -42.90 -0.61
N ILE A 432 -9.96 -42.52 0.21
CA ILE A 432 -10.00 -42.91 1.61
C ILE A 432 -10.60 -44.31 1.75
N ASP A 433 -11.76 -44.52 1.12
CA ASP A 433 -12.50 -45.77 1.26
C ASP A 433 -13.56 -45.82 0.16
N PRO A 434 -13.37 -46.72 -0.81
CA PRO A 434 -14.29 -46.81 -1.96
C PRO A 434 -15.73 -47.10 -1.58
N LYS A 435 -15.95 -47.58 -0.36
CA LYS A 435 -17.32 -47.89 0.09
C LYS A 435 -18.06 -46.66 0.57
N LYS A 436 -17.34 -45.56 0.81
CA LYS A 436 -17.98 -44.32 1.26
C LYS A 436 -18.83 -43.73 0.15
N ARG A 437 -20.03 -43.32 0.51
CA ARG A 437 -20.95 -42.71 -0.46
C ARG A 437 -20.92 -41.21 -0.32
N VAL A 438 -21.15 -40.51 -1.43
CA VAL A 438 -21.28 -39.05 -1.42
C VAL A 438 -22.67 -38.71 -1.92
N ILE A 439 -23.39 -37.98 -1.07
CA ILE A 439 -24.80 -37.67 -1.26
C ILE A 439 -24.98 -36.15 -1.28
N LEU A 440 -25.55 -35.66 -2.38
CA LEU A 440 -25.77 -34.24 -2.58
C LEU A 440 -27.24 -33.93 -2.60
N PHE A 441 -27.63 -32.89 -1.85
CA PHE A 441 -28.92 -32.25 -2.01
C PHE A 441 -28.71 -30.84 -2.51
N ILE A 442 -29.08 -30.61 -3.77
CA ILE A 442 -28.90 -29.30 -4.41
C ILE A 442 -30.20 -28.81 -5.01
N GLY A 443 -30.45 -27.51 -4.90
CA GLY A 443 -31.65 -26.96 -5.51
C GLY A 443 -31.57 -26.84 -7.02
N ASP A 444 -32.71 -26.87 -7.69
CA ASP A 444 -32.77 -26.61 -9.14
C ASP A 444 -32.09 -25.30 -9.55
N GLY A 445 -32.29 -24.26 -8.77
CA GLY A 445 -31.68 -22.94 -9.02
C GLY A 445 -30.17 -23.01 -8.95
N SER A 446 -29.68 -23.52 -7.83
CA SER A 446 -28.22 -23.60 -7.59
C SER A 446 -27.49 -24.46 -8.58
N LEU A 447 -28.14 -25.54 -9.03
CA LEU A 447 -27.51 -26.47 -9.95
C LEU A 447 -27.15 -25.72 -11.22
N GLN A 448 -27.93 -24.70 -11.57
CA GLN A 448 -27.69 -24.03 -12.86
C GLN A 448 -26.33 -23.36 -12.89
N LEU A 449 -25.87 -22.88 -11.76
CA LEU A 449 -24.65 -22.07 -11.76
C LEU A 449 -23.39 -22.87 -12.03
N THR A 450 -23.43 -24.17 -11.73
CA THR A 450 -22.22 -25.00 -11.73
C THR A 450 -22.46 -26.38 -12.34
N VAL A 451 -23.51 -26.51 -13.16
CA VAL A 451 -23.99 -27.80 -13.66
C VAL A 451 -22.93 -28.61 -14.38
N GLN A 452 -22.02 -27.91 -15.08
CA GLN A 452 -21.04 -28.62 -15.91
C GLN A 452 -20.11 -29.50 -15.10
N GLU A 453 -20.00 -29.29 -13.78
CA GLU A 453 -19.03 -30.10 -13.05
C GLU A 453 -19.47 -31.57 -12.91
N ILE A 454 -20.75 -31.85 -13.20
CA ILE A 454 -21.21 -33.23 -13.38
C ILE A 454 -20.39 -33.94 -14.45
N SER A 455 -19.97 -33.19 -15.47
CA SER A 455 -19.12 -33.75 -16.53
C SER A 455 -17.86 -34.41 -15.97
N THR A 456 -17.23 -33.75 -15.01
CA THR A 456 -15.94 -34.20 -14.47
C THR A 456 -16.15 -35.42 -13.58
N MET A 457 -17.32 -35.51 -12.94
CA MET A 457 -17.66 -36.70 -12.17
C MET A 457 -17.72 -37.90 -13.11
N ILE A 458 -18.34 -37.71 -14.28
CA ILE A 458 -18.52 -38.78 -15.24
C ILE A 458 -17.15 -39.18 -15.80
N ARG A 459 -16.30 -38.19 -16.11
CA ARG A 459 -14.97 -38.45 -16.70
C ARG A 459 -14.16 -39.42 -15.82
N TRP A 460 -14.30 -39.22 -14.50
CA TRP A 460 -13.52 -40.00 -13.55
C TRP A 460 -14.28 -41.20 -12.97
N GLY A 461 -15.45 -41.51 -13.51
CA GLY A 461 -16.24 -42.65 -13.03
C GLY A 461 -16.68 -42.56 -11.57
N LEU A 462 -16.77 -41.34 -11.05
CA LEU A 462 -17.21 -41.12 -9.67
C LEU A 462 -18.71 -41.37 -9.56
N LYS A 463 -19.17 -41.77 -8.37
CA LYS A 463 -20.51 -42.36 -8.21
C LYS A 463 -21.38 -41.64 -7.16
N PRO A 464 -21.39 -40.30 -7.15
CA PRO A 464 -22.24 -39.60 -6.16
C PRO A 464 -23.72 -39.78 -6.44
N TYR A 465 -24.53 -39.53 -5.41
CA TYR A 465 -25.98 -39.51 -5.51
C TYR A 465 -26.34 -38.05 -5.60
N LEU A 466 -26.87 -37.64 -6.74
CA LEU A 466 -27.21 -36.23 -6.94
C LEU A 466 -28.72 -36.03 -6.85
N PHE A 467 -29.20 -35.59 -5.67
CA PHE A 467 -30.60 -35.26 -5.46
C PHE A 467 -30.83 -33.81 -5.82
N VAL A 468 -31.70 -33.61 -6.78
CA VAL A 468 -31.99 -32.27 -7.25
C VAL A 468 -33.40 -31.89 -6.83
N LEU A 469 -33.53 -30.83 -6.05
CA LEU A 469 -34.85 -30.41 -5.51
C LEU A 469 -35.54 -29.51 -6.54
N ASN A 470 -36.47 -30.07 -7.29
CA ASN A 470 -37.15 -29.29 -8.31
C ASN A 470 -38.40 -28.69 -7.69
N ASN A 471 -38.28 -27.43 -7.30
CA ASN A 471 -39.43 -26.66 -6.81
C ASN A 471 -39.71 -25.42 -7.70
N ASP A 472 -39.25 -25.50 -8.94
CA ASP A 472 -39.47 -24.50 -9.95
C ASP A 472 -39.02 -23.09 -9.53
N GLY A 473 -37.77 -22.96 -9.14
CA GLY A 473 -37.16 -21.66 -8.92
C GLY A 473 -36.53 -21.48 -7.57
N TYR A 474 -36.33 -20.23 -7.20
CA TYR A 474 -35.55 -19.88 -6.01
C TYR A 474 -36.46 -19.81 -4.78
N THR A 475 -36.79 -20.91 -4.16
CA THR A 475 -37.82 -20.92 -3.17
C THR A 475 -37.45 -20.14 -1.93
N ILE A 476 -36.23 -20.31 -1.47
CA ILE A 476 -35.80 -19.65 -0.24
C ILE A 476 -35.96 -18.14 -0.38
N GLN A 477 -35.69 -17.58 -1.56
CA GLN A 477 -35.91 -16.15 -1.78
C GLN A 477 -37.40 -15.81 -1.86
N LYS A 478 -38.16 -16.64 -2.57
CA LYS A 478 -39.60 -16.39 -2.74
C LYS A 478 -40.29 -16.29 -1.38
N LEU A 479 -39.83 -17.10 -0.41
CA LEU A 479 -40.40 -17.11 0.94
C LEU A 479 -40.19 -15.79 1.67
N ILE A 480 -39.15 -15.05 1.28
CA ILE A 480 -38.72 -13.81 1.96
C ILE A 480 -39.20 -12.57 1.20
N HIS A 481 -39.03 -12.59 -0.12
CA HIS A 481 -39.24 -11.40 -0.96
C HIS A 481 -39.54 -11.79 -2.40
N GLY A 482 -40.63 -11.24 -2.96
CA GLY A 482 -41.00 -11.53 -4.35
C GLY A 482 -41.40 -12.97 -4.67
N PRO A 483 -42.50 -13.46 -4.06
CA PRO A 483 -42.88 -14.84 -4.30
C PRO A 483 -43.13 -15.19 -5.78
N LYS A 484 -43.48 -14.18 -6.58
CA LYS A 484 -43.75 -14.37 -7.99
C LYS A 484 -42.89 -13.48 -8.88
N ALA A 485 -41.83 -12.92 -8.30
CA ALA A 485 -40.95 -12.00 -9.03
C ALA A 485 -40.19 -12.79 -10.07
N GLN A 486 -40.09 -12.27 -11.29
CA GLN A 486 -39.43 -12.96 -12.37
C GLN A 486 -37.99 -13.29 -12.02
N TYR A 487 -37.30 -12.44 -11.26
CA TYR A 487 -35.89 -12.74 -10.90
C TYR A 487 -35.76 -13.97 -10.01
N ASN A 488 -36.86 -14.43 -9.40
CA ASN A 488 -36.83 -15.64 -8.58
C ASN A 488 -37.23 -16.91 -9.35
N GLU A 489 -37.53 -16.75 -10.64
CA GLU A 489 -37.95 -17.85 -11.51
C GLU A 489 -36.76 -18.24 -12.37
N ILE A 490 -36.75 -19.49 -12.83
CA ILE A 490 -35.64 -19.97 -13.62
C ILE A 490 -36.18 -20.68 -14.87
N GLN A 491 -35.33 -20.71 -15.91
CA GLN A 491 -35.59 -21.53 -17.08
C GLN A 491 -35.67 -22.99 -16.66
N GLY A 492 -36.71 -23.69 -17.08
CA GLY A 492 -36.91 -25.06 -16.68
C GLY A 492 -36.09 -26.06 -17.49
N TRP A 493 -35.18 -26.76 -16.82
CA TRP A 493 -34.36 -27.76 -17.46
C TRP A 493 -34.94 -29.16 -17.36
N ASP A 494 -34.49 -30.03 -18.25
CA ASP A 494 -34.79 -31.44 -18.18
C ASP A 494 -33.64 -32.08 -17.40
N HIS A 495 -33.78 -32.14 -16.08
CA HIS A 495 -32.66 -32.52 -15.22
C HIS A 495 -32.13 -33.90 -15.52
N LEU A 496 -33.03 -34.85 -15.79
CA LEU A 496 -32.60 -36.25 -15.91
C LEU A 496 -31.83 -36.50 -17.19
N SER A 497 -31.93 -35.57 -18.14
CA SER A 497 -31.11 -35.64 -19.37
C SER A 497 -29.68 -35.14 -19.18
N LEU A 498 -29.35 -34.53 -18.03
CA LEU A 498 -28.00 -33.96 -17.85
C LEU A 498 -26.91 -35.01 -17.95
N LEU A 499 -27.08 -36.12 -17.22
CA LEU A 499 -26.05 -37.17 -17.28
C LEU A 499 -25.71 -37.67 -18.71
N PRO A 500 -26.71 -38.15 -19.49
CA PRO A 500 -26.34 -38.56 -20.86
C PRO A 500 -25.87 -37.39 -21.75
N THR A 501 -26.41 -36.20 -21.52
CA THR A 501 -25.94 -35.01 -22.26
C THR A 501 -24.45 -34.78 -22.06
N PHE A 502 -23.96 -35.09 -20.85
CA PHE A 502 -22.52 -34.97 -20.54
C PHE A 502 -21.72 -36.23 -20.82
N GLY A 503 -22.37 -37.19 -21.50
CA GLY A 503 -21.69 -38.36 -22.04
C GLY A 503 -21.58 -39.52 -21.09
N ALA A 504 -22.39 -39.52 -20.03
CA ALA A 504 -22.40 -40.67 -19.14
C ALA A 504 -22.91 -41.92 -19.89
N LYS A 505 -22.25 -43.05 -19.60
CA LYS A 505 -22.65 -44.34 -20.18
C LYS A 505 -23.22 -45.28 -19.12
N ASP A 506 -22.69 -45.19 -17.90
CA ASP A 506 -23.10 -46.05 -16.79
C ASP A 506 -23.67 -45.16 -15.69
N TYR A 507 -25.00 -45.11 -15.59
CA TYR A 507 -25.66 -44.19 -14.66
C TYR A 507 -27.11 -44.64 -14.46
N GLU A 508 -27.77 -44.06 -13.46
CA GLU A 508 -29.20 -44.22 -13.26
C GLU A 508 -29.83 -42.87 -13.07
N THR A 509 -31.03 -42.71 -13.59
CA THR A 509 -31.83 -41.52 -13.29
C THR A 509 -33.21 -41.91 -12.73
N HIS A 510 -33.73 -41.10 -11.83
CA HIS A 510 -35.01 -41.36 -11.17
C HIS A 510 -35.73 -40.08 -10.89
N ARG A 511 -37.05 -40.12 -10.94
CA ARG A 511 -37.84 -39.00 -10.46
C ARG A 511 -38.70 -39.51 -9.32
N VAL A 512 -38.81 -38.70 -8.26
CA VAL A 512 -39.69 -39.06 -7.13
C VAL A 512 -40.59 -37.88 -6.80
N ALA A 513 -41.89 -38.14 -6.64
CA ALA A 513 -42.87 -37.07 -6.39
C ALA A 513 -43.77 -37.41 -5.21
N THR A 514 -43.67 -38.64 -4.73
CA THR A 514 -44.46 -39.12 -3.60
C THR A 514 -43.62 -39.83 -2.56
N THR A 515 -44.22 -39.96 -1.38
CA THR A 515 -43.65 -40.69 -0.31
C THR A 515 -43.37 -42.15 -0.65
N GLY A 516 -44.30 -42.79 -1.35
CA GLY A 516 -44.08 -44.17 -1.77
C GLY A 516 -42.92 -44.27 -2.74
N GLU A 517 -42.84 -43.31 -3.67
CA GLU A 517 -41.73 -43.36 -4.64
C GLU A 517 -40.42 -43.13 -3.94
N TRP A 518 -40.41 -42.25 -2.95
CA TRP A 518 -39.20 -41.96 -2.19
C TRP A 518 -38.74 -43.20 -1.44
N ASP A 519 -39.66 -43.80 -0.69
CA ASP A 519 -39.33 -45.01 0.06
C ASP A 519 -38.87 -46.18 -0.81
N LYS A 520 -39.60 -46.43 -1.89
CA LYS A 520 -39.32 -47.57 -2.77
C LYS A 520 -37.92 -47.47 -3.34
N LEU A 521 -37.54 -46.25 -3.77
CA LEU A 521 -36.23 -46.03 -4.35
C LEU A 521 -35.13 -46.14 -3.30
N THR A 522 -35.26 -45.36 -2.23
CA THR A 522 -34.17 -45.18 -1.25
C THR A 522 -33.99 -46.38 -0.34
N GLN A 523 -35.02 -47.23 -0.27
CA GLN A 523 -34.90 -48.48 0.49
C GLN A 523 -34.36 -49.63 -0.35
N ASP A 524 -34.30 -49.45 -1.67
CA ASP A 524 -33.89 -50.49 -2.61
C ASP A 524 -32.41 -50.87 -2.45
N LYS A 525 -32.14 -52.17 -2.44
CA LYS A 525 -30.81 -52.63 -2.10
C LYS A 525 -29.80 -52.20 -3.17
N SER A 526 -30.16 -52.38 -4.44
CA SER A 526 -29.25 -52.01 -5.52
C SER A 526 -28.97 -50.49 -5.52
N PHE A 527 -30.02 -49.70 -5.27
CA PHE A 527 -29.86 -48.24 -5.18
C PHE A 527 -28.85 -47.81 -4.12
N ASN A 528 -28.82 -48.51 -3.00
CA ASN A 528 -27.94 -48.17 -1.88
C ASN A 528 -26.47 -48.52 -2.08
N ASP A 529 -26.19 -49.22 -3.17
CA ASP A 529 -24.82 -49.61 -3.50
C ASP A 529 -24.25 -48.45 -4.32
N ASN A 530 -23.12 -47.88 -3.92
CA ASN A 530 -22.56 -46.80 -4.70
C ASN A 530 -21.81 -47.35 -5.92
N SER A 531 -22.53 -47.99 -6.84
CA SER A 531 -21.90 -48.65 -7.99
C SER A 531 -21.84 -47.76 -9.23
N LYS A 532 -22.61 -46.67 -9.21
CA LYS A 532 -22.65 -45.79 -10.37
C LYS A 532 -23.23 -44.44 -10.00
N ILE A 533 -22.96 -43.45 -10.85
CA ILE A 533 -23.51 -42.12 -10.66
C ILE A 533 -25.02 -42.16 -10.86
N ARG A 534 -25.72 -41.46 -9.97
CA ARG A 534 -27.18 -41.39 -10.00
C ARG A 534 -27.68 -39.98 -9.83
N MET A 535 -28.73 -39.63 -10.59
CA MET A 535 -29.46 -38.40 -10.36
C MET A 535 -30.91 -38.70 -10.00
N ILE A 536 -31.38 -38.03 -8.96
CA ILE A 536 -32.75 -38.21 -8.47
C ILE A 536 -33.40 -36.85 -8.47
N GLU A 537 -34.43 -36.68 -9.32
CA GLU A 537 -35.11 -35.41 -9.39
C GLU A 537 -36.27 -35.49 -8.44
N VAL A 538 -36.28 -34.60 -7.45
CA VAL A 538 -37.24 -34.62 -6.35
C VAL A 538 -38.23 -33.50 -6.62
N MET A 539 -39.50 -33.87 -6.81
CA MET A 539 -40.54 -32.91 -7.20
C MET A 539 -41.21 -32.35 -5.96
N LEU A 540 -41.10 -31.02 -5.77
CA LEU A 540 -41.59 -30.40 -4.54
C LEU A 540 -42.39 -29.15 -4.89
N PRO A 541 -43.32 -28.77 -4.01
CA PRO A 541 -44.07 -27.56 -4.26
C PRO A 541 -43.22 -26.31 -4.25
N VAL A 542 -43.64 -25.35 -5.04
CA VAL A 542 -42.95 -24.07 -5.10
C VAL A 542 -42.74 -23.40 -3.74
N PHE A 543 -43.75 -23.40 -2.87
CA PHE A 543 -43.63 -22.68 -1.62
C PHE A 543 -43.37 -23.55 -0.40
N ASP A 544 -43.04 -24.81 -0.66
CA ASP A 544 -42.76 -25.76 0.39
C ASP A 544 -41.33 -25.59 0.90
N ALA A 545 -41.16 -25.80 2.20
CA ALA A 545 -39.87 -25.65 2.90
C ALA A 545 -39.97 -26.28 4.29
N PRO A 546 -38.83 -26.53 4.94
CA PRO A 546 -38.89 -27.06 6.30
C PRO A 546 -39.51 -26.06 7.27
N GLN A 547 -39.92 -26.53 8.45
CA GLN A 547 -40.50 -25.66 9.48
C GLN A 547 -39.51 -24.60 9.99
N ASN A 548 -38.22 -24.96 10.09
CA ASN A 548 -37.22 -24.01 10.56
C ASN A 548 -37.07 -22.77 9.65
N LEU A 549 -37.24 -22.97 8.34
CA LEU A 549 -37.17 -21.88 7.38
C LEU A 549 -38.48 -21.08 7.33
N VAL A 550 -39.62 -21.76 7.42
CA VAL A 550 -40.90 -21.07 7.51
C VAL A 550 -40.93 -20.14 8.73
N GLU A 551 -40.28 -20.58 9.82
CA GLU A 551 -40.23 -19.82 11.06
C GLU A 551 -39.44 -18.52 10.91
N GLN A 552 -38.25 -18.62 10.31
CA GLN A 552 -37.41 -17.44 10.08
C GLN A 552 -38.01 -16.51 9.02
N ALA A 553 -38.89 -17.06 8.18
CA ALA A 553 -39.64 -16.25 7.22
C ALA A 553 -40.61 -15.33 7.95
N LYS A 554 -41.18 -15.83 9.06
CA LYS A 554 -42.10 -15.06 9.90
C LYS A 554 -41.36 -14.04 10.78
N LEU A 555 -40.12 -14.38 11.15
CA LEU A 555 -39.22 -13.47 11.87
C LEU A 555 -38.80 -12.30 10.99
N THR A 556 -38.50 -12.59 9.72
CA THR A 556 -38.20 -11.57 8.72
C THR A 556 -39.49 -10.78 8.39
N ALA A 557 -40.63 -11.46 8.49
CA ALA A 557 -41.93 -10.79 8.45
C ALA A 557 -42.20 -10.09 9.79
N ALA A 558 -43.44 -10.14 10.28
CA ALA A 558 -43.84 -9.49 11.54
C ALA A 558 -43.18 -8.12 11.73
N THR A 559 -43.37 -7.25 10.74
CA THR A 559 -42.75 -5.93 10.70
C THR A 559 -43.71 -4.84 11.20
N SER B 2 -43.03 13.97 -8.73
CA SER B 2 -41.83 14.82 -8.49
C SER B 2 -40.73 14.03 -7.78
N GLU B 3 -41.05 12.86 -7.23
CA GLU B 3 -40.04 12.04 -6.53
C GLU B 3 -39.96 10.62 -7.09
N ILE B 4 -38.81 9.97 -6.86
CA ILE B 4 -38.53 8.65 -7.41
C ILE B 4 -37.55 7.94 -6.47
N THR B 5 -37.70 6.63 -6.29
CA THR B 5 -36.76 5.92 -5.42
C THR B 5 -35.38 5.91 -6.09
N LEU B 6 -34.33 5.85 -5.26
CA LEU B 6 -32.95 5.77 -5.78
C LEU B 6 -32.77 4.57 -6.71
N GLY B 7 -33.30 3.41 -6.32
CA GLY B 7 -33.28 2.23 -7.21
C GLY B 7 -33.88 2.48 -8.57
N LYS B 8 -35.08 3.06 -8.64
CA LYS B 8 -35.69 3.35 -9.94
C LYS B 8 -34.89 4.40 -10.72
N TYR B 9 -34.36 5.40 -10.01
CA TYR B 9 -33.50 6.41 -10.60
C TYR B 9 -32.36 5.76 -11.41
N LEU B 10 -31.74 4.73 -10.82
CA LEU B 10 -30.66 4.00 -11.50
C LEU B 10 -31.14 3.50 -12.85
N PHE B 11 -32.27 2.79 -12.86
CA PHE B 11 -32.78 2.21 -14.11
C PHE B 11 -33.26 3.26 -15.12
N GLU B 12 -33.84 4.36 -14.63
CA GLU B 12 -34.20 5.44 -15.56
C GLU B 12 -32.97 6.01 -16.23
N ARG B 13 -31.88 6.17 -15.47
CA ARG B 13 -30.63 6.66 -16.04
C ARG B 13 -30.08 5.66 -17.07
N LEU B 14 -30.14 4.38 -16.74
CA LEU B 14 -29.65 3.35 -17.67
C LEU B 14 -30.41 3.42 -19.00
N LYS B 15 -31.72 3.57 -18.92
CA LYS B 15 -32.57 3.73 -20.10
C LYS B 15 -32.13 4.91 -20.96
N GLN B 16 -31.77 6.01 -20.30
CA GLN B 16 -31.28 7.21 -21.02
C GLN B 16 -29.96 7.00 -21.73
N VAL B 17 -29.21 5.97 -21.31
CA VAL B 17 -27.96 5.65 -21.98
C VAL B 17 -28.08 4.37 -22.82
N ASN B 18 -29.31 4.07 -23.25
CA ASN B 18 -29.61 3.01 -24.24
C ASN B 18 -29.39 1.59 -23.67
N VAL B 19 -29.42 1.45 -22.34
CA VAL B 19 -29.32 0.11 -21.72
C VAL B 19 -30.73 -0.32 -21.40
N ASN B 20 -31.16 -1.42 -22.02
CA ASN B 20 -32.52 -1.92 -21.80
C ASN B 20 -32.60 -3.30 -21.17
N THR B 21 -31.45 -3.99 -21.10
CA THR B 21 -31.40 -5.30 -20.48
C THR B 21 -30.34 -5.19 -19.38
N VAL B 22 -30.66 -5.77 -18.22
CA VAL B 22 -29.76 -5.74 -17.06
C VAL B 22 -29.36 -7.18 -16.71
N PHE B 23 -28.06 -7.40 -16.54
CA PHE B 23 -27.52 -8.74 -16.29
C PHE B 23 -27.25 -8.93 -14.83
N GLY B 24 -27.05 -10.20 -14.43
CA GLY B 24 -26.68 -10.53 -13.06
C GLY B 24 -27.59 -11.59 -12.47
N LEU B 25 -27.45 -11.78 -11.15
CA LEU B 25 -28.30 -12.70 -10.40
C LEU B 25 -28.74 -12.05 -9.11
N PRO B 26 -29.96 -12.41 -8.63
CA PRO B 26 -30.46 -11.85 -7.39
C PRO B 26 -29.73 -12.44 -6.22
N GLY B 27 -29.71 -11.70 -5.12
CA GLY B 27 -29.28 -12.26 -3.85
C GLY B 27 -29.67 -11.35 -2.69
N ASP B 28 -29.13 -11.69 -1.52
CA ASP B 28 -29.54 -11.11 -0.22
C ASP B 28 -29.58 -9.59 -0.17
N PHE B 29 -28.78 -8.93 -0.98
CA PHE B 29 -28.65 -7.48 -0.83
C PHE B 29 -29.02 -6.71 -2.08
N ASN B 30 -29.74 -7.36 -3.00
CA ASN B 30 -30.18 -6.62 -4.17
C ASN B 30 -31.63 -6.78 -4.61
N LEU B 31 -32.46 -7.46 -3.81
CA LEU B 31 -33.80 -7.80 -4.27
C LEU B 31 -34.70 -6.57 -4.43
N SER B 32 -34.64 -5.63 -3.48
CA SER B 32 -35.45 -4.43 -3.60
C SER B 32 -35.00 -3.60 -4.80
N LEU B 33 -33.68 -3.58 -5.05
CA LEU B 33 -33.20 -2.94 -6.26
C LEU B 33 -33.78 -3.56 -7.52
N LEU B 34 -33.73 -4.88 -7.63
CA LEU B 34 -34.27 -5.58 -8.80
C LEU B 34 -35.77 -5.35 -9.02
N ASP B 35 -36.51 -5.19 -7.92
CA ASP B 35 -37.94 -4.87 -8.04
C ASP B 35 -38.20 -3.68 -8.95
N LYS B 36 -37.27 -2.72 -8.93
CA LYS B 36 -37.45 -1.46 -9.65
C LYS B 36 -37.35 -1.62 -11.17
N ILE B 37 -36.70 -2.68 -11.64
CA ILE B 37 -36.62 -2.90 -13.08
C ILE B 37 -38.02 -3.01 -13.68
N TYR B 38 -38.93 -3.62 -12.93
CA TYR B 38 -40.26 -3.93 -13.43
C TYR B 38 -41.13 -2.68 -13.48
N GLU B 39 -40.62 -1.61 -12.86
CA GLU B 39 -41.34 -0.32 -12.79
C GLU B 39 -40.92 0.64 -13.89
N VAL B 40 -39.92 0.25 -14.68
CA VAL B 40 -39.40 1.10 -15.74
C VAL B 40 -39.73 0.43 -17.06
N GLU B 41 -40.59 1.08 -17.83
CA GLU B 41 -41.03 0.52 -19.10
C GLU B 41 -39.83 0.34 -20.01
N GLY B 42 -39.76 -0.82 -20.64
CA GLY B 42 -38.69 -1.08 -21.60
C GLY B 42 -37.39 -1.56 -20.97
N MET B 43 -37.40 -1.84 -19.67
CA MET B 43 -36.23 -2.44 -18.97
C MET B 43 -36.55 -3.88 -18.65
N ARG B 44 -35.58 -4.79 -18.83
CA ARG B 44 -35.79 -6.21 -18.50
C ARG B 44 -34.58 -6.77 -17.77
N TRP B 45 -34.80 -7.86 -17.06
CA TRP B 45 -33.77 -8.52 -16.26
C TRP B 45 -33.49 -9.83 -16.97
N ALA B 46 -32.24 -10.05 -17.37
CA ALA B 46 -31.91 -11.25 -18.15
C ALA B 46 -32.24 -12.56 -17.42
N GLY B 47 -31.91 -12.59 -16.13
CA GLY B 47 -32.01 -13.81 -15.34
C GLY B 47 -30.87 -14.76 -15.74
N ASN B 48 -29.63 -14.35 -15.49
CA ASN B 48 -28.51 -15.19 -15.94
C ASN B 48 -28.35 -16.48 -15.14
N ALA B 49 -27.64 -17.44 -15.72
CA ALA B 49 -27.49 -18.74 -15.06
C ALA B 49 -26.25 -18.80 -14.13
N ASN B 50 -25.32 -17.85 -14.26
CA ASN B 50 -24.32 -17.55 -13.22
C ASN B 50 -23.70 -16.17 -13.41
N GLU B 51 -23.00 -15.70 -12.38
CA GLU B 51 -22.51 -14.31 -12.40
C GLU B 51 -21.37 -14.15 -13.39
N LEU B 52 -20.52 -15.16 -13.55
CA LEU B 52 -19.43 -14.99 -14.52
C LEU B 52 -20.01 -14.81 -15.90
N ASN B 53 -20.95 -15.68 -16.26
CA ASN B 53 -21.61 -15.61 -17.55
C ASN B 53 -22.34 -14.29 -17.72
N ALA B 54 -22.95 -13.82 -16.64
CA ALA B 54 -23.63 -12.51 -16.68
C ALA B 54 -22.67 -11.38 -17.04
N ALA B 55 -21.46 -11.44 -16.49
CA ALA B 55 -20.43 -10.43 -16.78
C ALA B 55 -19.99 -10.54 -18.25
N TYR B 56 -19.76 -11.76 -18.71
CA TYR B 56 -19.45 -11.98 -20.13
C TYR B 56 -20.58 -11.40 -21.00
N ALA B 57 -21.82 -11.62 -20.55
CA ALA B 57 -22.98 -11.17 -21.31
C ALA B 57 -23.05 -9.64 -21.31
N ALA B 58 -22.82 -9.02 -20.16
CA ALA B 58 -22.80 -7.54 -20.09
C ALA B 58 -21.72 -6.96 -21.03
N ASP B 59 -20.60 -7.66 -21.15
CA ASP B 59 -19.51 -7.25 -22.06
C ASP B 59 -20.03 -7.31 -23.51
N GLY B 60 -20.59 -8.45 -23.92
CA GLY B 60 -21.14 -8.59 -25.30
C GLY B 60 -22.18 -7.50 -25.56
N TYR B 61 -23.08 -7.29 -24.60
CA TYR B 61 -24.11 -6.27 -24.76
C TYR B 61 -23.50 -4.88 -24.95
N ALA B 62 -22.52 -4.54 -24.12
CA ALA B 62 -21.87 -3.22 -24.20
C ALA B 62 -21.21 -3.03 -25.55
N ARG B 63 -20.58 -4.08 -26.10
CA ARG B 63 -19.88 -3.95 -27.38
C ARG B 63 -20.86 -3.52 -28.47
N ILE B 64 -22.07 -4.06 -28.41
CA ILE B 64 -23.06 -3.83 -29.48
C ILE B 64 -23.91 -2.58 -29.22
N LYS B 65 -24.28 -2.36 -27.97
CA LYS B 65 -25.23 -1.29 -27.59
C LYS B 65 -24.54 0.00 -27.14
N GLY B 66 -23.30 -0.08 -26.67
CA GLY B 66 -22.54 1.09 -26.21
C GLY B 66 -22.06 1.01 -24.77
N MET B 67 -22.93 0.55 -23.87
CA MET B 67 -22.52 0.22 -22.49
C MET B 67 -23.50 -0.78 -21.91
N SER B 68 -23.20 -1.27 -20.71
CA SER B 68 -24.05 -2.29 -20.11
C SER B 68 -24.04 -2.15 -18.60
N CYS B 69 -24.90 -2.93 -17.97
CA CYS B 69 -24.91 -3.02 -16.52
C CYS B 69 -25.15 -4.45 -16.10
N ILE B 70 -24.33 -4.91 -15.17
CA ILE B 70 -24.54 -6.14 -14.43
C ILE B 70 -24.72 -5.82 -12.94
N ILE B 71 -25.69 -6.47 -12.32
CA ILE B 71 -25.96 -6.32 -10.88
C ILE B 71 -25.72 -7.66 -10.21
N THR B 72 -24.92 -7.60 -9.14
CA THR B 72 -24.67 -8.78 -8.34
C THR B 72 -24.93 -8.48 -6.87
N THR B 73 -24.74 -9.51 -6.04
CA THR B 73 -24.88 -9.33 -4.61
C THR B 73 -23.51 -9.44 -3.92
N PHE B 74 -23.39 -8.74 -2.79
CA PHE B 74 -22.23 -8.67 -1.91
C PHE B 74 -21.51 -10.00 -1.74
N GLY B 75 -20.21 -9.99 -2.01
CA GLY B 75 -19.34 -11.14 -1.80
C GLY B 75 -19.48 -12.23 -2.84
N VAL B 76 -20.43 -13.13 -2.62
CA VAL B 76 -20.61 -14.30 -3.48
C VAL B 76 -20.95 -13.96 -4.95
N GLY B 77 -21.71 -12.89 -5.18
CA GLY B 77 -22.09 -12.56 -6.55
C GLY B 77 -20.95 -11.79 -7.22
N GLU B 78 -20.50 -10.72 -6.56
CA GLU B 78 -19.49 -9.88 -7.18
C GLU B 78 -18.19 -10.62 -7.45
N LEU B 79 -17.76 -11.47 -6.52
CA LEU B 79 -16.48 -12.17 -6.78
C LEU B 79 -16.59 -13.17 -7.92
N SER B 80 -17.78 -13.73 -8.13
CA SER B 80 -17.95 -14.68 -9.24
C SER B 80 -17.81 -13.96 -10.61
N ALA B 81 -18.08 -12.67 -10.61
CA ALA B 81 -18.03 -11.87 -11.86
C ALA B 81 -16.66 -11.35 -12.26
N LEU B 82 -15.67 -11.40 -11.36
CA LEU B 82 -14.45 -10.63 -11.55
C LEU B 82 -13.71 -10.96 -12.84
N ASN B 83 -13.66 -12.24 -13.27
CA ASN B 83 -12.96 -12.52 -14.53
C ASN B 83 -13.63 -11.86 -15.74
N GLY B 84 -14.95 -11.73 -15.67
CA GLY B 84 -15.68 -11.02 -16.75
C GLY B 84 -15.34 -9.54 -16.72
N ILE B 85 -15.42 -8.94 -15.53
CA ILE B 85 -15.04 -7.53 -15.37
C ILE B 85 -13.61 -7.22 -15.84
N ALA B 86 -12.67 -8.08 -15.43
CA ALA B 86 -11.26 -7.89 -15.82
C ALA B 86 -11.09 -7.90 -17.35
N GLY B 87 -11.83 -8.78 -18.01
CA GLY B 87 -11.71 -8.86 -19.47
C GLY B 87 -12.28 -7.61 -20.11
N SER B 88 -13.32 -7.05 -19.48
CA SER B 88 -13.89 -5.81 -19.99
C SER B 88 -12.90 -4.67 -19.72
N TYR B 89 -12.18 -4.71 -18.60
CA TYR B 89 -11.16 -3.68 -18.37
C TYR B 89 -10.06 -3.78 -19.42
N ALA B 90 -9.56 -5.00 -19.64
CA ALA B 90 -8.42 -5.19 -20.55
C ALA B 90 -8.76 -4.79 -21.96
N GLU B 91 -10.01 -5.06 -22.35
CA GLU B 91 -10.43 -4.85 -23.74
C GLU B 91 -11.17 -3.54 -23.96
N HIS B 92 -11.26 -2.70 -22.92
CA HIS B 92 -11.90 -1.38 -23.04
C HIS B 92 -13.38 -1.52 -23.41
N VAL B 93 -14.14 -2.20 -22.53
CA VAL B 93 -15.58 -2.34 -22.68
C VAL B 93 -16.29 -1.74 -21.46
N GLY B 94 -17.22 -0.82 -21.73
CA GLY B 94 -17.90 -0.07 -20.67
C GLY B 94 -19.00 -0.86 -20.00
N VAL B 95 -18.63 -1.56 -18.91
CA VAL B 95 -19.61 -2.30 -18.13
C VAL B 95 -19.73 -1.70 -16.72
N LEU B 96 -20.96 -1.30 -16.36
CA LEU B 96 -21.25 -0.83 -15.00
C LEU B 96 -21.58 -2.03 -14.12
N HIS B 97 -20.75 -2.27 -13.12
CA HIS B 97 -20.96 -3.35 -12.15
C HIS B 97 -21.56 -2.78 -10.88
N VAL B 98 -22.87 -3.00 -10.71
CA VAL B 98 -23.58 -2.55 -9.50
C VAL B 98 -23.66 -3.72 -8.53
N VAL B 99 -23.22 -3.49 -7.29
CA VAL B 99 -23.26 -4.54 -6.27
C VAL B 99 -24.18 -4.11 -5.14
N GLY B 100 -25.21 -4.92 -4.87
CA GLY B 100 -26.06 -4.67 -3.72
C GLY B 100 -25.31 -5.08 -2.45
N VAL B 101 -25.19 -4.17 -1.48
CA VAL B 101 -24.41 -4.41 -0.27
C VAL B 101 -25.26 -4.22 0.99
N PRO B 102 -24.80 -4.76 2.13
CA PRO B 102 -25.59 -4.54 3.35
C PRO B 102 -25.69 -3.07 3.76
N SER B 103 -26.74 -2.77 4.52
CA SER B 103 -26.99 -1.43 5.06
C SER B 103 -25.78 -0.86 5.79
N ILE B 104 -25.70 0.47 5.79
CA ILE B 104 -24.55 1.20 6.31
C ILE B 104 -24.28 0.93 7.79
N SER B 105 -25.34 0.70 8.56
CA SER B 105 -25.21 0.43 9.99
C SER B 105 -24.73 -1.00 10.24
N SER B 106 -25.30 -1.95 9.52
CA SER B 106 -24.83 -3.35 9.52
C SER B 106 -23.31 -3.45 9.34
N GLN B 107 -22.78 -2.66 8.41
CA GLN B 107 -21.33 -2.58 8.17
C GLN B 107 -20.58 -1.95 9.34
N ALA B 108 -21.17 -0.89 9.92
CA ALA B 108 -20.58 -0.18 11.05
C ALA B 108 -20.51 -1.09 12.29
N LYS B 109 -21.57 -1.86 12.51
CA LYS B 109 -21.61 -2.86 13.58
C LYS B 109 -20.62 -4.00 13.33
N GLN B 110 -20.04 -4.06 12.12
CA GLN B 110 -19.18 -5.17 11.69
C GLN B 110 -19.74 -6.51 12.13
N LEU B 111 -20.96 -6.80 11.73
CA LEU B 111 -21.61 -8.09 12.04
C LEU B 111 -20.99 -9.24 11.25
N LEU B 112 -21.08 -10.44 11.82
CA LEU B 112 -20.60 -11.65 11.15
C LEU B 112 -21.70 -12.15 10.22
N LEU B 113 -22.00 -11.34 9.21
CA LEU B 113 -23.03 -11.64 8.24
C LEU B 113 -22.53 -12.73 7.31
N HIS B 114 -23.49 -13.36 6.62
CA HIS B 114 -23.17 -14.29 5.55
C HIS B 114 -22.55 -13.53 4.39
N HIS B 115 -21.75 -14.26 3.60
CA HIS B 115 -21.10 -13.71 2.42
C HIS B 115 -20.00 -12.74 2.78
N THR B 116 -19.48 -12.84 4.00
CA THR B 116 -18.30 -12.06 4.42
C THR B 116 -17.17 -13.03 4.74
N LEU B 117 -15.96 -12.50 4.87
CA LEU B 117 -14.83 -13.34 5.26
C LEU B 117 -14.80 -13.66 6.75
N GLY B 118 -15.85 -13.26 7.48
CA GLY B 118 -15.97 -13.54 8.92
C GLY B 118 -15.10 -12.67 9.81
N ASN B 119 -14.47 -11.65 9.22
CA ASN B 119 -13.58 -10.72 9.95
C ASN B 119 -14.14 -9.30 10.16
N GLY B 120 -15.37 -9.07 9.72
CA GLY B 120 -16.03 -7.78 9.87
C GLY B 120 -15.63 -6.72 8.84
N ASP B 121 -14.78 -7.09 7.87
CA ASP B 121 -14.32 -6.13 6.88
C ASP B 121 -15.24 -6.07 5.66
N PHE B 122 -16.03 -5.00 5.55
CA PHE B 122 -16.97 -4.85 4.43
C PHE B 122 -16.37 -4.14 3.23
N THR B 123 -15.09 -3.83 3.28
CA THR B 123 -14.48 -3.08 2.19
C THR B 123 -13.69 -3.96 1.23
N VAL B 124 -13.48 -5.22 1.60
CA VAL B 124 -12.48 -6.06 0.93
C VAL B 124 -12.80 -6.31 -0.54
N PHE B 125 -14.05 -6.61 -0.83
CA PHE B 125 -14.43 -6.95 -2.19
C PHE B 125 -14.37 -5.72 -3.07
N HIS B 126 -14.79 -4.59 -2.51
CA HIS B 126 -14.68 -3.32 -3.21
C HIS B 126 -13.21 -3.05 -3.55
N ARG B 127 -12.32 -3.28 -2.59
CA ARG B 127 -10.89 -3.06 -2.84
C ARG B 127 -10.37 -4.00 -3.92
N MET B 128 -10.85 -5.23 -3.91
CA MET B 128 -10.44 -6.17 -4.98
C MET B 128 -10.85 -5.63 -6.36
N SER B 129 -12.11 -5.20 -6.49
CA SER B 129 -12.62 -4.70 -7.77
C SER B 129 -11.97 -3.38 -8.20
N ALA B 130 -11.46 -2.58 -7.24
CA ALA B 130 -10.87 -1.31 -7.64
C ALA B 130 -9.68 -1.55 -8.58
N ASN B 131 -9.06 -2.72 -8.48
CA ASN B 131 -7.90 -3.07 -9.31
C ASN B 131 -8.23 -3.25 -10.80
N ILE B 132 -9.50 -3.52 -11.08
CA ILE B 132 -9.95 -3.78 -12.47
C ILE B 132 -11.09 -2.86 -12.89
N SER B 133 -11.13 -1.68 -12.30
CA SER B 133 -12.15 -0.69 -12.60
C SER B 133 -11.49 0.64 -12.92
N GLU B 134 -12.14 1.41 -13.79
CA GLU B 134 -11.70 2.78 -14.05
C GLU B 134 -11.86 3.66 -12.80
N THR B 135 -13.02 3.53 -12.16
CA THR B 135 -13.28 4.19 -10.91
C THR B 135 -14.27 3.35 -10.11
N THR B 136 -14.46 3.70 -8.84
CA THR B 136 -15.45 3.01 -8.00
C THR B 136 -16.23 4.01 -7.20
N ALA B 137 -17.38 3.56 -6.70
CA ALA B 137 -18.15 4.31 -5.71
C ALA B 137 -18.76 3.34 -4.74
N MET B 138 -18.73 3.68 -3.47
CA MET B 138 -19.56 2.99 -2.49
C MET B 138 -20.47 4.04 -1.90
N ILE B 139 -21.74 4.00 -2.29
CA ILE B 139 -22.72 5.01 -1.84
C ILE B 139 -22.93 4.91 -0.34
N THR B 140 -22.90 6.06 0.33
CA THR B 140 -23.06 6.14 1.78
C THR B 140 -24.15 7.15 2.18
N ASP B 141 -24.50 8.04 1.25
CA ASP B 141 -25.28 9.24 1.56
C ASP B 141 -26.30 9.48 0.46
N ILE B 142 -27.58 9.46 0.82
CA ILE B 142 -28.66 9.68 -0.14
C ILE B 142 -28.55 11.05 -0.83
N ALA B 143 -28.02 12.04 -0.10
CA ALA B 143 -27.84 13.39 -0.62
C ALA B 143 -26.96 13.50 -1.86
N THR B 144 -25.93 12.66 -1.94
CA THR B 144 -25.00 12.67 -3.06
C THR B 144 -25.18 11.45 -3.97
N ALA B 145 -26.07 10.55 -3.59
CA ALA B 145 -26.25 9.31 -4.35
C ALA B 145 -26.54 9.51 -5.85
N PRO B 146 -27.53 10.37 -6.22
CA PRO B 146 -27.79 10.52 -7.65
C PRO B 146 -26.60 11.02 -8.45
N ALA B 147 -25.84 11.96 -7.90
CA ALA B 147 -24.67 12.48 -8.58
C ALA B 147 -23.64 11.39 -8.76
N GLU B 148 -23.50 10.54 -7.75
CA GLU B 148 -22.52 9.45 -7.84
C GLU B 148 -22.91 8.37 -8.87
N ILE B 149 -24.19 7.99 -8.91
CA ILE B 149 -24.67 7.11 -9.98
C ILE B 149 -24.37 7.73 -11.36
N ASP B 150 -24.70 9.01 -11.50
CA ASP B 150 -24.43 9.74 -12.73
C ASP B 150 -22.95 9.70 -13.10
N ARG B 151 -22.09 9.93 -12.10
CA ARG B 151 -20.63 9.92 -12.33
C ARG B 151 -20.17 8.56 -12.81
N CYS B 152 -20.67 7.52 -12.16
CA CYS B 152 -20.30 6.14 -12.55
C CYS B 152 -20.76 5.80 -13.98
N ILE B 153 -22.00 6.18 -14.34
CA ILE B 153 -22.50 5.91 -15.67
C ILE B 153 -21.70 6.72 -16.70
N ARG B 154 -21.45 8.01 -16.42
CA ARG B 154 -20.66 8.82 -17.35
C ARG B 154 -19.31 8.17 -17.59
N THR B 155 -18.63 7.81 -16.51
CA THR B 155 -17.29 7.28 -16.63
C THR B 155 -17.27 5.96 -17.39
N THR B 156 -18.25 5.10 -17.12
CA THR B 156 -18.35 3.82 -17.85
C THR B 156 -18.43 4.08 -19.35
N TYR B 157 -19.33 4.99 -19.72
CA TYR B 157 -19.58 5.21 -21.13
C TYR B 157 -18.42 5.91 -21.81
N VAL B 158 -17.89 6.96 -21.18
CA VAL B 158 -16.87 7.74 -21.88
C VAL B 158 -15.52 7.08 -21.90
N THR B 159 -15.18 6.34 -20.83
CA THR B 159 -13.85 5.72 -20.80
C THR B 159 -13.88 4.31 -21.40
N GLN B 160 -15.08 3.75 -21.51
CA GLN B 160 -15.27 2.36 -21.96
C GLN B 160 -14.42 1.42 -21.13
N ARG B 161 -14.55 1.53 -19.82
CA ARG B 161 -13.95 0.57 -18.89
C ARG B 161 -14.97 0.35 -17.79
N PRO B 162 -14.89 -0.79 -17.12
CA PRO B 162 -15.79 -1.08 -16.01
C PRO B 162 -15.70 -0.11 -14.85
N VAL B 163 -16.84 0.07 -14.20
CA VAL B 163 -16.93 0.91 -13.02
C VAL B 163 -17.69 0.10 -11.97
N TYR B 164 -17.26 0.25 -10.72
CA TYR B 164 -17.87 -0.48 -9.63
C TYR B 164 -18.75 0.47 -8.83
N LEU B 165 -20.00 0.07 -8.62
CA LEU B 165 -20.92 0.90 -7.84
C LEU B 165 -21.59 0.07 -6.76
N GLY B 166 -21.22 0.34 -5.51
CA GLY B 166 -21.78 -0.37 -4.36
C GLY B 166 -22.97 0.38 -3.86
N LEU B 167 -24.11 -0.30 -3.78
CA LEU B 167 -25.37 0.31 -3.37
C LEU B 167 -25.96 -0.40 -2.14
N PRO B 168 -25.86 0.24 -0.95
CA PRO B 168 -26.51 -0.34 0.25
C PRO B 168 -28.02 -0.48 0.08
N ALA B 169 -28.52 -1.62 0.53
CA ALA B 169 -29.90 -2.01 0.32
C ALA B 169 -30.84 -1.01 0.97
N ASN B 170 -30.37 -0.39 2.05
CA ASN B 170 -31.23 0.55 2.81
C ASN B 170 -31.50 1.87 2.07
N LEU B 171 -30.72 2.13 1.03
CA LEU B 171 -30.80 3.39 0.28
C LEU B 171 -31.63 3.30 -0.99
N VAL B 172 -31.88 2.09 -1.49
CA VAL B 172 -32.56 1.94 -2.79
C VAL B 172 -34.04 2.38 -2.79
N ASP B 173 -34.67 2.37 -1.62
CA ASP B 173 -36.09 2.72 -1.55
C ASP B 173 -36.34 4.15 -1.07
N LEU B 174 -35.25 4.86 -0.77
CA LEU B 174 -35.33 6.29 -0.46
C LEU B 174 -35.66 7.10 -1.71
N ASN B 175 -36.60 8.02 -1.57
CA ASN B 175 -36.97 8.87 -2.69
C ASN B 175 -35.99 10.01 -2.87
N VAL B 176 -35.73 10.34 -4.13
CA VAL B 176 -34.96 11.53 -4.52
C VAL B 176 -35.82 12.32 -5.52
N PRO B 177 -35.49 13.61 -5.78
CA PRO B 177 -36.28 14.37 -6.76
C PRO B 177 -36.18 13.84 -8.20
N ALA B 178 -37.32 13.55 -8.82
CA ALA B 178 -37.32 13.04 -10.19
C ALA B 178 -36.85 14.08 -11.19
N LYS B 179 -36.95 15.37 -10.83
CA LYS B 179 -36.54 16.45 -11.75
C LYS B 179 -35.07 16.28 -12.19
N LEU B 180 -34.28 15.61 -11.37
CA LEU B 180 -32.87 15.35 -11.65
C LEU B 180 -32.68 14.61 -12.98
N LEU B 181 -33.60 13.71 -13.26
CA LEU B 181 -33.60 12.90 -14.47
C LEU B 181 -33.86 13.70 -15.75
N GLN B 182 -34.34 14.94 -15.60
CA GLN B 182 -34.60 15.81 -16.75
C GLN B 182 -33.35 16.51 -17.28
N THR B 183 -32.26 16.44 -16.53
CA THR B 183 -30.96 16.89 -16.99
C THR B 183 -30.16 15.64 -17.38
N PRO B 184 -29.84 15.50 -18.68
CA PRO B 184 -29.12 14.30 -19.14
C PRO B 184 -27.73 14.22 -18.57
N ILE B 185 -27.22 13.00 -18.46
CA ILE B 185 -25.82 12.85 -18.15
C ILE B 185 -25.07 13.30 -19.39
N ASP B 186 -24.07 14.14 -19.18
CA ASP B 186 -23.32 14.73 -20.26
C ASP B 186 -22.16 13.82 -20.66
N MET B 187 -22.27 13.21 -21.82
CA MET B 187 -21.25 12.29 -22.32
C MET B 187 -20.15 12.95 -23.17
N SER B 188 -20.19 14.26 -23.32
CA SER B 188 -19.20 14.90 -24.18
C SER B 188 -17.79 14.83 -23.59
N LEU B 189 -16.80 14.71 -24.46
CA LEU B 189 -15.41 14.65 -24.02
C LEU B 189 -14.93 16.05 -23.73
N LYS B 190 -14.03 16.16 -22.76
CA LYS B 190 -13.28 17.38 -22.50
C LYS B 190 -12.46 17.71 -23.76
N PRO B 191 -12.58 18.93 -24.29
CA PRO B 191 -11.86 19.31 -25.51
C PRO B 191 -10.36 19.20 -25.30
N ASN B 192 -9.63 19.01 -26.38
CA ASN B 192 -8.18 18.86 -26.29
C ASN B 192 -7.49 20.17 -25.94
N ASP B 193 -6.26 20.07 -25.46
CA ASP B 193 -5.38 21.24 -25.41
C ASP B 193 -5.29 21.77 -26.84
N ALA B 194 -5.62 23.05 -27.03
CA ALA B 194 -5.73 23.62 -28.36
C ALA B 194 -4.43 23.61 -29.15
N GLU B 195 -3.33 23.98 -28.49
CA GLU B 195 -2.03 24.10 -29.16
C GLU B 195 -1.49 22.72 -29.57
N SER B 196 -1.65 21.75 -28.68
CA SER B 196 -1.18 20.38 -28.92
C SER B 196 -1.95 19.77 -30.06
N GLU B 197 -3.27 19.90 -30.02
CA GLU B 197 -4.11 19.38 -31.11
C GLU B 197 -3.77 20.01 -32.44
N LYS B 198 -3.52 21.31 -32.44
CA LYS B 198 -3.19 22.01 -33.67
C LYS B 198 -1.88 21.48 -34.26
N GLU B 199 -0.88 21.32 -33.40
CA GLU B 199 0.39 20.76 -33.84
C GLU B 199 0.21 19.34 -34.40
N VAL B 200 -0.54 18.50 -33.69
CA VAL B 200 -0.79 17.14 -34.17
C VAL B 200 -1.44 17.14 -35.57
N ILE B 201 -2.50 17.93 -35.74
CA ILE B 201 -3.22 17.97 -37.02
C ILE B 201 -2.34 18.48 -38.16
N ASP B 202 -1.64 19.58 -37.90
CA ASP B 202 -0.71 20.16 -38.87
C ASP B 202 0.35 19.17 -39.32
N THR B 203 0.97 18.46 -38.37
CA THR B 203 2.02 17.52 -38.79
C THR B 203 1.45 16.29 -39.51
N ILE B 204 0.27 15.82 -39.12
CA ILE B 204 -0.35 14.72 -39.88
C ILE B 204 -0.68 15.15 -41.31
N LEU B 205 -1.22 16.36 -41.48
CA LEU B 205 -1.55 16.82 -42.81
C LEU B 205 -0.30 16.93 -43.67
N ALA B 206 0.80 17.39 -43.08
CA ALA B 206 2.08 17.50 -43.79
C ALA B 206 2.65 16.15 -44.19
N LEU B 207 2.59 15.16 -43.31
CA LEU B 207 2.98 13.79 -43.67
C LEU B 207 2.12 13.22 -44.79
N VAL B 208 0.81 13.45 -44.73
CA VAL B 208 -0.10 12.98 -45.78
C VAL B 208 0.28 13.59 -47.14
N LYS B 209 0.59 14.89 -47.14
CA LYS B 209 0.95 15.57 -48.38
C LYS B 209 2.20 14.98 -49.04
N ASP B 210 3.13 14.49 -48.21
CA ASP B 210 4.41 13.94 -48.67
C ASP B 210 4.35 12.48 -49.12
N ALA B 211 3.41 11.72 -48.55
CA ALA B 211 3.34 10.28 -48.75
C ALA B 211 2.94 9.87 -50.16
N LYS B 212 3.57 8.83 -50.69
CA LYS B 212 3.21 8.28 -52.01
C LYS B 212 2.47 6.95 -51.87
N ASN B 213 2.63 6.29 -50.73
CA ASN B 213 2.02 4.99 -50.50
C ASN B 213 1.58 4.87 -49.04
N PRO B 214 0.60 5.69 -48.61
CA PRO B 214 0.11 5.61 -47.24
C PRO B 214 -0.84 4.46 -47.11
N VAL B 215 -0.93 3.90 -45.91
CA VAL B 215 -1.99 2.92 -45.61
C VAL B 215 -2.65 3.25 -44.28
N ILE B 216 -3.88 2.75 -44.12
CA ILE B 216 -4.66 2.91 -42.89
C ILE B 216 -4.72 1.53 -42.25
N LEU B 217 -4.48 1.44 -40.94
CA LEU B 217 -4.61 0.16 -40.23
C LEU B 217 -5.51 0.36 -39.03
N ALA B 218 -6.69 -0.27 -39.03
CA ALA B 218 -7.66 -0.14 -37.95
C ALA B 218 -7.49 -1.29 -36.95
N ASP B 219 -7.44 -0.92 -35.68
CA ASP B 219 -7.18 -1.90 -34.59
C ASP B 219 -8.26 -1.77 -33.51
N ALA B 220 -8.06 -2.45 -32.38
CA ALA B 220 -9.10 -2.58 -31.37
C ALA B 220 -9.77 -1.29 -30.98
N CYS B 221 -9.00 -0.24 -30.72
CA CYS B 221 -9.56 0.97 -30.13
C CYS B 221 -10.31 1.80 -31.14
N CYS B 222 -10.12 1.48 -32.42
CA CYS B 222 -10.98 2.04 -33.46
C CYS B 222 -12.44 1.75 -33.15
N SER B 223 -12.70 0.52 -32.70
CA SER B 223 -14.01 0.03 -32.37
C SER B 223 -14.37 0.41 -30.91
N ARG B 224 -13.46 0.13 -30.00
CA ARG B 224 -13.76 0.23 -28.58
C ARG B 224 -13.93 1.68 -28.16
N HIS B 225 -13.21 2.59 -28.81
CA HIS B 225 -13.36 4.01 -28.50
C HIS B 225 -14.00 4.73 -29.68
N ASP B 226 -15.05 4.05 -30.15
CA ASP B 226 -15.76 4.27 -31.42
C ASP B 226 -15.42 5.52 -32.21
N VAL B 227 -14.51 5.28 -33.15
CA VAL B 227 -14.20 6.20 -34.24
C VAL B 227 -14.35 5.46 -35.57
N LYS B 228 -15.27 4.50 -35.63
CA LYS B 228 -15.53 3.75 -36.85
C LYS B 228 -16.05 4.66 -37.95
N ALA B 229 -16.96 5.56 -37.60
CA ALA B 229 -17.48 6.49 -38.61
C ALA B 229 -16.42 7.42 -39.17
N GLU B 230 -15.59 7.96 -38.29
CA GLU B 230 -14.48 8.81 -38.69
C GLU B 230 -13.51 8.03 -39.53
N THR B 231 -13.24 6.81 -39.14
CA THR B 231 -12.29 6.03 -39.89
C THR B 231 -12.80 5.68 -41.27
N LYS B 232 -14.04 5.28 -41.38
CA LYS B 232 -14.66 5.04 -42.70
C LYS B 232 -14.59 6.30 -43.57
N LYS B 233 -14.89 7.46 -43.00
CA LYS B 233 -14.77 8.72 -43.78
C LYS B 233 -13.32 8.94 -44.21
N LEU B 234 -12.39 8.67 -43.29
CA LEU B 234 -10.96 8.78 -43.58
C LEU B 234 -10.60 7.95 -44.80
N ILE B 235 -11.08 6.71 -44.85
CA ILE B 235 -10.81 5.82 -45.99
C ILE B 235 -11.42 6.39 -47.28
N ASP B 236 -12.66 6.83 -47.20
CA ASP B 236 -13.34 7.36 -48.36
C ASP B 236 -12.69 8.64 -48.90
N LEU B 237 -12.34 9.57 -48.01
CA LEU B 237 -11.80 10.90 -48.44
C LEU B 237 -10.42 10.81 -49.02
N THR B 238 -9.70 9.76 -48.62
CA THR B 238 -8.30 9.57 -49.00
C THR B 238 -8.05 8.56 -50.06
N GLN B 239 -8.86 7.51 -50.10
CA GLN B 239 -8.60 6.40 -51.00
C GLN B 239 -7.34 5.58 -50.65
N PHE B 240 -6.84 5.71 -49.42
CA PHE B 240 -5.68 4.92 -49.02
C PHE B 240 -6.13 3.47 -48.75
N PRO B 241 -5.29 2.49 -49.10
CA PRO B 241 -5.59 1.10 -48.75
C PRO B 241 -5.81 0.98 -47.25
N ALA B 242 -6.83 0.20 -46.88
CA ALA B 242 -7.23 0.10 -45.48
C ALA B 242 -7.20 -1.37 -45.04
N PHE B 243 -6.54 -1.59 -43.90
CA PHE B 243 -6.34 -2.92 -43.37
C PHE B 243 -6.82 -2.97 -41.95
N VAL B 244 -7.00 -4.18 -41.44
CA VAL B 244 -7.55 -4.33 -40.10
C VAL B 244 -6.70 -5.35 -39.37
N THR B 245 -6.68 -5.25 -38.06
CA THR B 245 -6.03 -6.26 -37.22
C THR B 245 -7.03 -7.34 -36.79
N PRO B 246 -6.55 -8.47 -36.24
CA PRO B 246 -7.51 -9.42 -35.68
C PRO B 246 -8.46 -8.80 -34.66
N MET B 247 -7.93 -8.02 -33.71
CA MET B 247 -8.77 -7.52 -32.64
C MET B 247 -9.72 -6.43 -33.11
N GLY B 248 -9.37 -5.77 -34.23
CA GLY B 248 -10.24 -4.73 -34.79
C GLY B 248 -11.14 -5.19 -35.92
N LYS B 249 -11.07 -6.48 -36.26
CA LYS B 249 -11.79 -6.98 -37.43
C LYS B 249 -13.28 -6.67 -37.32
N GLY B 250 -13.83 -6.15 -38.42
CA GLY B 250 -15.23 -5.70 -38.44
C GLY B 250 -15.34 -4.18 -38.32
N SER B 251 -14.29 -3.52 -37.81
CA SER B 251 -14.34 -2.09 -37.58
C SER B 251 -14.34 -1.29 -38.88
N ILE B 252 -13.84 -1.91 -39.94
CA ILE B 252 -13.89 -1.36 -41.30
C ILE B 252 -14.53 -2.35 -42.27
N ASP B 253 -15.22 -1.81 -43.28
CA ASP B 253 -16.04 -2.62 -44.16
C ASP B 253 -15.19 -3.38 -45.16
N GLU B 254 -15.33 -4.71 -45.14
CA GLU B 254 -14.43 -5.56 -45.90
C GLU B 254 -14.77 -5.69 -47.38
N GLN B 255 -15.93 -5.19 -47.77
CA GLN B 255 -16.30 -5.13 -49.18
C GLN B 255 -15.95 -3.78 -49.83
N HIS B 256 -15.44 -2.84 -49.04
CA HIS B 256 -14.95 -1.58 -49.62
C HIS B 256 -13.86 -1.93 -50.65
N PRO B 257 -13.85 -1.25 -51.82
CA PRO B 257 -12.83 -1.49 -52.85
C PRO B 257 -11.40 -1.27 -52.37
N ARG B 258 -11.23 -0.45 -51.34
CA ARG B 258 -9.89 -0.11 -50.84
C ARG B 258 -9.50 -0.93 -49.61
N TYR B 259 -10.35 -1.88 -49.22
CA TYR B 259 -9.99 -2.80 -48.13
C TYR B 259 -8.93 -3.79 -48.60
N GLY B 260 -7.88 -3.96 -47.80
CA GLY B 260 -6.72 -4.70 -48.24
C GLY B 260 -6.49 -6.04 -47.54
N GLY B 261 -7.18 -6.27 -46.43
CA GLY B 261 -7.05 -7.54 -45.70
C GLY B 261 -6.66 -7.37 -44.24
N VAL B 262 -6.38 -8.50 -43.58
CA VAL B 262 -6.05 -8.56 -42.15
C VAL B 262 -4.54 -8.60 -41.92
N TYR B 263 -4.00 -7.55 -41.29
CA TYR B 263 -2.56 -7.48 -41.06
C TYR B 263 -2.24 -8.05 -39.67
N VAL B 264 -1.37 -9.05 -39.63
CA VAL B 264 -0.97 -9.71 -38.37
C VAL B 264 0.55 -9.90 -38.33
N GLY B 265 1.29 -8.86 -38.68
CA GLY B 265 2.75 -8.96 -38.73
C GLY B 265 3.16 -10.09 -39.64
N THR B 266 4.13 -10.89 -39.17
CA THR B 266 4.69 -11.97 -40.01
C THR B 266 3.70 -13.10 -40.32
N LEU B 267 2.58 -13.13 -39.60
CA LEU B 267 1.56 -14.14 -39.81
C LEU B 267 0.49 -13.70 -40.81
N SER B 268 0.66 -12.52 -41.39
CA SER B 268 -0.23 -12.05 -42.46
C SER B 268 -0.09 -12.92 -43.70
N LYS B 269 -1.13 -12.95 -44.53
CA LYS B 269 -0.99 -13.37 -45.91
C LYS B 269 0.16 -12.56 -46.52
N PRO B 270 1.02 -13.22 -47.32
CA PRO B 270 2.20 -12.54 -47.85
C PRO B 270 1.92 -11.19 -48.53
N GLU B 271 0.90 -11.13 -49.38
CA GLU B 271 0.56 -9.88 -50.09
C GLU B 271 0.19 -8.77 -49.12
N VAL B 272 -0.55 -9.14 -48.08
CA VAL B 272 -0.98 -8.16 -47.06
C VAL B 272 0.20 -7.61 -46.26
N LYS B 273 1.09 -8.50 -45.79
CA LYS B 273 2.31 -8.13 -45.10
C LYS B 273 3.12 -7.16 -45.94
N GLU B 274 3.29 -7.48 -47.22
CA GLU B 274 4.07 -6.62 -48.12
C GLU B 274 3.41 -5.26 -48.36
N ALA B 275 2.09 -5.27 -48.56
CA ALA B 275 1.34 -4.03 -48.84
C ALA B 275 1.41 -3.06 -47.67
N VAL B 276 1.29 -3.62 -46.46
CA VAL B 276 1.34 -2.80 -45.27
C VAL B 276 2.74 -2.32 -44.97
N GLU B 277 3.71 -3.24 -45.00
CA GLU B 277 5.08 -2.91 -44.62
C GLU B 277 5.86 -2.06 -45.61
N SER B 278 5.41 -2.02 -46.88
CA SER B 278 6.02 -1.14 -47.89
C SER B 278 5.44 0.29 -47.88
N ALA B 279 4.45 0.55 -47.04
CA ALA B 279 3.87 1.88 -46.90
C ALA B 279 4.92 2.90 -46.54
N ASP B 280 4.74 4.14 -47.02
CA ASP B 280 5.62 5.22 -46.58
C ASP B 280 4.95 6.15 -45.55
N LEU B 281 3.78 5.72 -45.06
CA LEU B 281 3.04 6.42 -44.02
C LEU B 281 2.01 5.41 -43.53
N ILE B 282 1.92 5.24 -42.22
CA ILE B 282 0.89 4.38 -41.64
C ILE B 282 0.00 5.17 -40.72
N LEU B 283 -1.29 5.17 -41.01
CA LEU B 283 -2.27 5.83 -40.17
C LEU B 283 -2.92 4.73 -39.35
N SER B 284 -2.43 4.59 -38.11
CA SER B 284 -2.77 3.48 -37.23
C SER B 284 -3.83 3.94 -36.27
N VAL B 285 -5.03 3.36 -36.37
CA VAL B 285 -6.13 3.86 -35.58
C VAL B 285 -6.42 2.87 -34.48
N GLY B 286 -6.04 3.22 -33.26
CA GLY B 286 -6.38 2.44 -32.08
C GLY B 286 -5.53 1.21 -31.79
N ALA B 287 -4.21 1.32 -31.95
CA ALA B 287 -3.34 0.14 -31.87
C ALA B 287 -3.42 -0.49 -30.48
N LEU B 288 -3.43 -1.82 -30.43
CA LEU B 288 -3.28 -2.55 -29.18
C LEU B 288 -2.42 -3.76 -29.52
N LEU B 289 -1.13 -3.61 -29.28
CA LEU B 289 -0.17 -4.53 -29.87
C LEU B 289 0.08 -5.77 -29.00
N SER B 290 -0.97 -6.55 -28.76
CA SER B 290 -0.85 -7.76 -27.91
C SER B 290 -0.18 -8.89 -28.69
N ASP B 291 0.30 -9.92 -27.98
CA ASP B 291 0.96 -11.05 -28.65
C ASP B 291 0.12 -11.68 -29.77
N PHE B 292 -1.10 -12.08 -29.47
CA PHE B 292 -1.94 -12.78 -30.46
C PHE B 292 -2.41 -11.83 -31.57
N ASN B 293 -2.42 -10.53 -31.30
CA ASN B 293 -2.93 -9.57 -32.29
C ASN B 293 -1.89 -9.26 -33.35
N THR B 294 -0.66 -9.70 -33.10
CA THR B 294 0.49 -9.17 -33.81
C THR B 294 1.52 -10.21 -34.18
N GLY B 295 1.19 -11.49 -34.04
CA GLY B 295 2.16 -12.58 -34.28
C GLY B 295 3.38 -12.50 -33.39
N SER B 296 3.15 -12.33 -32.07
CA SER B 296 4.22 -12.13 -31.10
C SER B 296 5.17 -10.97 -31.44
N PHE B 297 4.54 -9.82 -31.69
CA PHE B 297 5.23 -8.54 -31.78
C PHE B 297 6.15 -8.52 -33.00
N SER B 298 5.60 -9.00 -34.12
CA SER B 298 6.36 -9.22 -35.36
C SER B 298 6.16 -8.16 -36.45
N TYR B 299 5.46 -7.06 -36.15
CA TYR B 299 5.33 -5.96 -37.12
C TYR B 299 6.70 -5.55 -37.59
N SER B 300 6.83 -5.37 -38.91
CA SER B 300 8.07 -4.92 -39.49
C SER B 300 7.79 -3.83 -40.51
N TYR B 301 7.28 -2.70 -40.03
CA TYR B 301 7.06 -1.54 -40.88
C TYR B 301 8.40 -1.09 -41.41
N LYS B 302 8.46 -0.76 -42.70
CA LYS B 302 9.69 -0.19 -43.25
C LYS B 302 9.76 1.34 -43.08
N THR B 303 8.65 1.99 -42.77
CA THR B 303 8.67 3.41 -42.56
C THR B 303 8.78 3.78 -41.11
N LYS B 304 9.44 4.90 -40.84
CA LYS B 304 9.42 5.53 -39.54
C LYS B 304 8.15 6.39 -39.39
N ASN B 305 7.44 6.60 -40.50
CA ASN B 305 6.29 7.50 -40.53
C ASN B 305 5.03 6.80 -40.07
N ILE B 306 4.90 6.65 -38.76
CA ILE B 306 3.78 5.95 -38.16
C ILE B 306 3.03 6.96 -37.30
N VAL B 307 1.75 7.16 -37.62
CA VAL B 307 0.87 8.02 -36.85
C VAL B 307 -0.06 7.12 -36.05
N GLU B 308 0.08 7.14 -34.73
CA GLU B 308 -0.82 6.34 -33.90
C GLU B 308 -1.88 7.22 -33.31
N PHE B 309 -3.13 6.93 -33.66
CA PHE B 309 -4.30 7.56 -33.05
C PHE B 309 -4.73 6.72 -31.85
N HIS B 310 -4.92 7.35 -30.69
CA HIS B 310 -5.41 6.65 -29.48
C HIS B 310 -6.45 7.49 -28.77
N SER B 311 -7.27 6.85 -27.95
CA SER B 311 -8.34 7.56 -27.25
C SER B 311 -7.85 8.67 -26.34
N ASP B 312 -6.67 8.51 -25.76
CA ASP B 312 -6.16 9.38 -24.71
C ASP B 312 -4.87 10.10 -25.09
N HIS B 313 -4.33 9.78 -26.27
CA HIS B 313 -3.07 10.38 -26.70
C HIS B 313 -2.82 10.14 -28.19
N MET B 314 -1.86 10.88 -28.74
CA MET B 314 -1.43 10.71 -30.11
C MET B 314 0.07 10.40 -30.11
N LYS B 315 0.52 9.64 -31.10
CA LYS B 315 1.95 9.45 -31.29
C LYS B 315 2.21 9.68 -32.77
N ILE B 316 3.28 10.41 -33.08
CA ILE B 316 3.67 10.62 -34.48
C ILE B 316 5.15 10.34 -34.57
N ARG B 317 5.51 9.30 -35.31
CA ARG B 317 6.88 8.78 -35.26
C ARG B 317 7.17 8.55 -33.76
N ASN B 318 8.23 9.16 -33.23
CA ASN B 318 8.58 8.93 -31.83
C ASN B 318 8.01 9.95 -30.87
N ALA B 319 7.40 11.00 -31.43
CA ALA B 319 6.84 12.09 -30.64
C ALA B 319 5.50 11.66 -30.04
N THR B 320 5.37 11.80 -28.72
CA THR B 320 4.12 11.51 -28.01
C THR B 320 3.42 12.81 -27.61
N PHE B 321 2.10 12.81 -27.76
CA PHE B 321 1.28 13.95 -27.37
C PHE B 321 0.29 13.48 -26.32
N PRO B 322 0.68 13.52 -25.03
CA PRO B 322 -0.17 13.00 -23.96
C PRO B 322 -1.47 13.80 -23.86
N GLY B 323 -2.60 13.11 -23.74
CA GLY B 323 -3.90 13.79 -23.55
C GLY B 323 -4.58 14.26 -24.83
N VAL B 324 -3.90 14.18 -25.97
CA VAL B 324 -4.56 14.56 -27.23
C VAL B 324 -5.46 13.42 -27.72
N GLN B 325 -6.77 13.60 -27.58
CA GLN B 325 -7.74 12.53 -27.85
C GLN B 325 -8.04 12.37 -29.34
N MET B 326 -7.97 11.15 -29.86
CA MET B 326 -8.08 10.94 -31.31
C MET B 326 -9.43 11.33 -31.89
N LYS B 327 -10.49 11.27 -31.08
CA LYS B 327 -11.82 11.63 -31.59
C LYS B 327 -11.83 13.02 -32.24
N PHE B 328 -11.35 14.01 -31.49
CA PHE B 328 -11.29 15.40 -31.97
C PHE B 328 -10.29 15.54 -33.10
N VAL B 329 -9.16 14.84 -33.00
CA VAL B 329 -8.15 14.90 -34.07
C VAL B 329 -8.70 14.38 -35.39
N LEU B 330 -9.31 13.19 -35.36
CA LEU B 330 -9.91 12.64 -36.56
C LEU B 330 -11.02 13.55 -37.13
N GLN B 331 -11.88 14.08 -36.26
CA GLN B 331 -12.99 14.92 -36.74
C GLN B 331 -12.46 16.14 -37.48
N LYS B 332 -11.46 16.81 -36.90
CA LYS B 332 -10.88 17.99 -37.54
C LYS B 332 -10.07 17.64 -38.79
N LEU B 333 -9.37 16.50 -38.77
CA LEU B 333 -8.60 16.08 -39.95
C LEU B 333 -9.48 15.91 -41.19
N LEU B 334 -10.69 15.40 -40.98
CA LEU B 334 -11.59 15.09 -42.09
C LEU B 334 -11.89 16.32 -42.94
N THR B 335 -11.79 17.50 -42.34
CA THR B 335 -12.08 18.75 -43.03
C THR B 335 -11.05 19.06 -44.12
N ASN B 336 -9.79 18.70 -43.88
CA ASN B 336 -8.74 19.09 -44.82
C ASN B 336 -7.97 17.94 -45.44
N ILE B 337 -8.32 16.70 -45.07
CA ILE B 337 -7.51 15.58 -45.45
C ILE B 337 -7.55 15.25 -46.95
N ALA B 338 -8.72 15.42 -47.58
CA ALA B 338 -8.86 15.19 -49.02
C ALA B 338 -7.90 16.11 -49.77
N ASP B 339 -7.80 17.37 -49.33
CA ASP B 339 -6.90 18.34 -49.95
C ASP B 339 -5.45 17.91 -49.77
N ALA B 340 -5.14 17.42 -48.57
CA ALA B 340 -3.79 16.95 -48.27
C ALA B 340 -3.42 15.74 -49.12
N ALA B 341 -4.41 14.90 -49.44
CA ALA B 341 -4.16 13.68 -50.20
C ALA B 341 -4.23 13.87 -51.73
N LYS B 342 -4.51 15.10 -52.16
CA LYS B 342 -4.73 15.40 -53.59
C LYS B 342 -3.68 14.82 -54.55
N GLY B 343 -2.40 14.82 -54.19
CA GLY B 343 -1.42 14.16 -55.08
C GLY B 343 -1.68 12.68 -55.46
N TYR B 344 -2.32 11.96 -54.54
CA TYR B 344 -2.18 10.51 -54.44
C TYR B 344 -2.69 9.70 -55.63
N LYS B 345 -1.82 8.85 -56.16
CA LYS B 345 -2.16 7.89 -57.21
C LYS B 345 -2.49 6.57 -56.53
N PRO B 346 -3.77 6.17 -56.54
CA PRO B 346 -4.21 4.96 -55.84
C PRO B 346 -3.39 3.70 -56.16
N VAL B 347 -2.92 3.05 -55.10
CA VAL B 347 -2.11 1.84 -55.20
C VAL B 347 -3.07 0.66 -55.06
N ALA B 348 -2.85 -0.37 -55.89
CA ALA B 348 -3.65 -1.59 -55.84
C ALA B 348 -3.62 -2.17 -54.43
N VAL B 349 -4.76 -2.67 -53.99
CA VAL B 349 -4.80 -3.42 -52.71
C VAL B 349 -4.62 -4.90 -53.01
N PRO B 350 -4.09 -5.68 -52.05
CA PRO B 350 -4.06 -7.12 -52.25
C PRO B 350 -5.46 -7.66 -52.59
N ALA B 351 -5.53 -8.57 -53.57
CA ALA B 351 -6.81 -9.18 -53.90
C ALA B 351 -7.29 -10.10 -52.77
N ARG B 352 -8.60 -10.24 -52.65
CA ARG B 352 -9.23 -11.20 -51.74
C ARG B 352 -8.69 -12.61 -52.00
N THR B 353 -8.65 -13.43 -50.94
CA THR B 353 -8.37 -14.85 -51.05
C THR B 353 -9.34 -15.47 -52.06
N PRO B 354 -8.82 -16.22 -53.04
CA PRO B 354 -9.70 -16.85 -54.01
C PRO B 354 -10.66 -17.82 -53.33
N ALA B 355 -11.84 -17.99 -53.93
CA ALA B 355 -12.82 -18.93 -53.40
C ALA B 355 -12.27 -20.35 -53.44
N ASN B 356 -12.79 -21.19 -52.55
CA ASN B 356 -12.40 -22.60 -52.53
C ASN B 356 -12.73 -23.27 -53.87
N ALA B 357 -11.77 -24.04 -54.40
CA ALA B 357 -12.02 -24.90 -55.56
C ALA B 357 -13.15 -25.89 -55.25
N ALA B 358 -13.98 -26.18 -56.26
CA ALA B 358 -14.99 -27.22 -56.12
C ALA B 358 -14.34 -28.56 -55.76
N VAL B 359 -14.94 -29.26 -54.79
CA VAL B 359 -14.43 -30.55 -54.33
C VAL B 359 -15.61 -31.50 -54.16
N PRO B 360 -15.35 -32.83 -54.18
CA PRO B 360 -16.44 -33.78 -53.95
C PRO B 360 -17.20 -33.50 -52.65
N ALA B 361 -18.52 -33.65 -52.67
CA ALA B 361 -19.36 -33.38 -51.48
C ALA B 361 -18.95 -34.14 -50.22
N SER B 362 -18.34 -35.31 -50.39
CA SER B 362 -17.96 -36.14 -49.26
C SER B 362 -16.64 -35.70 -48.62
N THR B 363 -15.98 -34.70 -49.19
CA THR B 363 -14.68 -34.25 -48.66
C THR B 363 -14.84 -33.84 -47.20
N PRO B 364 -14.06 -34.46 -46.30
CA PRO B 364 -14.12 -34.14 -44.88
C PRO B 364 -13.84 -32.67 -44.63
N LEU B 365 -14.55 -32.07 -43.67
CA LEU B 365 -14.33 -30.66 -43.35
C LEU B 365 -12.96 -30.42 -42.76
N LYS B 366 -12.33 -29.32 -43.17
CA LYS B 366 -11.07 -28.90 -42.62
C LYS B 366 -11.18 -27.41 -42.30
N GLN B 367 -10.40 -26.94 -41.33
CA GLN B 367 -10.50 -25.54 -40.89
C GLN B 367 -10.27 -24.54 -42.00
N GLU B 368 -9.15 -24.67 -42.70
CA GLU B 368 -8.79 -23.67 -43.71
C GLU B 368 -9.90 -23.54 -44.75
N TRP B 369 -10.40 -24.67 -45.23
CA TRP B 369 -11.55 -24.70 -46.11
C TRP B 369 -12.75 -23.93 -45.50
N MET B 370 -13.10 -24.28 -44.26
CA MET B 370 -14.28 -23.69 -43.60
C MET B 370 -14.20 -22.16 -43.44
N TRP B 371 -13.08 -21.65 -42.95
CA TRP B 371 -13.03 -20.21 -42.71
C TRP B 371 -13.13 -19.46 -44.03
N ASN B 372 -12.57 -20.03 -45.08
CA ASN B 372 -12.69 -19.38 -46.40
C ASN B 372 -14.14 -19.45 -46.87
N GLN B 373 -14.78 -20.60 -46.69
CA GLN B 373 -16.16 -20.79 -47.15
C GLN B 373 -17.18 -19.98 -46.38
N LEU B 374 -16.88 -19.70 -45.11
CA LEU B 374 -17.82 -19.01 -44.23
C LEU B 374 -18.37 -17.68 -44.76
N GLY B 375 -17.53 -16.94 -45.46
CA GLY B 375 -17.94 -15.66 -46.06
C GLY B 375 -19.19 -15.79 -46.93
N ASN B 376 -19.45 -16.99 -47.45
CA ASN B 376 -20.64 -17.22 -48.33
C ASN B 376 -21.93 -17.12 -47.53
N PHE B 377 -21.86 -17.53 -46.27
CA PHE B 377 -23.04 -17.59 -45.41
C PHE B 377 -23.37 -16.25 -44.76
N LEU B 378 -22.33 -15.48 -44.42
CA LEU B 378 -22.52 -14.24 -43.68
C LEU B 378 -23.29 -13.23 -44.50
N GLN B 379 -24.00 -12.34 -43.81
CA GLN B 379 -24.74 -11.26 -44.46
C GLN B 379 -24.54 -9.93 -43.74
N GLU B 380 -24.83 -8.82 -44.43
CA GLU B 380 -24.68 -7.48 -43.83
C GLU B 380 -25.51 -7.37 -42.56
N GLY B 381 -24.92 -6.77 -41.53
CA GLY B 381 -25.64 -6.62 -40.26
C GLY B 381 -25.37 -7.73 -39.25
N ASP B 382 -24.70 -8.80 -39.68
CA ASP B 382 -24.42 -9.93 -38.77
C ASP B 382 -23.49 -9.49 -37.66
N VAL B 383 -23.67 -10.10 -36.48
CA VAL B 383 -22.67 -10.05 -35.39
C VAL B 383 -22.00 -11.42 -35.41
N VAL B 384 -20.67 -11.42 -35.51
CA VAL B 384 -19.92 -12.67 -35.66
C VAL B 384 -18.92 -12.76 -34.53
N ILE B 385 -19.09 -13.80 -33.71
CA ILE B 385 -18.35 -13.95 -32.46
C ILE B 385 -17.47 -15.19 -32.53
N ALA B 386 -16.19 -15.05 -32.21
CA ALA B 386 -15.26 -16.19 -32.37
C ALA B 386 -14.54 -16.41 -31.06
N GLU B 387 -14.60 -17.63 -30.55
CA GLU B 387 -13.93 -17.96 -29.28
C GLU B 387 -12.43 -18.13 -29.41
N THR B 388 -11.71 -17.68 -28.39
CA THR B 388 -10.25 -17.97 -28.29
C THR B 388 -10.03 -19.48 -28.44
N GLY B 389 -9.08 -19.84 -29.30
CA GLY B 389 -8.94 -21.23 -29.76
C GLY B 389 -8.81 -21.20 -31.27
N THR B 390 -8.99 -22.34 -31.93
CA THR B 390 -8.93 -22.32 -33.42
C THR B 390 -9.90 -21.27 -34.02
N SER B 391 -11.07 -21.08 -33.43
CA SER B 391 -12.08 -20.15 -34.00
C SER B 391 -11.56 -18.71 -34.17
N ALA B 392 -10.97 -18.17 -33.11
CA ALA B 392 -10.41 -16.82 -33.15
C ALA B 392 -9.32 -16.66 -34.19
N PHE B 393 -8.51 -17.70 -34.35
CA PHE B 393 -7.46 -17.63 -35.34
C PHE B 393 -7.98 -17.81 -36.74
N GLY B 394 -9.00 -18.65 -36.90
CA GLY B 394 -9.56 -18.95 -38.21
C GLY B 394 -10.36 -17.81 -38.78
N ILE B 395 -11.15 -17.16 -37.93
CA ILE B 395 -12.05 -16.10 -38.39
C ILE B 395 -11.27 -14.97 -39.10
N ASN B 396 -9.99 -14.83 -38.79
CA ASN B 396 -9.14 -13.82 -39.48
C ASN B 396 -9.10 -14.08 -40.97
N GLN B 397 -9.37 -15.32 -41.36
CA GLN B 397 -9.33 -15.72 -42.76
C GLN B 397 -10.67 -15.60 -43.47
N THR B 398 -11.71 -15.18 -42.75
CA THR B 398 -13.05 -15.10 -43.29
C THR B 398 -13.27 -13.67 -43.80
N THR B 399 -13.88 -13.53 -44.99
CA THR B 399 -14.20 -12.20 -45.51
C THR B 399 -15.60 -11.83 -45.03
N PHE B 400 -15.71 -10.66 -44.41
CA PHE B 400 -16.99 -10.24 -43.87
C PHE B 400 -17.74 -9.42 -44.91
N PRO B 401 -19.07 -9.47 -44.90
CA PRO B 401 -19.90 -8.46 -45.61
C PRO B 401 -19.71 -7.10 -44.95
N ASN B 402 -20.11 -6.02 -45.63
CA ASN B 402 -20.10 -4.73 -45.01
C ASN B 402 -20.98 -4.74 -43.77
N ASN B 403 -20.65 -3.90 -42.79
CA ASN B 403 -21.49 -3.73 -41.63
C ASN B 403 -21.61 -5.04 -40.83
N THR B 404 -20.47 -5.68 -40.63
CA THR B 404 -20.38 -6.87 -39.76
C THR B 404 -19.70 -6.45 -38.47
N TYR B 405 -20.29 -6.82 -37.34
CA TYR B 405 -19.69 -6.55 -36.04
C TYR B 405 -18.97 -7.81 -35.55
N GLY B 406 -17.64 -7.79 -35.54
CA GLY B 406 -16.84 -8.93 -35.06
C GLY B 406 -16.56 -8.78 -33.58
N ILE B 407 -16.63 -9.90 -32.85
CA ILE B 407 -16.17 -9.96 -31.45
C ILE B 407 -15.16 -11.09 -31.34
N SER B 408 -13.93 -10.75 -31.01
CA SER B 408 -12.90 -11.76 -30.70
C SER B 408 -12.04 -11.15 -29.58
N GLN B 409 -11.98 -11.83 -28.45
CA GLN B 409 -11.35 -11.31 -27.24
C GLN B 409 -9.83 -11.62 -27.26
N VAL B 410 -9.13 -11.00 -28.21
CA VAL B 410 -7.76 -11.43 -28.54
C VAL B 410 -6.79 -11.16 -27.40
N LEU B 411 -7.01 -10.06 -26.67
CA LEU B 411 -6.14 -9.73 -25.54
C LEU B 411 -6.45 -10.54 -24.31
N TRP B 412 -7.68 -10.44 -23.78
CA TRP B 412 -7.95 -11.11 -22.52
C TRP B 412 -7.94 -12.63 -22.71
N GLY B 413 -8.62 -13.12 -23.75
CA GLY B 413 -8.50 -14.53 -24.18
C GLY B 413 -9.03 -15.50 -23.15
N SER B 414 -10.17 -15.17 -22.53
CA SER B 414 -10.80 -16.05 -21.53
C SER B 414 -11.75 -17.04 -22.20
N ILE B 415 -11.33 -18.29 -22.35
CA ILE B 415 -12.25 -19.25 -22.99
C ILE B 415 -13.54 -19.37 -22.21
N GLY B 416 -14.64 -19.43 -22.97
CA GLY B 416 -16.00 -19.49 -22.39
C GLY B 416 -16.68 -18.13 -22.46
N PHE B 417 -15.89 -17.06 -22.52
CA PHE B 417 -16.39 -15.69 -22.73
C PHE B 417 -17.53 -15.66 -23.75
N THR B 418 -17.35 -16.32 -24.87
CA THR B 418 -18.26 -16.13 -26.00
C THR B 418 -19.69 -16.63 -25.79
N THR B 419 -19.88 -17.64 -24.94
CA THR B 419 -21.26 -18.12 -24.72
C THR B 419 -22.01 -16.99 -24.06
N GLY B 420 -21.34 -16.32 -23.12
CA GLY B 420 -21.98 -15.19 -22.46
C GLY B 420 -22.11 -14.01 -23.40
N ALA B 421 -21.02 -13.70 -24.12
CA ALA B 421 -21.03 -12.56 -25.04
C ALA B 421 -22.12 -12.70 -26.08
N THR B 422 -22.35 -13.93 -26.55
CA THR B 422 -23.42 -14.20 -27.53
C THR B 422 -24.80 -13.86 -26.98
N LEU B 423 -25.09 -14.25 -25.74
CA LEU B 423 -26.34 -13.81 -25.06
C LEU B 423 -26.46 -12.28 -25.05
N GLY B 424 -25.42 -11.60 -24.56
CA GLY B 424 -25.44 -10.14 -24.48
C GLY B 424 -25.62 -9.50 -25.84
N ALA B 425 -24.82 -9.95 -26.82
CA ALA B 425 -24.91 -9.44 -28.20
C ALA B 425 -26.30 -9.69 -28.80
N ALA B 426 -26.90 -10.82 -28.45
CA ALA B 426 -28.23 -11.17 -28.97
C ALA B 426 -29.32 -10.25 -28.39
N PHE B 427 -29.27 -9.97 -27.08
CA PHE B 427 -30.22 -8.99 -26.50
C PHE B 427 -30.07 -7.63 -27.18
N ALA B 428 -28.82 -7.16 -27.32
CA ALA B 428 -28.58 -5.86 -27.93
C ALA B 428 -29.02 -5.85 -29.39
N ALA B 429 -28.67 -6.89 -30.14
CA ALA B 429 -29.05 -7.01 -31.55
C ALA B 429 -30.57 -6.96 -31.74
N GLU B 430 -31.28 -7.68 -30.87
CA GLU B 430 -32.75 -7.71 -30.91
C GLU B 430 -33.31 -6.29 -30.73
N GLU B 431 -32.70 -5.53 -29.85
CA GLU B 431 -33.20 -4.20 -29.52
C GLU B 431 -32.98 -3.25 -30.69
N ILE B 432 -31.90 -3.46 -31.43
CA ILE B 432 -31.52 -2.58 -32.55
C ILE B 432 -32.33 -2.94 -33.79
N ASP B 433 -32.41 -4.24 -34.08
CA ASP B 433 -33.05 -4.72 -35.30
C ASP B 433 -33.21 -6.23 -35.16
N PRO B 434 -34.45 -6.68 -34.96
CA PRO B 434 -34.73 -8.10 -34.78
C PRO B 434 -34.36 -9.00 -35.97
N LYS B 435 -34.00 -8.38 -37.10
CA LYS B 435 -33.54 -9.09 -38.30
C LYS B 435 -32.05 -9.41 -38.24
N LYS B 436 -31.31 -8.70 -37.37
CA LYS B 436 -29.86 -8.92 -37.26
C LYS B 436 -29.60 -10.30 -36.66
N ARG B 437 -28.71 -11.05 -37.32
CA ARG B 437 -28.30 -12.39 -36.86
C ARG B 437 -27.07 -12.29 -35.98
N VAL B 438 -27.01 -13.20 -35.01
CA VAL B 438 -25.84 -13.33 -34.14
C VAL B 438 -25.28 -14.74 -34.37
N ILE B 439 -24.03 -14.80 -34.81
CA ILE B 439 -23.38 -16.04 -35.22
C ILE B 439 -22.16 -16.29 -34.34
N LEU B 440 -22.15 -17.44 -33.66
CA LEU B 440 -21.06 -17.82 -32.75
C LEU B 440 -20.30 -19.01 -33.27
N PHE B 441 -18.97 -18.91 -33.25
CA PHE B 441 -18.08 -20.06 -33.41
C PHE B 441 -17.36 -20.29 -32.11
N ILE B 442 -17.68 -21.41 -31.47
CA ILE B 442 -17.11 -21.70 -30.19
C ILE B 442 -16.54 -23.13 -30.20
N GLY B 443 -15.39 -23.31 -29.55
CA GLY B 443 -14.80 -24.63 -29.42
C GLY B 443 -15.54 -25.53 -28.45
N ASP B 444 -15.44 -26.83 -28.69
CA ASP B 444 -15.97 -27.84 -27.76
C ASP B 444 -15.41 -27.67 -26.34
N GLY B 445 -14.12 -27.37 -26.21
CA GLY B 445 -13.50 -27.16 -24.88
C GLY B 445 -14.11 -25.92 -24.19
N SER B 446 -14.12 -24.82 -24.92
CA SER B 446 -14.59 -23.53 -24.40
C SER B 446 -16.05 -23.56 -23.98
N LEU B 447 -16.87 -24.29 -24.75
CA LEU B 447 -18.29 -24.34 -24.45
C LEU B 447 -18.51 -24.89 -23.03
N GLN B 448 -17.68 -25.82 -22.59
CA GLN B 448 -17.91 -26.41 -21.28
C GLN B 448 -17.88 -25.43 -20.11
N LEU B 449 -17.10 -24.35 -20.23
CA LEU B 449 -16.91 -23.47 -19.09
C LEU B 449 -18.13 -22.61 -18.80
N THR B 450 -18.95 -22.38 -19.83
CA THR B 450 -20.05 -21.43 -19.71
C THR B 450 -21.36 -21.91 -20.36
N VAL B 451 -21.46 -23.23 -20.55
CA VAL B 451 -22.52 -23.85 -21.34
C VAL B 451 -23.93 -23.42 -20.87
N GLN B 452 -24.07 -23.22 -19.57
CA GLN B 452 -25.43 -22.96 -19.04
C GLN B 452 -26.02 -21.67 -19.54
N GLU B 453 -25.22 -20.76 -20.10
CA GLU B 453 -25.86 -19.51 -20.55
C GLU B 453 -26.71 -19.69 -21.81
N ILE B 454 -26.62 -20.84 -22.48
CA ILE B 454 -27.56 -21.20 -23.54
C ILE B 454 -28.98 -21.18 -22.98
N SER B 455 -29.12 -21.59 -21.71
CA SER B 455 -30.41 -21.54 -21.01
C SER B 455 -31.09 -20.16 -21.10
N THR B 456 -30.31 -19.11 -20.88
CA THR B 456 -30.86 -17.76 -20.82
C THR B 456 -31.23 -17.28 -22.20
N MET B 457 -30.50 -17.73 -23.23
CA MET B 457 -30.89 -17.44 -24.61
C MET B 457 -32.28 -18.00 -24.87
N ILE B 458 -32.52 -19.22 -24.42
CA ILE B 458 -33.81 -19.92 -24.63
C ILE B 458 -34.92 -19.19 -23.89
N ARG B 459 -34.65 -18.80 -22.65
CA ARG B 459 -35.69 -18.19 -21.82
C ARG B 459 -36.27 -16.91 -22.44
N TRP B 460 -35.43 -16.17 -23.15
CA TRP B 460 -35.83 -14.93 -23.82
C TRP B 460 -36.15 -15.10 -25.31
N GLY B 461 -36.15 -16.34 -25.81
CA GLY B 461 -36.42 -16.57 -27.23
C GLY B 461 -35.45 -15.89 -28.18
N LEU B 462 -34.19 -15.76 -27.77
CA LEU B 462 -33.16 -15.19 -28.63
C LEU B 462 -32.70 -16.26 -29.61
N LYS B 463 -32.28 -15.85 -30.80
CA LYS B 463 -32.13 -16.80 -31.92
C LYS B 463 -30.74 -16.88 -32.53
N PRO B 464 -29.68 -16.90 -31.70
CA PRO B 464 -28.33 -17.05 -32.29
C PRO B 464 -28.08 -18.38 -32.97
N TYR B 465 -27.12 -18.40 -33.91
CA TYR B 465 -26.55 -19.60 -34.51
C TYR B 465 -25.36 -20.00 -33.68
N LEU B 466 -25.40 -21.17 -33.09
CA LEU B 466 -24.28 -21.62 -32.25
C LEU B 466 -23.52 -22.73 -32.96
N PHE B 467 -22.41 -22.36 -33.60
CA PHE B 467 -21.55 -23.34 -34.28
C PHE B 467 -20.52 -23.84 -33.27
N VAL B 468 -20.60 -25.13 -32.96
CA VAL B 468 -19.68 -25.75 -31.99
C VAL B 468 -18.64 -26.59 -32.74
N LEU B 469 -17.36 -26.24 -32.61
CA LEU B 469 -16.28 -26.95 -33.33
C LEU B 469 -15.82 -28.16 -32.50
N ASN B 470 -16.33 -29.33 -32.86
CA ASN B 470 -15.93 -30.57 -32.17
C ASN B 470 -14.68 -31.14 -32.81
N ASN B 471 -13.54 -30.90 -32.17
CA ASN B 471 -12.29 -31.49 -32.60
C ASN B 471 -11.74 -32.34 -31.46
N ASP B 472 -12.63 -32.78 -30.58
CA ASP B 472 -12.27 -33.68 -29.48
C ASP B 472 -11.17 -33.15 -28.55
N GLY B 473 -11.34 -31.93 -28.07
CA GLY B 473 -10.46 -31.42 -27.02
C GLY B 473 -9.87 -30.07 -27.34
N TYR B 474 -8.81 -29.72 -26.62
CA TYR B 474 -8.21 -28.38 -26.71
C TYR B 474 -7.17 -28.30 -27.82
N THR B 475 -7.56 -28.11 -29.06
CA THR B 475 -6.60 -28.23 -30.14
C THR B 475 -5.51 -27.15 -30.06
N ILE B 476 -5.92 -25.93 -29.78
CA ILE B 476 -4.96 -24.80 -29.71
C ILE B 476 -3.84 -25.15 -28.72
N GLN B 477 -4.21 -25.76 -27.62
CA GLN B 477 -3.22 -26.08 -26.60
C GLN B 477 -2.34 -27.23 -27.00
N LYS B 478 -2.92 -28.21 -27.70
CA LYS B 478 -2.17 -29.37 -28.23
C LYS B 478 -1.06 -28.92 -29.17
N LEU B 479 -1.30 -27.79 -29.84
CA LEU B 479 -0.29 -27.21 -30.73
C LEU B 479 0.79 -26.43 -29.97
N ILE B 480 0.44 -25.92 -28.79
CA ILE B 480 1.41 -25.20 -27.97
C ILE B 480 2.34 -26.22 -27.30
N HIS B 481 1.71 -27.21 -26.66
CA HIS B 481 2.44 -28.18 -25.84
C HIS B 481 1.56 -29.33 -25.44
N GLY B 482 2.06 -30.55 -25.54
CA GLY B 482 1.31 -31.72 -25.09
C GLY B 482 0.21 -32.21 -26.00
N PRO B 483 0.53 -32.57 -27.26
CA PRO B 483 -0.51 -32.99 -28.21
C PRO B 483 -1.41 -34.13 -27.74
N LYS B 484 -0.89 -35.03 -26.89
CA LYS B 484 -1.66 -36.17 -26.38
C LYS B 484 -1.83 -36.11 -24.86
N ALA B 485 -1.46 -34.98 -24.24
CA ALA B 485 -1.50 -34.87 -22.78
C ALA B 485 -2.95 -34.90 -22.31
N GLN B 486 -3.22 -35.68 -21.25
CA GLN B 486 -4.57 -35.83 -20.70
C GLN B 486 -5.22 -34.48 -20.34
N TYR B 487 -4.41 -33.52 -19.89
CA TYR B 487 -4.95 -32.18 -19.53
C TYR B 487 -5.50 -31.43 -20.74
N ASN B 488 -5.09 -31.84 -21.93
CA ASN B 488 -5.64 -31.27 -23.17
C ASN B 488 -6.86 -31.98 -23.78
N GLU B 489 -7.34 -33.03 -23.09
CA GLU B 489 -8.49 -33.79 -23.50
C GLU B 489 -9.67 -33.40 -22.63
N ILE B 490 -10.88 -33.65 -23.14
CA ILE B 490 -12.11 -33.29 -22.42
C ILE B 490 -13.11 -34.42 -22.40
N GLN B 491 -14.02 -34.37 -21.43
CA GLN B 491 -15.16 -35.25 -21.45
C GLN B 491 -15.98 -34.98 -22.71
N GLY B 492 -16.39 -36.05 -23.39
CA GLY B 492 -17.14 -35.90 -24.62
C GLY B 492 -18.62 -35.70 -24.36
N TRP B 493 -19.15 -34.56 -24.80
CA TRP B 493 -20.57 -34.24 -24.60
C TRP B 493 -21.42 -34.53 -25.84
N ASP B 494 -22.72 -34.75 -25.62
CA ASP B 494 -23.68 -34.87 -26.71
C ASP B 494 -24.15 -33.44 -26.99
N HIS B 495 -23.38 -32.68 -27.78
CA HIS B 495 -23.68 -31.25 -27.92
C HIS B 495 -25.09 -30.97 -28.36
N LEU B 496 -25.58 -31.73 -29.34
CA LEU B 496 -26.90 -31.43 -29.88
C LEU B 496 -28.08 -31.64 -28.91
N SER B 497 -27.86 -32.33 -27.79
CA SER B 497 -28.92 -32.43 -26.79
C SER B 497 -28.92 -31.26 -25.79
N LEU B 498 -27.97 -30.34 -25.90
CA LEU B 498 -27.94 -29.24 -24.92
C LEU B 498 -29.20 -28.38 -24.97
N LEU B 499 -29.63 -28.00 -26.17
CA LEU B 499 -30.84 -27.19 -26.27
C LEU B 499 -32.09 -27.82 -25.60
N PRO B 500 -32.48 -29.06 -25.98
CA PRO B 500 -33.61 -29.67 -25.26
C PRO B 500 -33.36 -29.91 -23.76
N THR B 501 -32.11 -30.18 -23.40
CA THR B 501 -31.79 -30.39 -21.98
C THR B 501 -32.07 -29.11 -21.16
N PHE B 502 -31.82 -27.94 -21.76
CA PHE B 502 -32.12 -26.67 -21.12
C PHE B 502 -33.55 -26.19 -21.39
N GLY B 503 -34.36 -27.09 -21.92
CA GLY B 503 -35.80 -26.78 -22.09
C GLY B 503 -36.21 -26.02 -23.34
N ALA B 504 -35.37 -25.96 -24.36
CA ALA B 504 -35.72 -25.32 -25.62
C ALA B 504 -36.90 -26.01 -26.25
N LYS B 505 -37.84 -25.21 -26.74
CA LYS B 505 -39.04 -25.76 -27.38
C LYS B 505 -39.14 -25.35 -28.84
N ASP B 506 -38.43 -24.30 -29.21
CA ASP B 506 -38.42 -23.81 -30.60
C ASP B 506 -36.96 -23.69 -31.05
N TYR B 507 -36.45 -24.73 -31.70
CA TYR B 507 -35.02 -24.77 -32.06
C TYR B 507 -34.74 -25.75 -33.19
N GLU B 508 -33.51 -25.71 -33.73
CA GLU B 508 -33.01 -26.72 -34.66
C GLU B 508 -31.63 -27.11 -34.25
N THR B 509 -31.30 -28.38 -34.45
CA THR B 509 -29.92 -28.85 -34.40
C THR B 509 -29.49 -29.48 -35.74
N HIS B 510 -28.21 -29.33 -36.05
CA HIS B 510 -27.62 -29.87 -37.27
C HIS B 510 -26.22 -30.35 -36.98
N ARG B 511 -25.78 -31.34 -37.76
CA ARG B 511 -24.39 -31.78 -37.74
C ARG B 511 -23.78 -31.73 -39.13
N VAL B 512 -22.57 -31.19 -39.22
CA VAL B 512 -21.85 -31.14 -40.50
C VAL B 512 -20.46 -31.69 -40.34
N ALA B 513 -20.06 -32.59 -41.25
CA ALA B 513 -18.74 -33.21 -41.21
C ALA B 513 -18.04 -33.19 -42.56
N THR B 514 -18.74 -32.70 -43.60
CA THR B 514 -18.17 -32.68 -44.94
C THR B 514 -18.50 -31.35 -45.61
N THR B 515 -17.75 -31.04 -46.64
CA THR B 515 -17.98 -29.87 -47.41
C THR B 515 -19.33 -29.81 -48.04
N GLY B 516 -19.81 -30.92 -48.57
CA GLY B 516 -21.18 -30.99 -49.05
C GLY B 516 -22.18 -30.65 -47.97
N GLU B 517 -22.02 -31.26 -46.78
CA GLU B 517 -22.96 -30.98 -45.70
C GLU B 517 -22.93 -29.52 -45.28
N TRP B 518 -21.73 -28.93 -45.29
CA TRP B 518 -21.54 -27.52 -44.95
C TRP B 518 -22.31 -26.63 -45.93
N ASP B 519 -22.04 -26.81 -47.22
CA ASP B 519 -22.69 -26.02 -48.27
C ASP B 519 -24.19 -26.19 -48.27
N LYS B 520 -24.68 -27.42 -48.15
CA LYS B 520 -26.12 -27.66 -48.21
C LYS B 520 -26.86 -27.01 -47.07
N LEU B 521 -26.28 -27.05 -45.86
CA LEU B 521 -26.94 -26.45 -44.71
C LEU B 521 -26.94 -24.92 -44.82
N THR B 522 -25.76 -24.37 -45.07
CA THR B 522 -25.58 -22.92 -44.97
C THR B 522 -26.18 -22.18 -46.16
N GLN B 523 -26.42 -22.90 -47.27
CA GLN B 523 -27.08 -22.30 -48.43
C GLN B 523 -28.61 -22.36 -48.37
N ASP B 524 -29.13 -23.22 -47.50
CA ASP B 524 -30.57 -23.40 -47.37
C ASP B 524 -31.22 -22.07 -46.96
N LYS B 525 -32.24 -21.63 -47.70
CA LYS B 525 -32.81 -20.30 -47.46
C LYS B 525 -33.42 -20.24 -46.06
N SER B 526 -34.14 -21.28 -45.69
CA SER B 526 -34.77 -21.43 -44.37
C SER B 526 -33.74 -21.25 -43.24
N PHE B 527 -32.60 -21.92 -43.40
CA PHE B 527 -31.52 -21.85 -42.40
C PHE B 527 -30.98 -20.43 -42.26
N ASN B 528 -31.01 -19.63 -43.33
CA ASN B 528 -30.47 -18.25 -43.30
C ASN B 528 -31.37 -17.20 -42.64
N ASP B 529 -32.61 -17.56 -42.36
CA ASP B 529 -33.50 -16.72 -41.56
C ASP B 529 -33.31 -16.98 -40.05
N ASN B 530 -33.17 -15.92 -39.26
CA ASN B 530 -33.00 -16.07 -37.82
C ASN B 530 -34.35 -16.35 -37.15
N SER B 531 -35.00 -17.43 -37.55
CA SER B 531 -36.36 -17.74 -37.10
C SER B 531 -36.38 -18.41 -35.73
N LYS B 532 -35.24 -18.99 -35.36
CA LYS B 532 -35.13 -19.70 -34.11
C LYS B 532 -33.68 -19.97 -33.76
N ILE B 533 -33.44 -20.22 -32.49
CA ILE B 533 -32.11 -20.62 -32.03
C ILE B 533 -31.68 -21.94 -32.66
N ARG B 534 -30.40 -22.02 -33.05
CA ARG B 534 -29.87 -23.22 -33.68
C ARG B 534 -28.51 -23.58 -33.12
N MET B 535 -28.24 -24.89 -33.03
CA MET B 535 -26.90 -25.36 -32.77
C MET B 535 -26.43 -26.22 -33.92
N ILE B 536 -25.23 -25.95 -34.42
CA ILE B 536 -24.60 -26.73 -35.47
C ILE B 536 -23.30 -27.34 -34.94
N GLU B 537 -23.26 -28.67 -34.81
CA GLU B 537 -22.01 -29.33 -34.44
C GLU B 537 -21.18 -29.56 -35.69
N VAL B 538 -19.98 -29.01 -35.68
CA VAL B 538 -19.04 -29.08 -36.82
C VAL B 538 -17.91 -30.06 -36.44
N MET B 539 -17.81 -31.15 -37.20
CA MET B 539 -16.84 -32.22 -36.88
C MET B 539 -15.54 -31.94 -37.60
N LEU B 540 -14.45 -31.82 -36.85
CA LEU B 540 -13.15 -31.44 -37.39
C LEU B 540 -12.05 -32.31 -36.79
N PRO B 541 -10.93 -32.50 -37.52
CA PRO B 541 -9.80 -33.27 -37.03
C PRO B 541 -9.14 -32.69 -35.78
N VAL B 542 -8.59 -33.59 -34.98
CA VAL B 542 -7.99 -33.21 -33.73
C VAL B 542 -6.86 -32.20 -33.87
N PHE B 543 -5.99 -32.36 -34.87
CA PHE B 543 -4.83 -31.51 -34.97
C PHE B 543 -4.95 -30.45 -36.05
N ASP B 544 -6.13 -30.34 -36.63
CA ASP B 544 -6.36 -29.38 -37.71
C ASP B 544 -6.54 -27.98 -37.15
N ALA B 545 -5.85 -27.00 -37.73
CA ALA B 545 -5.89 -25.63 -37.24
C ALA B 545 -5.46 -24.68 -38.34
N PRO B 546 -5.89 -23.41 -38.27
CA PRO B 546 -5.41 -22.38 -39.20
C PRO B 546 -3.88 -22.31 -39.10
N GLN B 547 -3.24 -22.08 -40.24
CA GLN B 547 -1.77 -22.10 -40.32
C GLN B 547 -1.12 -21.06 -39.40
N ASN B 548 -1.78 -19.90 -39.26
CA ASN B 548 -1.27 -18.85 -38.38
C ASN B 548 -1.23 -19.27 -36.92
N LEU B 549 -2.15 -20.14 -36.52
CA LEU B 549 -2.19 -20.59 -35.14
C LEU B 549 -1.05 -21.57 -34.89
N VAL B 550 -0.77 -22.41 -35.89
CA VAL B 550 0.32 -23.38 -35.73
C VAL B 550 1.64 -22.65 -35.41
N GLU B 551 1.87 -21.54 -36.10
CA GLU B 551 3.07 -20.75 -35.88
C GLU B 551 2.99 -19.96 -34.58
N GLN B 552 1.82 -19.36 -34.34
CA GLN B 552 1.61 -18.63 -33.08
C GLN B 552 1.89 -19.51 -31.87
N ALA B 553 1.37 -20.73 -31.89
CA ALA B 553 1.55 -21.69 -30.81
C ALA B 553 3.03 -21.95 -30.49
N LYS B 554 3.84 -22.14 -31.52
CA LYS B 554 5.28 -22.33 -31.38
C LYS B 554 5.95 -21.11 -30.75
N LEU B 555 5.58 -19.93 -31.23
CA LEU B 555 6.12 -18.68 -30.70
C LEU B 555 5.77 -18.51 -29.22
N THR B 556 4.52 -18.82 -28.89
CA THR B 556 4.04 -18.73 -27.52
C THR B 556 4.75 -19.73 -26.59
N ALA B 557 4.90 -20.97 -27.05
CA ALA B 557 5.61 -21.98 -26.24
C ALA B 557 7.02 -21.51 -25.93
N ALA B 558 7.71 -20.98 -26.96
CA ALA B 558 9.09 -20.49 -26.81
C ALA B 558 9.21 -19.34 -25.82
N THR B 559 8.27 -18.39 -25.89
CA THR B 559 8.25 -17.24 -24.99
C THR B 559 8.15 -17.68 -23.52
N ASN B 560 7.35 -18.72 -23.28
CA ASN B 560 7.07 -19.18 -21.91
C ASN B 560 8.23 -19.99 -21.32
N ALA B 561 8.93 -20.74 -22.17
CA ALA B 561 10.02 -21.62 -21.71
C ALA B 561 11.37 -20.90 -21.60
N LYS B 562 11.44 -19.72 -22.23
CA LYS B 562 12.65 -18.88 -22.29
C LYS B 562 13.23 -18.59 -20.92
N GLN B 563 14.51 -18.92 -20.73
CA GLN B 563 15.17 -18.77 -19.45
C GLN B 563 15.91 -17.45 -19.34
N SER C 2 43.49 -9.74 0.22
CA SER C 2 42.73 -10.80 -0.52
C SER C 2 41.28 -10.94 -0.05
N GLU C 3 41.05 -10.77 1.25
CA GLU C 3 39.70 -10.63 1.81
C GLU C 3 39.56 -9.22 2.37
N ILE C 4 38.37 -8.66 2.26
CA ILE C 4 38.09 -7.32 2.76
C ILE C 4 36.75 -7.36 3.48
N THR C 5 36.62 -6.67 4.61
CA THR C 5 35.30 -6.60 5.27
C THR C 5 34.29 -5.83 4.42
N LEU C 6 33.01 -6.14 4.63
CA LEU C 6 31.94 -5.43 3.95
C LEU C 6 32.03 -3.92 4.21
N GLY C 7 32.34 -3.54 5.43
CA GLY C 7 32.45 -2.13 5.80
C GLY C 7 33.56 -1.43 5.02
N LYS C 8 34.74 -2.04 5.02
CA LYS C 8 35.85 -1.49 4.24
C LYS C 8 35.53 -1.44 2.75
N TYR C 9 34.86 -2.47 2.24
CA TYR C 9 34.42 -2.50 0.85
C TYR C 9 33.64 -1.22 0.49
N LEU C 10 32.73 -0.82 1.39
CA LEU C 10 31.90 0.36 1.12
C LEU C 10 32.79 1.56 0.89
N PHE C 11 33.75 1.74 1.79
CA PHE C 11 34.58 2.94 1.74
C PHE C 11 35.55 2.92 0.58
N GLU C 12 36.05 1.73 0.22
CA GLU C 12 36.87 1.60 -0.97
C GLU C 12 36.07 2.00 -2.21
N ARG C 13 34.81 1.57 -2.29
CA ARG C 13 33.98 1.96 -3.42
C ARG C 13 33.72 3.45 -3.45
N LEU C 14 33.41 4.01 -2.28
CA LEU C 14 33.20 5.46 -2.20
C LEU C 14 34.44 6.23 -2.66
N LYS C 15 35.62 5.78 -2.25
CA LYS C 15 36.89 6.37 -2.70
C LYS C 15 37.02 6.30 -4.21
N GLN C 16 36.65 5.15 -4.80
CA GLN C 16 36.71 4.99 -6.26
C GLN C 16 35.82 5.95 -7.03
N VAL C 17 34.73 6.40 -6.40
CA VAL C 17 33.81 7.34 -7.08
C VAL C 17 33.99 8.77 -6.56
N ASN C 18 35.15 9.02 -5.96
CA ASN C 18 35.56 10.37 -5.62
C ASN C 18 34.76 10.94 -4.45
N VAL C 19 34.22 10.06 -3.61
CA VAL C 19 33.63 10.47 -2.33
C VAL C 19 34.64 10.23 -1.22
N ASN C 20 35.24 11.34 -0.74
CA ASN C 20 36.39 11.28 0.14
C ASN C 20 36.17 11.78 1.56
N THR C 21 35.00 12.38 1.78
CA THR C 21 34.60 12.77 3.12
C THR C 21 33.21 12.15 3.30
N VAL C 22 32.97 11.61 4.48
CA VAL C 22 31.70 10.96 4.80
C VAL C 22 31.09 11.76 5.97
N PHE C 23 29.81 12.05 5.83
CA PHE C 23 29.06 12.82 6.81
C PHE C 23 28.24 11.94 7.73
N GLY C 24 27.71 12.55 8.79
CA GLY C 24 26.80 11.82 9.69
C GLY C 24 27.28 11.84 11.12
N LEU C 25 26.64 11.05 11.95
CA LEU C 25 27.02 10.94 13.34
C LEU C 25 27.04 9.48 13.74
N PRO C 26 27.87 9.14 14.71
CA PRO C 26 27.97 7.78 15.18
C PRO C 26 26.78 7.37 16.02
N GLY C 27 26.56 6.06 16.10
CA GLY C 27 25.63 5.45 17.06
C GLY C 27 26.00 3.97 17.16
N ASP C 28 25.57 3.29 18.21
CA ASP C 28 26.00 1.89 18.42
C ASP C 28 25.87 1.02 17.17
N PHE C 29 24.80 1.22 16.40
CA PHE C 29 24.51 0.39 15.21
C PHE C 29 25.44 0.68 14.03
N ASN C 30 26.27 1.71 14.13
CA ASN C 30 27.20 1.98 13.02
C ASN C 30 28.67 2.09 13.44
N LEU C 31 29.00 1.86 14.70
CA LEU C 31 30.40 2.12 15.16
C LEU C 31 31.44 1.25 14.45
N SER C 32 31.13 -0.02 14.30
CA SER C 32 32.09 -0.93 13.65
C SER C 32 32.27 -0.54 12.18
N LEU C 33 31.19 -0.08 11.56
CA LEU C 33 31.26 0.44 10.19
C LEU C 33 32.21 1.62 10.11
N LEU C 34 32.05 2.57 11.03
CA LEU C 34 32.86 3.80 11.02
C LEU C 34 34.36 3.51 11.18
N ASP C 35 34.70 2.48 11.96
CA ASP C 35 36.11 2.06 12.12
C ASP C 35 36.77 1.93 10.76
N LYS C 36 36.01 1.49 9.77
CA LYS C 36 36.56 1.05 8.51
C LYS C 36 37.02 2.26 7.68
N ILE C 37 36.49 3.44 8.00
CA ILE C 37 36.82 4.64 7.21
C ILE C 37 38.32 4.92 7.33
N TYR C 38 38.84 4.69 8.53
CA TYR C 38 40.24 4.99 8.87
C TYR C 38 41.19 4.00 8.20
N GLU C 39 40.63 2.91 7.70
CA GLU C 39 41.41 1.86 7.02
C GLU C 39 41.55 2.10 5.50
N VAL C 40 40.86 3.10 4.98
CA VAL C 40 40.89 3.40 3.55
C VAL C 40 41.62 4.72 3.35
N GLU C 41 42.77 4.62 2.69
CA GLU C 41 43.64 5.77 2.50
C GLU C 41 42.90 6.95 1.85
N GLY C 42 42.98 8.09 2.51
CA GLY C 42 42.42 9.32 1.96
C GLY C 42 41.07 9.68 2.54
N MET C 43 40.38 8.72 3.14
CA MET C 43 38.99 8.96 3.58
C MET C 43 38.90 9.68 4.93
N ARG C 44 37.88 10.53 5.02
CA ARG C 44 37.69 11.43 6.16
C ARG C 44 36.27 11.29 6.72
N TRP C 45 36.15 11.22 8.04
CA TRP C 45 34.84 11.29 8.72
C TRP C 45 34.64 12.73 9.23
N ALA C 46 33.60 13.41 8.76
CA ALA C 46 33.41 14.79 9.14
C ALA C 46 33.26 15.01 10.65
N GLY C 47 32.41 14.20 11.26
CA GLY C 47 32.08 14.33 12.68
C GLY C 47 31.09 15.49 12.85
N ASN C 48 29.90 15.32 12.28
CA ASN C 48 28.93 16.42 12.23
C ASN C 48 28.33 16.69 13.60
N ALA C 49 27.75 17.88 13.75
CA ALA C 49 27.19 18.30 15.05
C ALA C 49 25.72 17.95 15.20
N ASN C 50 25.05 17.68 14.09
CA ASN C 50 23.79 16.93 14.10
C ASN C 50 23.46 16.31 12.75
N GLU C 51 22.51 15.38 12.74
CA GLU C 51 22.24 14.63 11.50
C GLU C 51 21.55 15.46 10.43
N LEU C 52 20.67 16.40 10.82
CA LEU C 52 20.09 17.26 9.79
C LEU C 52 21.19 18.07 9.08
N ASN C 53 22.09 18.64 9.86
CA ASN C 53 23.17 19.43 9.31
C ASN C 53 24.06 18.56 8.47
N ALA C 54 24.26 17.32 8.91
CA ALA C 54 25.09 16.35 8.14
C ALA C 54 24.47 16.10 6.77
N ALA C 55 23.13 16.00 6.70
CA ALA C 55 22.46 15.76 5.41
C ALA C 55 22.58 16.96 4.51
N TYR C 56 22.41 18.14 5.10
CA TYR C 56 22.62 19.39 4.36
C TYR C 56 24.06 19.45 3.84
N ALA C 57 24.99 19.05 4.69
CA ALA C 57 26.41 19.04 4.28
C ALA C 57 26.69 18.05 3.17
N ALA C 58 26.12 16.84 3.28
CA ALA C 58 26.28 15.82 2.20
C ALA C 58 25.74 16.37 0.89
N ASP C 59 24.66 17.13 0.98
CA ASP C 59 24.05 17.77 -0.20
C ASP C 59 25.06 18.76 -0.86
N GLY C 60 25.60 19.69 -0.08
CA GLY C 60 26.60 20.68 -0.58
C GLY C 60 27.80 19.96 -1.15
N TYR C 61 28.27 18.95 -0.45
CA TYR C 61 29.42 18.18 -0.93
C TYR C 61 29.10 17.55 -2.31
N ALA C 62 27.93 16.92 -2.43
CA ALA C 62 27.57 16.27 -3.70
C ALA C 62 27.48 17.25 -4.86
N ARG C 63 26.94 18.44 -4.58
CA ARG C 63 26.82 19.48 -5.59
C ARG C 63 28.19 19.81 -6.17
N ILE C 64 29.20 19.89 -5.31
CA ILE C 64 30.53 20.31 -5.74
C ILE C 64 31.36 19.17 -6.28
N LYS C 65 31.25 17.99 -5.66
CA LYS C 65 32.14 16.88 -5.95
C LYS C 65 31.55 15.88 -6.96
N GLY C 66 30.23 15.73 -6.96
CA GLY C 66 29.56 14.82 -7.87
C GLY C 66 28.52 13.95 -7.18
N MET C 67 28.89 13.42 -6.02
CA MET C 67 27.95 12.71 -5.14
C MET C 67 28.50 12.69 -3.72
N SER C 68 27.70 12.19 -2.79
CA SER C 68 28.12 12.15 -1.39
C SER C 68 27.58 10.98 -0.62
N CYS C 69 28.02 10.87 0.62
CA CYS C 69 27.54 9.85 1.54
C CYS C 69 27.38 10.40 2.94
N ILE C 70 26.20 10.12 3.53
CA ILE C 70 25.95 10.36 4.96
C ILE C 70 25.64 9.03 5.62
N ILE C 71 26.21 8.81 6.80
CA ILE C 71 25.94 7.63 7.60
C ILE C 71 25.28 8.06 8.88
N THR C 72 24.13 7.44 9.18
CA THR C 72 23.46 7.73 10.43
C THR C 72 23.15 6.43 11.17
N THR C 73 22.57 6.53 12.36
CA THR C 73 22.15 5.34 13.11
C THR C 73 20.63 5.16 13.04
N PHE C 74 20.21 3.89 13.11
CA PHE C 74 18.81 3.42 13.08
C PHE C 74 17.88 4.31 13.89
N GLY C 75 16.77 4.71 13.28
CA GLY C 75 15.73 5.49 13.98
C GLY C 75 16.12 6.93 14.22
N VAL C 76 16.86 7.14 15.32
CA VAL C 76 17.12 8.52 15.78
C VAL C 76 18.01 9.33 14.83
N GLY C 77 18.92 8.66 14.15
CA GLY C 77 19.84 9.35 13.26
C GLY C 77 19.19 9.54 11.91
N GLU C 78 18.67 8.46 11.33
CA GLU C 78 18.05 8.59 10.01
C GLU C 78 16.86 9.53 10.01
N LEU C 79 15.99 9.45 11.02
CA LEU C 79 14.83 10.35 10.98
C LEU C 79 15.24 11.83 11.12
N SER C 80 16.31 12.09 11.86
CA SER C 80 16.82 13.44 11.99
C SER C 80 17.26 14.02 10.64
N ALA C 81 17.70 13.15 9.73
CA ALA C 81 18.28 13.58 8.47
C ALA C 81 17.26 13.82 7.34
N LEU C 82 16.01 13.38 7.55
CA LEU C 82 15.10 13.25 6.40
C LEU C 82 14.77 14.56 5.69
N ASN C 83 14.70 15.69 6.40
CA ASN C 83 14.48 16.95 5.68
C ASN C 83 15.66 17.29 4.76
N GLY C 84 16.86 16.88 5.14
CA GLY C 84 18.03 17.01 4.27
C GLY C 84 17.89 16.12 3.04
N ILE C 85 17.60 14.84 3.28
CA ILE C 85 17.37 13.89 2.19
C ILE C 85 16.25 14.35 1.28
N ALA C 86 15.13 14.81 1.83
CA ALA C 86 14.03 15.24 0.95
C ALA C 86 14.45 16.40 0.03
N GLY C 87 15.23 17.35 0.55
CA GLY C 87 15.68 18.47 -0.28
C GLY C 87 16.62 18.02 -1.39
N SER C 88 17.42 17.01 -1.08
CA SER C 88 18.30 16.38 -2.08
C SER C 88 17.48 15.67 -3.15
N TYR C 89 16.40 15.01 -2.74
CA TYR C 89 15.52 14.36 -3.72
C TYR C 89 14.88 15.42 -4.59
N ALA C 90 14.33 16.46 -3.96
CA ALA C 90 13.62 17.50 -4.69
C ALA C 90 14.51 18.21 -5.71
N GLU C 91 15.78 18.42 -5.37
CA GLU C 91 16.64 19.25 -6.19
C GLU C 91 17.62 18.44 -6.99
N HIS C 92 17.39 17.13 -7.00
CA HIS C 92 18.22 16.18 -7.75
C HIS C 92 19.69 16.23 -7.36
N VAL C 93 19.93 15.97 -6.08
CA VAL C 93 21.30 15.82 -5.58
C VAL C 93 21.58 14.39 -5.13
N GLY C 94 22.65 13.81 -5.66
CA GLY C 94 22.97 12.40 -5.42
C GLY C 94 23.63 12.14 -4.08
N VAL C 95 22.81 11.85 -3.06
CA VAL C 95 23.27 11.57 -1.68
C VAL C 95 22.97 10.13 -1.30
N LEU C 96 24.02 9.37 -1.03
CA LEU C 96 23.84 8.00 -0.50
C LEU C 96 23.70 8.02 1.01
N HIS C 97 22.53 7.63 1.48
CA HIS C 97 22.25 7.62 2.92
C HIS C 97 22.39 6.19 3.41
N VAL C 98 23.48 5.95 4.11
CA VAL C 98 23.73 4.65 4.74
C VAL C 98 23.27 4.67 6.18
N VAL C 99 22.47 3.67 6.56
CA VAL C 99 22.02 3.61 7.94
C VAL C 99 22.55 2.34 8.58
N GLY C 100 23.17 2.48 9.76
CA GLY C 100 23.60 1.31 10.52
C GLY C 100 22.36 0.82 11.24
N VAL C 101 21.97 -0.43 11.01
CA VAL C 101 20.72 -0.95 11.60
C VAL C 101 20.99 -2.16 12.50
N PRO C 102 20.00 -2.56 13.34
CA PRO C 102 20.22 -3.69 14.22
C PRO C 102 20.57 -4.97 13.48
N SER C 103 21.23 -5.86 14.19
CA SER C 103 21.68 -7.10 13.59
C SER C 103 20.50 -7.90 13.03
N ILE C 104 20.81 -8.75 12.07
CA ILE C 104 19.84 -9.66 11.47
C ILE C 104 19.07 -10.44 12.56
N SER C 105 19.79 -10.94 13.57
CA SER C 105 19.15 -11.68 14.67
C SER C 105 18.28 -10.79 15.57
N SER C 106 18.77 -9.59 15.92
CA SER C 106 17.95 -8.65 16.71
C SER C 106 16.59 -8.41 16.05
N GLN C 107 16.62 -8.21 14.73
CA GLN C 107 15.43 -7.93 13.93
C GLN C 107 14.50 -9.15 13.95
N ALA C 108 15.05 -10.32 13.62
CA ALA C 108 14.28 -11.56 13.58
C ALA C 108 13.57 -11.83 14.90
N LYS C 109 14.26 -11.54 15.99
CA LYS C 109 13.74 -11.74 17.34
C LYS C 109 12.85 -10.59 17.81
N GLN C 110 12.76 -9.54 16.99
CA GLN C 110 11.93 -8.38 17.33
C GLN C 110 12.26 -7.85 18.74
N LEU C 111 13.56 -7.77 19.06
CA LEU C 111 14.00 -7.27 20.36
C LEU C 111 13.49 -5.83 20.56
N LEU C 112 12.99 -5.54 21.75
CA LEU C 112 12.49 -4.19 22.05
C LEU C 112 13.68 -3.29 22.33
N LEU C 113 14.38 -2.94 21.25
CA LEU C 113 15.62 -2.20 21.34
C LEU C 113 15.42 -0.70 21.33
N HIS C 114 16.41 0.01 21.88
CA HIS C 114 16.47 1.45 21.80
C HIS C 114 16.38 1.86 20.33
N HIS C 115 15.78 3.03 20.09
CA HIS C 115 15.62 3.60 18.74
C HIS C 115 14.55 2.91 17.91
N THR C 116 13.69 2.09 18.53
CA THR C 116 12.52 1.55 17.84
C THR C 116 11.27 2.22 18.39
N LEU C 117 10.14 1.99 17.70
CA LEU C 117 8.85 2.49 18.18
C LEU C 117 8.26 1.64 19.30
N GLY C 118 8.96 0.58 19.69
CA GLY C 118 8.54 -0.30 20.77
C GLY C 118 7.52 -1.32 20.32
N ASN C 119 7.32 -1.41 19.00
CA ASN C 119 6.29 -2.31 18.45
C ASN C 119 6.85 -3.47 17.62
N GLY C 120 8.18 -3.61 17.65
CA GLY C 120 8.91 -4.68 16.96
C GLY C 120 9.02 -4.56 15.44
N ASP C 121 8.67 -3.39 14.91
CA ASP C 121 8.72 -3.15 13.47
C ASP C 121 10.05 -2.51 13.10
N PHE C 122 10.96 -3.30 12.54
CA PHE C 122 12.25 -2.78 12.12
C PHE C 122 12.24 -2.30 10.68
N THR C 123 11.07 -2.29 10.04
CA THR C 123 10.97 -1.81 8.64
C THR C 123 10.50 -0.37 8.50
N VAL C 124 9.99 0.21 9.59
CA VAL C 124 9.25 1.47 9.51
C VAL C 124 10.05 2.65 8.97
N PHE C 125 11.30 2.78 9.39
CA PHE C 125 12.08 3.96 8.99
C PHE C 125 12.54 3.80 7.53
N HIS C 126 12.86 2.57 7.16
CA HIS C 126 13.15 2.22 5.77
C HIS C 126 11.96 2.57 4.89
N ARG C 127 10.75 2.12 5.29
CA ARG C 127 9.56 2.48 4.55
C ARG C 127 9.36 4.00 4.43
N MET C 128 9.67 4.74 5.51
CA MET C 128 9.49 6.19 5.45
C MET C 128 10.44 6.81 4.44
N SER C 129 11.70 6.38 4.49
CA SER C 129 12.72 6.90 3.58
C SER C 129 12.49 6.54 2.10
N ALA C 130 11.77 5.45 1.86
CA ALA C 130 11.51 5.00 0.47
C ALA C 130 10.75 6.09 -0.27
N ASN C 131 9.96 6.89 0.45
CA ASN C 131 9.21 7.99 -0.17
C ASN C 131 10.03 9.14 -0.77
N ILE C 132 11.26 9.26 -0.32
CA ILE C 132 12.11 10.34 -0.75
C ILE C 132 13.44 9.81 -1.28
N SER C 133 13.42 8.57 -1.77
CA SER C 133 14.62 7.90 -2.31
C SER C 133 14.35 7.42 -3.73
N GLU C 134 15.37 7.46 -4.59
CA GLU C 134 15.25 6.82 -5.92
C GLU C 134 15.09 5.30 -5.80
N THR C 135 15.91 4.69 -4.94
CA THR C 135 15.80 3.29 -4.63
C THR C 135 16.29 3.08 -3.21
N THR C 136 16.04 1.88 -2.69
CA THR C 136 16.51 1.51 -1.37
C THR C 136 17.07 0.11 -1.41
N ALA C 137 17.91 -0.20 -0.43
CA ALA C 137 18.37 -1.56 -0.21
C ALA C 137 18.52 -1.78 1.29
N MET C 138 17.89 -2.82 1.79
CA MET C 138 17.99 -3.20 3.18
C MET C 138 18.78 -4.52 3.15
N ILE C 139 20.09 -4.45 3.38
CA ILE C 139 20.97 -5.62 3.23
C ILE C 139 20.61 -6.74 4.19
N THR C 140 20.48 -7.97 3.68
CA THR C 140 20.10 -9.11 4.55
C THR C 140 21.05 -10.30 4.48
N ASP C 141 21.89 -10.34 3.45
CA ASP C 141 22.87 -11.41 3.33
C ASP C 141 24.20 -10.98 2.75
N ILE C 142 25.26 -11.52 3.33
CA ILE C 142 26.62 -11.19 2.96
C ILE C 142 26.96 -11.48 1.49
N ALA C 143 26.38 -12.53 0.92
CA ALA C 143 26.70 -12.98 -0.44
C ALA C 143 26.32 -11.96 -1.53
N THR C 144 25.20 -11.26 -1.34
CA THR C 144 24.70 -10.29 -2.34
C THR C 144 24.95 -8.83 -1.92
N ALA C 145 25.46 -8.63 -0.72
CA ALA C 145 25.77 -7.26 -0.21
C ALA C 145 26.67 -6.40 -1.13
N PRO C 146 27.81 -6.95 -1.60
CA PRO C 146 28.62 -6.08 -2.48
C PRO C 146 27.89 -5.58 -3.73
N ALA C 147 27.12 -6.43 -4.40
CA ALA C 147 26.38 -6.02 -5.60
C ALA C 147 25.34 -4.95 -5.26
N GLU C 148 24.72 -5.08 -4.09
CA GLU C 148 23.71 -4.12 -3.66
C GLU C 148 24.35 -2.76 -3.35
N ILE C 149 25.48 -2.78 -2.66
CA ILE C 149 26.31 -1.56 -2.47
C ILE C 149 26.61 -0.91 -3.82
N ASP C 150 27.19 -1.66 -4.76
CA ASP C 150 27.48 -1.10 -6.08
C ASP C 150 26.24 -0.54 -6.78
N ARG C 151 25.11 -1.25 -6.70
CA ARG C 151 23.87 -0.80 -7.32
C ARG C 151 23.43 0.54 -6.71
N CYS C 152 23.51 0.62 -5.39
CA CYS C 152 23.12 1.83 -4.68
C CYS C 152 24.00 3.04 -5.04
N ILE C 153 25.31 2.81 -5.08
CA ILE C 153 26.24 3.87 -5.48
C ILE C 153 26.02 4.28 -6.94
N ARG C 154 25.87 3.30 -7.83
CA ARG C 154 25.58 3.64 -9.23
C ARG C 154 24.33 4.48 -9.34
N THR C 155 23.25 4.02 -8.71
CA THR C 155 21.98 4.72 -8.83
C THR C 155 22.08 6.15 -8.31
N THR C 156 22.80 6.32 -7.19
CA THR C 156 22.97 7.65 -6.59
C THR C 156 23.61 8.58 -7.60
N TYR C 157 24.72 8.14 -8.20
CA TYR C 157 25.43 9.02 -9.13
C TYR C 157 24.64 9.30 -10.42
N VAL C 158 24.10 8.26 -11.04
CA VAL C 158 23.49 8.40 -12.34
C VAL C 158 22.14 9.11 -12.32
N THR C 159 21.33 8.87 -11.29
CA THR C 159 20.04 9.55 -11.20
C THR C 159 20.11 10.87 -10.45
N GLN C 160 21.21 11.07 -9.72
CA GLN C 160 21.38 12.24 -8.86
C GLN C 160 20.16 12.42 -7.96
N ARG C 161 19.79 11.34 -7.28
CA ARG C 161 18.79 11.39 -6.24
C ARG C 161 19.30 10.58 -5.08
N PRO C 162 18.81 10.86 -3.86
CA PRO C 162 19.19 10.02 -2.74
C PRO C 162 18.82 8.54 -2.84
N VAL C 163 19.67 7.72 -2.25
CA VAL C 163 19.48 6.26 -2.14
C VAL C 163 19.68 5.86 -0.71
N TYR C 164 18.84 4.94 -0.25
CA TYR C 164 18.87 4.50 1.11
C TYR C 164 19.48 3.12 1.15
N LEU C 165 20.49 2.94 2.00
CA LEU C 165 21.16 1.66 2.16
C LEU C 165 21.28 1.27 3.62
N GLY C 166 20.49 0.28 4.04
CA GLY C 166 20.56 -0.22 5.41
C GLY C 166 21.57 -1.34 5.55
N LEU C 167 22.49 -1.18 6.51
CA LEU C 167 23.56 -2.15 6.72
C LEU C 167 23.51 -2.67 8.16
N PRO C 168 23.01 -3.89 8.35
CA PRO C 168 23.00 -4.49 9.68
C PRO C 168 24.39 -4.56 10.30
N ALA C 169 24.46 -4.23 11.58
CA ALA C 169 25.71 -4.12 12.31
C ALA C 169 26.55 -5.40 12.23
N ASN C 170 25.91 -6.56 12.25
CA ASN C 170 26.64 -7.83 12.27
C ASN C 170 27.30 -8.18 10.94
N LEU C 171 26.84 -7.55 9.87
CA LEU C 171 27.32 -7.92 8.53
C LEU C 171 28.54 -7.11 8.12
N VAL C 172 28.75 -5.96 8.75
CA VAL C 172 29.80 -5.04 8.28
C VAL C 172 31.22 -5.60 8.51
N ASP C 173 31.33 -6.54 9.45
CA ASP C 173 32.62 -7.16 9.78
C ASP C 173 32.87 -8.50 9.10
N LEU C 174 31.91 -8.96 8.31
CA LEU C 174 32.09 -10.19 7.53
C LEU C 174 32.86 -9.89 6.25
N ASN C 175 33.72 -10.82 5.85
CA ASN C 175 34.55 -10.65 4.66
C ASN C 175 33.82 -10.91 3.36
N VAL C 176 34.22 -10.15 2.36
CA VAL C 176 33.75 -10.29 0.99
C VAL C 176 34.99 -10.44 0.10
N PRO C 177 34.85 -10.98 -1.14
CA PRO C 177 36.09 -11.15 -1.92
C PRO C 177 36.63 -9.80 -2.41
N ALA C 178 37.88 -9.49 -2.07
CA ALA C 178 38.48 -8.20 -2.43
C ALA C 178 38.60 -7.98 -3.94
N LYS C 179 38.67 -9.07 -4.71
CA LYS C 179 38.80 -8.99 -6.16
C LYS C 179 37.68 -8.17 -6.81
N LEU C 180 36.54 -8.08 -6.13
CA LEU C 180 35.40 -7.37 -6.68
C LEU C 180 35.74 -5.91 -6.92
N LEU C 181 36.63 -5.36 -6.11
CA LEU C 181 37.01 -3.94 -6.20
C LEU C 181 37.80 -3.62 -7.46
N GLN C 182 38.30 -4.66 -8.13
CA GLN C 182 39.13 -4.49 -9.33
C GLN C 182 38.32 -4.16 -10.57
N THR C 183 37.02 -4.46 -10.54
CA THR C 183 36.11 -4.06 -11.61
C THR C 183 35.38 -2.81 -11.09
N PRO C 184 35.49 -1.70 -11.84
CA PRO C 184 34.79 -0.46 -11.46
C PRO C 184 33.27 -0.58 -11.54
N ILE C 185 32.59 0.23 -10.73
CA ILE C 185 31.18 0.41 -10.91
C ILE C 185 30.97 1.21 -12.19
N ASP C 186 29.98 0.81 -13.00
CA ASP C 186 29.57 1.58 -14.17
C ASP C 186 28.81 2.84 -13.74
N MET C 187 29.36 3.99 -14.09
CA MET C 187 28.87 5.27 -13.58
C MET C 187 28.30 6.14 -14.66
N SER C 188 27.93 5.51 -15.77
CA SER C 188 27.43 6.23 -16.93
C SER C 188 25.97 5.90 -17.15
N LEU C 189 25.23 6.89 -17.66
CA LEU C 189 23.84 6.71 -18.05
C LEU C 189 23.74 5.64 -19.14
N LYS C 190 22.62 4.90 -19.14
CA LYS C 190 22.28 3.97 -20.22
C LYS C 190 22.06 4.77 -21.52
N PRO C 191 22.15 4.10 -22.68
CA PRO C 191 22.02 4.86 -23.92
C PRO C 191 20.56 5.10 -24.33
N ASN C 192 20.33 6.13 -25.13
CA ASN C 192 19.00 6.46 -25.63
C ASN C 192 18.55 5.49 -26.70
N ASP C 193 17.22 5.36 -26.87
CA ASP C 193 16.65 4.64 -28.00
C ASP C 193 17.13 5.33 -29.27
N ALA C 194 17.70 4.56 -30.21
CA ALA C 194 18.46 5.16 -31.31
C ALA C 194 17.60 6.05 -32.22
N GLU C 195 16.45 5.52 -32.64
CA GLU C 195 15.55 6.23 -33.56
C GLU C 195 14.97 7.48 -32.93
N SER C 196 14.55 7.37 -31.67
CA SER C 196 13.99 8.50 -30.95
C SER C 196 15.00 9.64 -30.78
N GLU C 197 16.25 9.28 -30.45
CA GLU C 197 17.31 10.26 -30.30
C GLU C 197 17.61 10.96 -31.61
N LYS C 198 17.72 10.18 -32.68
CA LYS C 198 17.96 10.73 -34.01
C LYS C 198 16.86 11.69 -34.44
N GLU C 199 15.60 11.32 -34.22
CA GLU C 199 14.51 12.22 -34.54
C GLU C 199 14.63 13.52 -33.75
N VAL C 200 14.93 13.43 -32.45
CA VAL C 200 15.07 14.61 -31.61
C VAL C 200 16.17 15.55 -32.13
N ILE C 201 17.32 14.99 -32.44
CA ILE C 201 18.44 15.82 -32.92
C ILE C 201 18.08 16.49 -34.25
N ASP C 202 17.49 15.71 -35.15
CA ASP C 202 17.12 16.19 -36.48
C ASP C 202 16.15 17.36 -36.38
N THR C 203 15.17 17.23 -35.53
CA THR C 203 14.17 18.25 -35.37
C THR C 203 14.73 19.54 -34.74
N ILE C 204 15.59 19.38 -33.75
CA ILE C 204 16.28 20.53 -33.16
C ILE C 204 17.14 21.26 -34.20
N LEU C 205 17.96 20.52 -34.93
CA LEU C 205 18.79 21.11 -35.98
C LEU C 205 17.94 21.92 -36.97
N ALA C 206 16.83 21.36 -37.41
CA ALA C 206 15.91 22.06 -38.30
C ALA C 206 15.37 23.37 -37.71
N LEU C 207 14.99 23.34 -36.43
CA LEU C 207 14.51 24.53 -35.73
C LEU C 207 15.61 25.59 -35.62
N VAL C 208 16.83 25.15 -35.33
CA VAL C 208 17.98 26.05 -35.24
C VAL C 208 18.24 26.73 -36.58
N LYS C 209 18.15 25.95 -37.67
CA LYS C 209 18.40 26.46 -39.02
C LYS C 209 17.47 27.61 -39.40
N ASP C 210 16.25 27.60 -38.87
CA ASP C 210 15.23 28.60 -39.23
C ASP C 210 15.05 29.77 -38.24
N ALA C 211 15.72 29.70 -37.09
CA ALA C 211 15.58 30.71 -36.03
C ALA C 211 16.34 32.00 -36.34
N LYS C 212 15.75 33.14 -36.03
CA LYS C 212 16.40 34.44 -36.23
C LYS C 212 16.73 35.11 -34.89
N ASN C 213 16.06 34.66 -33.83
CA ASN C 213 16.35 35.15 -32.48
C ASN C 213 16.32 33.99 -31.47
N PRO C 214 17.16 32.96 -31.66
CA PRO C 214 17.23 31.85 -30.71
C PRO C 214 17.97 32.24 -29.45
N VAL C 215 17.56 31.67 -28.32
CA VAL C 215 18.25 31.86 -27.03
C VAL C 215 18.45 30.52 -26.31
N ILE C 216 19.43 30.50 -25.41
CA ILE C 216 19.74 29.37 -24.57
C ILE C 216 19.36 29.78 -23.14
N LEU C 217 18.63 28.93 -22.44
CA LEU C 217 18.29 29.19 -21.04
C LEU C 217 18.72 28.01 -20.18
N ALA C 218 19.77 28.21 -19.38
CA ALA C 218 20.30 27.17 -18.49
C ALA C 218 19.56 27.19 -17.15
N ASP C 219 18.96 26.06 -16.78
CA ASP C 219 18.19 25.95 -15.54
C ASP C 219 18.82 24.91 -14.62
N ALA C 220 18.09 24.57 -13.56
CA ALA C 220 18.60 23.70 -12.50
C ALA C 220 19.32 22.46 -12.99
N CYS C 221 18.69 21.72 -13.90
CA CYS C 221 19.22 20.40 -14.29
C CYS C 221 20.39 20.46 -15.25
N CYS C 222 20.66 21.64 -15.82
CA CYS C 222 21.91 21.87 -16.54
C CYS C 222 23.08 21.55 -15.63
N SER C 223 22.92 21.89 -14.35
CA SER C 223 23.92 21.68 -13.31
C SER C 223 23.74 20.33 -12.63
N ARG C 224 22.50 20.01 -12.24
CA ARG C 224 22.25 18.83 -11.43
C ARG C 224 22.48 17.55 -12.21
N HIS C 225 22.19 17.58 -13.51
CA HIS C 225 22.41 16.41 -14.34
C HIS C 225 23.53 16.62 -15.36
N ASP C 226 24.63 17.18 -14.86
CA ASP C 226 25.93 17.05 -15.49
C ASP C 226 26.04 17.43 -16.99
N VAL C 227 25.48 18.57 -17.41
CA VAL C 227 25.66 19.01 -18.82
C VAL C 227 26.21 20.44 -18.95
N LYS C 228 26.94 20.90 -17.94
CA LYS C 228 27.61 22.19 -18.02
C LYS C 228 28.64 22.31 -19.16
N ALA C 229 29.44 21.26 -19.36
CA ALA C 229 30.46 21.30 -20.42
C ALA C 229 29.82 21.40 -21.81
N GLU C 230 28.81 20.57 -22.05
CA GLU C 230 28.05 20.56 -23.30
C GLU C 230 27.34 21.88 -23.54
N THR C 231 26.83 22.47 -22.47
CA THR C 231 26.15 23.76 -22.58
C THR C 231 27.12 24.88 -22.96
N LYS C 232 28.32 24.84 -22.39
CA LYS C 232 29.35 25.81 -22.75
C LYS C 232 29.72 25.65 -24.23
N LYS C 233 29.89 24.42 -24.69
CA LYS C 233 30.14 24.17 -26.14
C LYS C 233 28.98 24.67 -27.00
N LEU C 234 27.75 24.45 -26.53
CA LEU C 234 26.57 24.88 -27.28
C LEU C 234 26.59 26.40 -27.46
N ILE C 235 26.97 27.12 -26.41
CA ILE C 235 27.04 28.57 -26.47
C ILE C 235 28.14 28.98 -27.44
N ASP C 236 29.26 28.26 -27.36
CA ASP C 236 30.43 28.56 -28.18
C ASP C 236 30.14 28.39 -29.66
N LEU C 237 29.66 27.20 -30.02
CA LEU C 237 29.44 26.83 -31.44
C LEU C 237 28.31 27.64 -32.08
N THR C 238 27.38 28.10 -31.24
CA THR C 238 26.22 28.81 -31.72
C THR C 238 26.28 30.31 -31.68
N GLN C 239 26.86 30.88 -30.62
CA GLN C 239 26.86 32.33 -30.39
C GLN C 239 25.48 32.90 -30.07
N PHE C 240 24.55 32.03 -29.70
CA PHE C 240 23.23 32.48 -29.28
C PHE C 240 23.35 33.13 -27.91
N PRO C 241 22.53 34.17 -27.65
CA PRO C 241 22.44 34.76 -26.31
C PRO C 241 22.15 33.65 -25.29
N ALA C 242 22.78 33.72 -24.13
CA ALA C 242 22.61 32.66 -23.13
C ALA C 242 22.22 33.25 -21.79
N PHE C 243 21.18 32.68 -21.19
CA PHE C 243 20.66 33.18 -19.92
C PHE C 243 20.58 32.06 -18.93
N VAL C 244 20.46 32.43 -17.66
CA VAL C 244 20.40 31.44 -16.59
C VAL C 244 19.22 31.75 -15.70
N THR C 245 18.70 30.72 -15.04
CA THR C 245 17.63 30.90 -14.04
C THR C 245 18.27 31.01 -12.65
N PRO C 246 17.51 31.48 -11.66
CA PRO C 246 18.03 31.48 -10.29
C PRO C 246 18.60 30.12 -9.86
N MET C 247 17.89 29.04 -10.15
CA MET C 247 18.32 27.74 -9.69
C MET C 247 19.53 27.21 -10.44
N GLY C 248 19.75 27.70 -11.67
CA GLY C 248 20.91 27.27 -12.45
C GLY C 248 22.07 28.26 -12.43
N LYS C 249 21.95 29.32 -11.63
CA LYS C 249 22.97 30.38 -11.67
C LYS C 249 24.38 29.83 -11.34
N GLY C 250 25.34 30.14 -12.19
CA GLY C 250 26.69 29.58 -12.07
C GLY C 250 26.98 28.47 -13.08
N SER C 251 25.92 27.85 -13.62
CA SER C 251 26.09 26.75 -14.58
C SER C 251 26.65 27.21 -15.92
N ILE C 252 26.48 28.50 -16.21
CA ILE C 252 27.12 29.13 -17.37
C ILE C 252 27.96 30.32 -16.92
N ASP C 253 29.06 30.56 -17.63
CA ASP C 253 30.00 31.60 -17.22
C ASP C 253 29.45 32.98 -17.51
N GLU C 254 29.44 33.84 -16.49
CA GLU C 254 28.75 35.12 -16.60
C GLU C 254 29.58 36.22 -17.26
N GLN C 255 30.87 35.95 -17.48
CA GLN C 255 31.74 36.87 -18.20
C GLN C 255 31.87 36.53 -19.68
N HIS C 256 31.18 35.47 -20.11
CA HIS C 256 31.12 35.16 -21.54
C HIS C 256 30.43 36.33 -22.26
N PRO C 257 30.94 36.75 -23.42
CA PRO C 257 30.36 37.90 -24.13
C PRO C 257 28.89 37.70 -24.55
N ARG C 258 28.47 36.44 -24.66
CA ARG C 258 27.11 36.13 -25.10
C ARG C 258 26.19 35.86 -23.90
N TYR C 259 26.71 35.98 -22.69
CA TYR C 259 25.87 35.85 -21.50
C TYR C 259 24.94 37.04 -21.39
N GLY C 260 23.65 36.78 -21.24
CA GLY C 260 22.66 37.83 -21.22
C GLY C 260 21.99 38.18 -19.90
N GLY C 261 22.19 37.33 -18.89
CA GLY C 261 21.63 37.65 -17.57
C GLY C 261 20.78 36.55 -16.95
N VAL C 262 20.12 36.90 -15.84
CA VAL C 262 19.30 35.97 -15.08
C VAL C 262 17.83 36.15 -15.44
N TYR C 263 17.23 35.13 -16.01
CA TYR C 263 15.82 35.22 -16.38
C TYR C 263 14.96 34.64 -15.27
N VAL C 264 14.09 35.48 -14.71
CA VAL C 264 13.18 35.13 -13.61
C VAL C 264 11.76 35.66 -13.90
N GLY C 265 11.26 35.43 -15.11
CA GLY C 265 9.93 35.93 -15.49
C GLY C 265 9.84 37.46 -15.40
N THR C 266 8.78 37.96 -14.75
CA THR C 266 8.58 39.40 -14.58
C THR C 266 9.56 40.03 -13.59
N LEU C 267 10.23 39.20 -12.80
CA LEU C 267 11.20 39.65 -11.81
C LEU C 267 12.61 39.82 -12.38
N SER C 268 12.75 39.61 -13.69
CA SER C 268 14.02 39.82 -14.39
C SER C 268 14.31 41.31 -14.53
N LYS C 269 15.60 41.66 -14.69
CA LYS C 269 15.96 42.95 -15.26
C LYS C 269 15.13 43.11 -16.54
N PRO C 270 14.47 44.27 -16.73
CA PRO C 270 13.54 44.47 -17.84
C PRO C 270 14.11 44.07 -19.20
N GLU C 271 15.37 44.47 -19.47
CA GLU C 271 16.02 44.11 -20.72
C GLU C 271 16.22 42.60 -20.88
N VAL C 272 16.44 41.90 -19.76
CA VAL C 272 16.62 40.44 -19.78
C VAL C 272 15.30 39.73 -20.11
N LYS C 273 14.20 40.20 -19.52
CA LYS C 273 12.88 39.64 -19.75
C LYS C 273 12.48 39.73 -21.23
N GLU C 274 12.62 40.92 -21.81
CA GLU C 274 12.30 41.12 -23.24
C GLU C 274 13.25 40.35 -24.17
N ALA C 275 14.52 40.21 -23.80
CA ALA C 275 15.46 39.51 -24.68
C ALA C 275 15.15 38.01 -24.75
N VAL C 276 14.71 37.45 -23.64
CA VAL C 276 14.32 36.04 -23.59
C VAL C 276 12.97 35.85 -24.25
N GLU C 277 12.00 36.69 -23.87
CA GLU C 277 10.63 36.50 -24.33
C GLU C 277 10.39 36.91 -25.78
N SER C 278 11.36 37.59 -26.37
CA SER C 278 11.30 37.93 -27.81
C SER C 278 11.89 36.83 -28.70
N ALA C 279 12.46 35.80 -28.07
CA ALA C 279 13.09 34.70 -28.78
C ALA C 279 12.12 34.00 -29.72
N ASP C 280 12.59 33.56 -30.89
CA ASP C 280 11.77 32.72 -31.77
C ASP C 280 12.14 31.25 -31.69
N LEU C 281 13.06 30.94 -30.77
CA LEU C 281 13.43 29.59 -30.38
C LEU C 281 14.09 29.65 -29.01
N ILE C 282 13.71 28.73 -28.12
CA ILE C 282 14.33 28.63 -26.80
C ILE C 282 14.92 27.23 -26.59
N LEU C 283 16.23 27.17 -26.42
CA LEU C 283 16.90 25.93 -26.07
C LEU C 283 17.01 25.92 -24.57
N SER C 284 16.05 25.25 -23.94
CA SER C 284 15.91 25.24 -22.48
C SER C 284 16.66 24.04 -21.96
N VAL C 285 17.70 24.29 -21.20
CA VAL C 285 18.53 23.22 -20.70
C VAL C 285 18.25 22.95 -19.23
N GLY C 286 17.43 21.92 -18.98
CA GLY C 286 17.20 21.44 -17.62
C GLY C 286 16.19 22.19 -16.78
N ALA C 287 15.11 22.66 -17.40
CA ALA C 287 14.07 23.44 -16.72
C ALA C 287 13.48 22.76 -15.48
N LEU C 288 13.25 23.56 -14.46
CA LEU C 288 12.58 23.12 -13.25
C LEU C 288 11.75 24.34 -12.87
N LEU C 289 10.48 24.30 -13.26
CA LEU C 289 9.64 25.48 -13.28
C LEU C 289 8.87 25.76 -11.98
N SER C 290 9.61 25.87 -10.87
CA SER C 290 9.01 26.06 -9.55
C SER C 290 8.56 27.49 -9.39
N ASP C 291 7.75 27.76 -8.35
CA ASP C 291 7.22 29.11 -8.13
C ASP C 291 8.31 30.19 -8.06
N PHE C 292 9.26 30.02 -7.15
CA PHE C 292 10.30 31.03 -6.96
C PHE C 292 11.30 31.09 -8.11
N ASN C 293 11.49 29.98 -8.82
CA ASN C 293 12.43 29.95 -9.93
C ASN C 293 11.93 30.72 -11.16
N THR C 294 10.61 30.89 -11.23
CA THR C 294 9.92 31.48 -12.37
C THR C 294 9.18 32.78 -12.04
N GLY C 295 9.65 33.45 -11.01
CA GLY C 295 9.04 34.69 -10.57
C GLY C 295 7.54 34.56 -10.33
N SER C 296 7.17 33.50 -9.59
CA SER C 296 5.77 33.13 -9.36
C SER C 296 5.02 32.80 -10.66
N PHE C 297 5.61 31.87 -11.41
CA PHE C 297 5.05 31.30 -12.65
C PHE C 297 4.76 32.34 -13.73
N SER C 298 5.64 33.34 -13.81
CA SER C 298 5.39 34.54 -14.62
C SER C 298 6.04 34.54 -16.00
N TYR C 299 6.61 33.40 -16.40
CA TYR C 299 7.15 33.24 -17.75
C TYR C 299 6.12 33.70 -18.78
N SER C 300 6.56 34.47 -19.76
CA SER C 300 5.63 35.09 -20.69
C SER C 300 6.17 35.13 -22.13
N TYR C 301 7.07 34.20 -22.45
CA TYR C 301 7.53 34.06 -23.84
C TYR C 301 6.46 33.42 -24.71
N LYS C 302 6.31 33.93 -25.94
CA LYS C 302 5.18 33.56 -26.78
C LYS C 302 5.49 32.59 -27.93
N THR C 303 6.75 32.42 -28.25
CA THR C 303 7.09 31.37 -29.20
C THR C 303 6.58 29.98 -28.80
N LYS C 304 6.19 29.20 -29.80
CA LYS C 304 5.85 27.80 -29.63
C LYS C 304 7.11 26.95 -29.68
N ASN C 305 8.18 27.52 -30.22
CA ASN C 305 9.42 26.77 -30.46
C ASN C 305 10.27 26.69 -29.19
N ILE C 306 9.79 25.89 -28.26
CA ILE C 306 10.52 25.62 -27.03
C ILE C 306 11.08 24.22 -27.14
N VAL C 307 12.39 24.10 -26.97
CA VAL C 307 13.06 22.80 -26.89
C VAL C 307 13.48 22.60 -25.44
N GLU C 308 12.90 21.63 -24.78
CA GLU C 308 13.25 21.35 -23.39
C GLU C 308 14.18 20.15 -23.32
N PHE C 309 15.43 20.38 -22.92
CA PHE C 309 16.36 19.31 -22.61
C PHE C 309 16.15 18.92 -21.15
N HIS C 310 15.91 17.64 -20.89
CA HIS C 310 15.82 17.08 -19.53
C HIS C 310 16.64 15.81 -19.41
N SER C 311 16.98 15.42 -18.18
CA SER C 311 17.80 14.25 -17.95
C SER C 311 17.12 12.94 -18.37
N ASP C 312 15.79 12.93 -18.31
CA ASP C 312 15.03 11.69 -18.51
C ASP C 312 14.08 11.73 -19.71
N HIS C 313 14.06 12.86 -20.38
CA HIS C 313 13.20 13.06 -21.55
C HIS C 313 13.48 14.38 -22.24
N MET C 314 12.94 14.49 -23.44
CA MET C 314 12.99 15.70 -24.24
C MET C 314 11.57 16.12 -24.54
N LYS C 315 11.36 17.43 -24.69
CA LYS C 315 10.12 17.96 -25.22
C LYS C 315 10.48 18.97 -26.31
N ILE C 316 9.80 18.92 -27.45
CA ILE C 316 9.98 19.92 -28.51
C ILE C 316 8.57 20.39 -28.88
N ARG C 317 8.34 21.69 -28.73
CA ARG C 317 6.98 22.26 -28.81
C ARG C 317 6.08 21.38 -27.93
N ASN C 318 5.00 20.79 -28.47
CA ASN C 318 4.14 19.95 -27.66
C ASN C 318 4.52 18.47 -27.67
N ALA C 319 5.51 18.11 -28.50
CA ALA C 319 5.93 16.71 -28.61
C ALA C 319 6.83 16.33 -27.45
N THR C 320 6.50 15.22 -26.81
CA THR C 320 7.32 14.65 -25.79
C THR C 320 7.97 13.38 -26.21
N PHE C 321 9.18 13.25 -25.75
CA PHE C 321 9.98 12.08 -26.10
C PHE C 321 10.47 11.41 -24.81
N PRO C 322 9.64 10.52 -24.26
CA PRO C 322 9.97 9.88 -22.99
C PRO C 322 11.24 9.07 -23.10
N GLY C 323 12.07 9.12 -22.07
CA GLY C 323 13.24 8.26 -22.00
C GLY C 323 14.45 8.80 -22.76
N VAL C 324 14.26 9.84 -23.57
CA VAL C 324 15.39 10.41 -24.32
C VAL C 324 16.20 11.41 -23.47
N GLN C 325 17.37 10.96 -23.06
CA GLN C 325 18.22 11.70 -22.11
C GLN C 325 19.05 12.81 -22.76
N MET C 326 19.01 14.01 -22.18
CA MET C 326 19.67 15.18 -22.75
C MET C 326 21.18 15.05 -22.93
N LYS C 327 21.82 14.27 -22.05
CA LYS C 327 23.29 14.09 -22.09
C LYS C 327 23.76 13.77 -23.50
N PHE C 328 23.19 12.73 -24.09
CA PHE C 328 23.63 12.25 -25.40
C PHE C 328 23.01 13.01 -26.56
N VAL C 329 21.79 13.52 -26.38
CA VAL C 329 21.24 14.44 -27.35
C VAL C 329 22.15 15.67 -27.50
N LEU C 330 22.59 16.23 -26.38
CA LEU C 330 23.50 17.36 -26.42
C LEU C 330 24.82 16.99 -27.10
N GLN C 331 25.38 15.85 -26.73
CA GLN C 331 26.70 15.44 -27.22
C GLN C 331 26.73 15.27 -28.73
N LYS C 332 25.72 14.57 -29.25
CA LYS C 332 25.59 14.37 -30.70
C LYS C 332 25.10 15.62 -31.42
N LEU C 333 24.23 16.39 -30.75
CA LEU C 333 23.75 17.65 -31.30
C LEU C 333 24.94 18.55 -31.64
N LEU C 334 25.93 18.56 -30.74
CA LEU C 334 27.09 19.45 -30.87
C LEU C 334 27.89 19.20 -32.14
N THR C 335 27.86 17.95 -32.61
CA THR C 335 28.53 17.52 -33.86
C THR C 335 28.08 18.29 -35.11
N ASN C 336 26.81 18.69 -35.16
CA ASN C 336 26.24 19.38 -36.35
C ASN C 336 25.66 20.77 -36.11
N ILE C 337 25.62 21.20 -34.85
CA ILE C 337 24.98 22.47 -34.48
C ILE C 337 25.62 23.70 -35.13
N ALA C 338 26.94 23.68 -35.32
CA ALA C 338 27.62 24.85 -35.84
C ALA C 338 27.15 25.19 -37.26
N ASP C 339 26.99 24.19 -38.11
CA ASP C 339 26.49 24.49 -39.44
C ASP C 339 25.02 24.91 -39.44
N ALA C 340 24.23 24.31 -38.56
CA ALA C 340 22.84 24.73 -38.40
C ALA C 340 22.73 26.22 -38.03
N ALA C 341 23.65 26.68 -37.19
CA ALA C 341 23.65 28.07 -36.72
C ALA C 341 24.48 28.99 -37.61
N LYS C 342 25.10 28.45 -38.65
CA LYS C 342 26.01 29.22 -39.50
C LYS C 342 25.33 30.47 -40.10
N GLY C 343 24.04 30.36 -40.38
CA GLY C 343 23.27 31.49 -40.88
C GLY C 343 22.94 32.61 -39.88
N TYR C 344 23.10 32.36 -38.58
CA TYR C 344 22.67 33.31 -37.55
C TYR C 344 23.45 34.63 -37.57
N LYS C 345 22.72 35.75 -37.58
CA LYS C 345 23.29 37.09 -37.37
C LYS C 345 23.12 37.48 -35.90
N PRO C 346 24.22 37.67 -35.17
CA PRO C 346 24.18 37.88 -33.73
C PRO C 346 23.27 39.00 -33.24
N VAL C 347 22.39 38.68 -32.29
CA VAL C 347 21.55 39.66 -31.62
C VAL C 347 22.29 40.14 -30.37
N ALA C 348 22.26 41.44 -30.11
CA ALA C 348 22.92 41.99 -28.93
C ALA C 348 22.33 41.37 -27.65
N VAL C 349 23.17 41.21 -26.64
CA VAL C 349 22.70 40.76 -25.33
C VAL C 349 22.53 41.97 -24.42
N PRO C 350 21.58 41.91 -23.45
CA PRO C 350 21.43 43.02 -22.49
C PRO C 350 22.74 43.26 -21.75
N ALA C 351 23.09 44.53 -21.58
CA ALA C 351 24.34 44.88 -20.91
C ALA C 351 24.26 44.52 -19.43
N ARG C 352 25.42 44.35 -18.79
CA ARG C 352 25.44 44.18 -17.34
C ARG C 352 24.87 45.42 -16.67
N THR C 353 24.23 45.22 -15.52
CA THR C 353 23.77 46.31 -14.67
C THR C 353 24.97 47.23 -14.40
N PRO C 354 24.77 48.55 -14.51
CA PRO C 354 25.92 49.42 -14.23
C PRO C 354 26.43 49.28 -12.79
N ALA C 355 27.73 49.49 -12.61
CA ALA C 355 28.35 49.55 -11.30
C ALA C 355 27.66 50.61 -10.45
N ASN C 356 27.60 50.38 -9.14
CA ASN C 356 27.05 51.37 -8.22
C ASN C 356 27.77 52.70 -8.35
N ALA C 357 27.00 53.78 -8.26
CA ALA C 357 27.56 55.12 -8.21
C ALA C 357 28.34 55.33 -6.92
N ALA C 358 29.41 56.12 -7.00
CA ALA C 358 30.18 56.49 -5.81
C ALA C 358 29.27 57.22 -4.82
N VAL C 359 29.32 56.79 -3.57
CA VAL C 359 28.50 57.40 -2.50
C VAL C 359 29.38 57.61 -1.27
N PRO C 360 28.95 58.51 -0.36
CA PRO C 360 29.75 58.79 0.83
C PRO C 360 30.01 57.52 1.65
N ALA C 361 31.17 57.47 2.31
CA ALA C 361 31.57 56.30 3.11
C ALA C 361 30.54 55.93 4.19
N SER C 362 29.85 56.95 4.70
CA SER C 362 28.89 56.75 5.80
C SER C 362 27.55 56.17 5.34
N THR C 363 27.38 55.97 4.03
CA THR C 363 26.09 55.49 3.48
C THR C 363 25.73 54.14 4.11
N PRO C 364 24.57 54.06 4.78
CA PRO C 364 24.16 52.78 5.37
C PRO C 364 24.06 51.70 4.29
N LEU C 365 24.47 50.48 4.64
CA LEU C 365 24.31 49.37 3.71
C LEU C 365 22.82 49.11 3.40
N LYS C 366 22.55 48.91 2.12
CA LYS C 366 21.23 48.50 1.65
C LYS C 366 21.38 47.31 0.71
N GLN C 367 20.42 46.41 0.71
CA GLN C 367 20.56 45.20 -0.10
C GLN C 367 20.79 45.44 -1.59
N GLU C 368 20.06 46.38 -2.19
CA GLU C 368 20.21 46.60 -3.62
C GLU C 368 21.66 46.96 -3.95
N TRP C 369 22.24 47.86 -3.16
CA TRP C 369 23.62 48.28 -3.34
C TRP C 369 24.54 47.06 -3.13
N MET C 370 24.35 46.36 -2.01
CA MET C 370 25.23 45.24 -1.65
C MET C 370 25.37 44.17 -2.72
N TRP C 371 24.24 43.67 -3.23
CA TRP C 371 24.27 42.57 -4.21
C TRP C 371 24.93 43.04 -5.51
N ASN C 372 24.78 44.32 -5.85
CA ASN C 372 25.47 44.91 -7.02
C ASN C 372 26.96 45.17 -6.78
N GLN C 373 27.38 45.30 -5.52
CA GLN C 373 28.78 45.54 -5.19
C GLN C 373 29.51 44.20 -5.01
N LEU C 374 28.75 43.17 -4.65
CA LEU C 374 29.37 41.86 -4.30
C LEU C 374 30.25 41.31 -5.43
N GLY C 375 29.86 41.59 -6.66
CA GLY C 375 30.61 41.12 -7.83
C GLY C 375 32.07 41.51 -7.75
N ASN C 376 32.37 42.66 -7.16
CA ASN C 376 33.76 43.14 -7.02
C ASN C 376 34.63 42.21 -6.18
N PHE C 377 34.02 41.56 -5.20
CA PHE C 377 34.76 40.75 -4.22
C PHE C 377 35.02 39.35 -4.74
N LEU C 378 34.06 38.82 -5.49
CA LEU C 378 34.15 37.46 -6.01
C LEU C 378 35.30 37.25 -6.97
N GLN C 379 35.82 36.02 -7.01
CA GLN C 379 36.91 35.68 -7.90
C GLN C 379 36.61 34.34 -8.54
N GLU C 380 37.24 34.09 -9.68
CA GLU C 380 37.06 32.82 -10.39
C GLU C 380 37.36 31.67 -9.44
N GLY C 381 36.52 30.65 -9.50
CA GLY C 381 36.72 29.43 -8.69
C GLY C 381 35.95 29.47 -7.38
N ASP C 382 35.34 30.61 -7.08
CA ASP C 382 34.55 30.72 -5.85
C ASP C 382 33.34 29.80 -5.88
N VAL C 383 32.95 29.33 -4.69
CA VAL C 383 31.65 28.72 -4.46
C VAL C 383 30.82 29.73 -3.66
N VAL C 384 29.66 30.10 -4.21
CA VAL C 384 28.81 31.16 -3.62
C VAL C 384 27.44 30.59 -3.24
N ILE C 385 27.16 30.63 -1.95
CA ILE C 385 25.97 29.97 -1.42
C ILE C 385 25.05 31.02 -0.81
N ALA C 386 23.76 30.95 -1.13
CA ALA C 386 22.79 31.97 -0.71
C ALA C 386 21.63 31.29 -0.08
N GLU C 387 21.30 31.70 1.14
CA GLU C 387 20.17 31.08 1.84
C GLU C 387 18.80 31.62 1.39
N THR C 388 17.82 30.70 1.40
CA THR C 388 16.42 31.07 1.31
C THR C 388 16.10 32.27 2.20
N GLY C 389 15.40 33.26 1.64
CA GLY C 389 15.26 34.53 2.33
C GLY C 389 15.72 35.62 1.40
N THR C 390 16.00 36.80 1.93
CA THR C 390 16.43 37.91 1.06
C THR C 390 17.67 37.51 0.27
N SER C 391 18.54 36.71 0.88
CA SER C 391 19.82 36.37 0.23
C SER C 391 19.61 35.66 -1.10
N ALA C 392 18.72 34.67 -1.12
CA ALA C 392 18.41 33.95 -2.35
C ALA C 392 17.87 34.85 -3.46
N PHE C 393 17.07 35.85 -3.10
CA PHE C 393 16.62 36.85 -4.10
C PHE C 393 17.73 37.78 -4.54
N GLY C 394 18.52 38.27 -3.59
CA GLY C 394 19.56 39.25 -3.90
C GLY C 394 20.68 38.68 -4.77
N ILE C 395 21.04 37.42 -4.57
CA ILE C 395 22.19 36.86 -5.29
C ILE C 395 21.90 36.82 -6.79
N ASN C 396 20.63 36.80 -7.19
CA ASN C 396 20.30 36.87 -8.60
C ASN C 396 20.75 38.18 -9.26
N GLN C 397 20.97 39.22 -8.45
CA GLN C 397 21.39 40.54 -8.96
C GLN C 397 22.91 40.69 -8.94
N THR C 398 23.61 39.66 -8.46
CA THR C 398 25.07 39.69 -8.39
C THR C 398 25.69 39.06 -9.64
N THR C 399 26.66 39.74 -10.23
CA THR C 399 27.39 39.19 -11.38
C THR C 399 28.54 38.30 -10.89
N PHE C 400 28.61 37.07 -11.43
CA PHE C 400 29.67 36.13 -11.06
C PHE C 400 30.86 36.21 -11.99
N PRO C 401 32.08 35.95 -11.47
CA PRO C 401 33.20 35.71 -12.37
C PRO C 401 32.99 34.39 -13.09
N ASN C 402 33.77 34.13 -14.13
CA ASN C 402 33.76 32.80 -14.73
C ASN C 402 34.09 31.72 -13.69
N ASN C 403 33.58 30.52 -13.91
CA ASN C 403 33.86 29.37 -13.07
C ASN C 403 33.48 29.62 -11.61
N THR C 404 32.26 30.09 -11.40
CA THR C 404 31.72 30.23 -10.06
C THR C 404 30.60 29.22 -9.87
N TYR C 405 30.65 28.47 -8.78
CA TYR C 405 29.61 27.51 -8.48
C TYR C 405 28.62 28.14 -7.52
N GLY C 406 27.40 28.37 -8.00
CA GLY C 406 26.33 28.89 -7.15
C GLY C 406 25.49 27.79 -6.52
N ILE C 407 25.11 28.01 -5.27
CA ILE C 407 24.15 27.14 -4.58
C ILE C 407 23.03 28.01 -4.03
N SER C 408 21.81 27.71 -4.48
CA SER C 408 20.61 28.36 -3.99
C SER C 408 19.51 27.30 -4.11
N GLN C 409 18.99 26.85 -2.98
CA GLN C 409 17.99 25.74 -2.92
C GLN C 409 16.59 26.30 -3.21
N VAL C 410 16.38 26.78 -4.43
CA VAL C 410 15.17 27.54 -4.76
C VAL C 410 13.89 26.71 -4.69
N LEU C 411 13.95 25.42 -5.03
CA LEU C 411 12.74 24.57 -4.95
C LEU C 411 12.44 24.13 -3.53
N TRP C 412 13.37 23.41 -2.89
CA TRP C 412 13.08 22.89 -1.57
C TRP C 412 12.95 24.01 -0.54
N GLY C 413 13.87 24.97 -0.56
CA GLY C 413 13.69 26.21 0.19
C GLY C 413 13.70 26.00 1.70
N SER C 414 14.60 25.15 2.19
CA SER C 414 14.66 24.88 3.62
C SER C 414 15.64 25.80 4.32
N ILE C 415 15.14 26.77 5.10
CA ILE C 415 16.07 27.68 5.80
C ILE C 415 16.96 26.88 6.76
N GLY C 416 18.25 27.24 6.82
CA GLY C 416 19.19 26.54 7.66
C GLY C 416 20.11 25.68 6.79
N PHE C 417 19.57 25.23 5.65
CA PHE C 417 20.31 24.39 4.69
C PHE C 417 21.74 24.85 4.49
N THR C 418 21.89 26.15 4.31
CA THR C 418 23.19 26.66 3.82
C THR C 418 24.33 26.50 4.82
N THR C 419 24.09 26.53 6.13
CA THR C 419 25.21 26.36 7.09
C THR C 419 25.81 24.98 6.84
N GLY C 420 24.95 23.96 6.71
CA GLY C 420 25.42 22.61 6.39
C GLY C 420 26.04 22.55 5.00
N ALA C 421 25.37 23.13 4.01
CA ALA C 421 25.86 23.06 2.61
C ALA C 421 27.24 23.69 2.53
N THR C 422 27.47 24.75 3.33
CA THR C 422 28.76 25.45 3.32
C THR C 422 29.88 24.50 3.80
N LEU C 423 29.61 23.77 4.88
CA LEU C 423 30.57 22.76 5.35
C LEU C 423 30.92 21.75 4.25
N GLY C 424 29.88 21.16 3.65
CA GLY C 424 30.09 20.12 2.64
C GLY C 424 30.84 20.67 1.43
N ALA C 425 30.45 21.85 0.98
CA ALA C 425 31.08 22.49 -0.19
C ALA C 425 32.53 22.80 0.10
N ALA C 426 32.78 23.26 1.31
CA ALA C 426 34.16 23.59 1.73
C ALA C 426 35.01 22.33 1.76
N PHE C 427 34.47 21.21 2.24
CA PHE C 427 35.24 19.94 2.16
C PHE C 427 35.56 19.59 0.71
N ALA C 428 34.53 19.61 -0.12
CA ALA C 428 34.68 19.24 -1.53
C ALA C 428 35.66 20.18 -2.22
N ALA C 429 35.51 21.48 -1.99
CA ALA C 429 36.41 22.46 -2.64
C ALA C 429 37.85 22.25 -2.21
N GLU C 430 38.06 21.95 -0.93
CA GLU C 430 39.44 21.69 -0.45
C GLU C 430 40.04 20.51 -1.19
N GLU C 431 39.25 19.47 -1.38
CA GLU C 431 39.72 18.27 -2.08
C GLU C 431 40.06 18.55 -3.55
N ILE C 432 39.33 19.46 -4.18
CA ILE C 432 39.56 19.86 -5.57
C ILE C 432 40.76 20.82 -5.70
N ASP C 433 40.77 21.87 -4.87
CA ASP C 433 41.81 22.91 -4.92
C ASP C 433 41.67 23.79 -3.69
N PRO C 434 42.61 23.64 -2.74
CA PRO C 434 42.58 24.42 -1.50
C PRO C 434 42.56 25.96 -1.70
N LYS C 435 42.84 26.42 -2.91
CA LYS C 435 42.77 27.85 -3.24
C LYS C 435 41.35 28.33 -3.53
N LYS C 436 40.41 27.40 -3.73
CA LYS C 436 39.04 27.81 -4.00
C LYS C 436 38.42 28.35 -2.73
N ARG C 437 37.68 29.46 -2.85
CA ARG C 437 37.01 30.05 -1.68
C ARG C 437 35.57 29.62 -1.63
N VAL C 438 35.02 29.54 -0.41
CA VAL C 438 33.60 29.24 -0.24
C VAL C 438 32.99 30.44 0.51
N ILE C 439 31.93 31.00 -0.07
CA ILE C 439 31.36 32.28 0.39
C ILE C 439 29.88 32.03 0.65
N LEU C 440 29.43 32.28 1.88
CA LEU C 440 28.05 32.05 2.28
C LEU C 440 27.40 33.40 2.60
N PHE C 441 26.19 33.57 2.07
CA PHE C 441 25.26 34.61 2.54
C PHE C 441 24.07 33.94 3.21
N ILE C 442 23.96 34.13 4.53
CA ILE C 442 22.88 33.49 5.28
C ILE C 442 22.19 34.56 6.13
N GLY C 443 20.87 34.46 6.29
CA GLY C 443 20.20 35.43 7.12
C GLY C 443 20.35 35.10 8.59
N ASP C 444 20.15 36.11 9.43
CA ASP C 444 20.22 35.89 10.88
C ASP C 444 19.20 34.88 11.36
N GLY C 445 18.03 34.86 10.74
CA GLY C 445 17.00 33.85 11.10
C GLY C 445 17.40 32.42 10.77
N SER C 446 17.85 32.23 9.53
CA SER C 446 18.22 30.93 9.03
C SER C 446 19.42 30.34 9.76
N LEU C 447 20.38 31.21 10.10
CA LEU C 447 21.55 30.73 10.83
C LEU C 447 21.14 30.00 12.12
N GLN C 448 20.05 30.43 12.79
CA GLN C 448 19.72 29.83 14.08
C GLN C 448 19.42 28.33 13.99
N LEU C 449 18.87 27.88 12.85
CA LEU C 449 18.37 26.51 12.75
C LEU C 449 19.48 25.50 12.70
N THR C 450 20.65 25.97 12.25
CA THR C 450 21.74 25.04 11.93
C THR C 450 23.10 25.57 12.38
N VAL C 451 23.10 26.52 13.31
CA VAL C 451 24.32 27.26 13.67
C VAL C 451 25.50 26.38 14.13
N GLN C 452 25.20 25.25 14.75
CA GLN C 452 26.26 24.43 15.33
C GLN C 452 27.16 23.85 14.29
N GLU C 453 26.74 23.82 13.01
CA GLU C 453 27.69 23.24 12.01
C GLU C 453 28.94 24.06 11.78
N ILE C 454 28.94 25.32 12.24
CA ILE C 454 30.16 26.12 12.21
C ILE C 454 31.27 25.41 13.03
N SER C 455 30.87 24.70 14.08
CA SER C 455 31.77 23.88 14.88
C SER C 455 32.59 22.94 14.02
N THR C 456 31.94 22.30 13.05
CA THR C 456 32.61 21.27 12.26
C THR C 456 33.56 21.94 11.27
N MET C 457 33.22 23.14 10.82
CA MET C 457 34.12 23.89 9.96
C MET C 457 35.41 24.20 10.72
N ILE C 458 35.25 24.62 11.98
CA ILE C 458 36.39 25.01 12.81
C ILE C 458 37.28 23.79 13.07
N ARG C 459 36.66 22.66 13.37
CA ARG C 459 37.42 21.47 13.72
C ARG C 459 38.35 21.01 12.60
N TRP C 460 37.93 21.26 11.34
CA TRP C 460 38.70 20.83 10.16
C TRP C 460 39.54 21.95 9.57
N GLY C 461 39.53 23.11 10.22
CA GLY C 461 40.33 24.25 9.78
C GLY C 461 39.90 24.73 8.41
N LEU C 462 38.61 24.54 8.08
CA LEU C 462 38.07 25.03 6.80
C LEU C 462 37.90 26.55 6.86
N LYS C 463 37.97 27.23 5.71
CA LYS C 463 38.10 28.68 5.76
C LYS C 463 37.02 29.47 5.02
N PRO C 464 35.74 29.10 5.21
CA PRO C 464 34.74 29.84 4.45
C PRO C 464 34.56 31.26 4.97
N TYR C 465 33.93 32.09 4.12
CA TYR C 465 33.52 33.45 4.46
C TYR C 465 32.04 33.37 4.82
N LEU C 466 31.71 33.65 6.07
CA LEU C 466 30.32 33.53 6.53
C LEU C 466 29.74 34.92 6.70
N PHE C 467 29.01 35.39 5.69
CA PHE C 467 28.33 36.70 5.76
C PHE C 467 26.94 36.46 6.36
N VAL C 468 26.68 37.07 7.52
CA VAL C 468 25.39 36.91 8.21
C VAL C 468 24.66 38.21 8.03
N LEU C 469 23.48 38.16 7.43
CA LEU C 469 22.68 39.38 7.21
C LEU C 469 21.81 39.64 8.42
N ASN C 470 22.25 40.57 9.26
CA ASN C 470 21.48 40.93 10.43
C ASN C 470 20.48 42.03 10.09
N ASN C 471 19.24 41.62 9.86
CA ASN C 471 18.13 42.56 9.67
C ASN C 471 17.07 42.35 10.76
N ASP C 472 17.51 41.78 11.89
CA ASP C 472 16.67 41.60 13.06
C ASP C 472 15.35 40.85 12.75
N GLY C 473 15.47 39.64 12.21
CA GLY C 473 14.31 38.75 12.05
C GLY C 473 14.10 38.24 10.65
N TYR C 474 12.88 37.77 10.37
CA TYR C 474 12.55 37.10 9.12
C TYR C 474 12.00 38.12 8.13
N THR C 475 12.86 38.87 7.50
CA THR C 475 12.39 39.95 6.66
C THR C 475 11.55 39.51 5.46
N ILE C 476 11.96 38.46 4.82
CA ILE C 476 11.22 37.96 3.65
C ILE C 476 9.77 37.67 4.01
N GLN C 477 9.54 37.16 5.21
CA GLN C 477 8.16 36.94 5.63
C GLN C 477 7.45 38.24 6.03
N LYS C 478 8.17 39.16 6.68
CA LYS C 478 7.58 40.43 7.11
C LYS C 478 7.05 41.21 5.90
N LEU C 479 7.72 41.05 4.76
CA LEU C 479 7.40 41.79 3.54
C LEU C 479 6.12 41.30 2.89
N ILE C 480 5.73 40.08 3.22
CA ILE C 480 4.62 39.40 2.58
C ILE C 480 3.41 39.27 3.52
N HIS C 481 3.69 38.95 4.78
CA HIS C 481 2.63 38.74 5.77
C HIS C 481 3.12 38.92 7.20
N GLY C 482 2.42 39.76 7.95
CA GLY C 482 2.73 39.97 9.36
C GLY C 482 4.01 40.76 9.63
N PRO C 483 4.09 42.00 9.13
CA PRO C 483 5.32 42.80 9.31
C PRO C 483 5.71 43.02 10.78
N LYS C 484 4.73 43.01 11.68
CA LYS C 484 4.96 43.24 13.11
C LYS C 484 4.70 41.98 13.95
N ALA C 485 4.34 40.89 13.28
CA ALA C 485 3.97 39.65 13.97
C ALA C 485 5.14 39.06 14.73
N GLN C 486 4.90 38.66 15.98
CA GLN C 486 5.99 38.20 16.84
C GLN C 486 6.61 36.91 16.33
N TYR C 487 5.86 36.12 15.58
CA TYR C 487 6.41 34.89 14.97
C TYR C 487 7.48 35.20 13.89
N ASN C 488 7.52 36.44 13.41
CA ASN C 488 8.59 36.87 12.45
C ASN C 488 9.82 37.50 13.12
N GLU C 489 9.83 37.55 14.44
CA GLU C 489 10.94 38.12 15.18
C GLU C 489 11.73 36.99 15.81
N ILE C 490 12.99 37.25 16.14
CA ILE C 490 13.87 36.21 16.67
C ILE C 490 14.67 36.75 17.85
N GLN C 491 15.19 35.85 18.66
CA GLN C 491 16.10 36.23 19.71
C GLN C 491 17.38 36.78 19.09
N GLY C 492 17.87 37.90 19.63
CA GLY C 492 19.06 38.54 19.08
C GLY C 492 20.32 37.89 19.65
N TRP C 493 21.13 37.33 18.75
CA TRP C 493 22.39 36.69 19.11
C TRP C 493 23.58 37.65 18.91
N ASP C 494 24.64 37.37 19.63
CA ASP C 494 25.95 38.02 19.43
C ASP C 494 26.68 37.18 18.39
N HIS C 495 26.39 37.47 17.12
CA HIS C 495 26.90 36.63 16.02
C HIS C 495 28.40 36.49 16.01
N LEU C 496 29.12 37.59 16.25
CA LEU C 496 30.57 37.52 16.13
C LEU C 496 31.24 36.69 17.24
N SER C 497 30.49 36.41 18.32
CA SER C 497 31.00 35.55 19.38
C SER C 497 30.83 34.04 19.09
N LEU C 498 30.15 33.71 17.99
CA LEU C 498 29.93 32.28 17.70
C LEU C 498 31.21 31.52 17.46
N LEU C 499 32.09 32.06 16.62
CA LEU C 499 33.33 31.36 16.32
C LEU C 499 34.13 31.00 17.57
N PRO C 500 34.48 32.01 18.42
CA PRO C 500 35.21 31.63 19.64
C PRO C 500 34.40 30.74 20.61
N THR C 501 33.09 30.92 20.64
CA THR C 501 32.24 30.07 21.48
C THR C 501 32.34 28.57 21.06
N PHE C 502 32.52 28.32 19.77
CA PHE C 502 32.67 26.96 19.25
C PHE C 502 34.13 26.49 19.21
N GLY C 503 35.00 27.26 19.89
CA GLY C 503 36.41 26.88 20.01
C GLY C 503 37.37 27.34 18.94
N ALA C 504 36.97 28.26 18.07
CA ALA C 504 37.88 28.74 17.03
C ALA C 504 39.04 29.48 17.68
N LYS C 505 40.23 29.28 17.12
CA LYS C 505 41.45 29.96 17.59
C LYS C 505 42.02 30.84 16.49
N ASP C 506 41.92 30.38 15.24
CA ASP C 506 42.48 31.07 14.08
C ASP C 506 41.30 31.52 13.23
N TYR C 507 40.93 32.78 13.36
CA TYR C 507 39.71 33.28 12.72
C TYR C 507 39.73 34.81 12.69
N GLU C 508 38.78 35.38 11.96
CA GLU C 508 38.54 36.82 11.99
C GLU C 508 37.06 37.05 12.07
N THR C 509 36.69 38.10 12.77
CA THR C 509 35.33 38.57 12.76
C THR C 509 35.31 40.04 12.36
N HIS C 510 34.24 40.45 11.69
CA HIS C 510 34.09 41.81 11.24
C HIS C 510 32.64 42.19 11.26
N ARG C 511 32.34 43.46 11.53
CA ARG C 511 31.00 43.98 11.34
C ARG C 511 31.04 45.10 10.33
N VAL C 512 30.05 45.12 9.43
CA VAL C 512 29.95 46.20 8.41
C VAL C 512 28.53 46.75 8.38
N ALA C 513 28.41 48.08 8.33
CA ALA C 513 27.12 48.71 8.40
C ALA C 513 27.01 49.80 7.38
N THR C 514 28.13 50.13 6.74
CA THR C 514 28.15 51.17 5.74
C THR C 514 28.88 50.72 4.50
N THR C 515 28.61 51.44 3.42
CA THR C 515 29.31 51.26 2.19
C THR C 515 30.81 51.42 2.33
N GLY C 516 31.25 52.41 3.09
CA GLY C 516 32.70 52.58 3.32
C GLY C 516 33.30 51.39 4.02
N GLU C 517 32.60 50.85 5.01
CA GLU C 517 33.10 49.68 5.74
C GLU C 517 33.14 48.43 4.86
N TRP C 518 32.10 48.28 4.05
CA TRP C 518 32.00 47.15 3.10
C TRP C 518 33.18 47.22 2.15
N ASP C 519 33.36 48.36 1.48
CA ASP C 519 34.48 48.45 0.52
C ASP C 519 35.86 48.26 1.18
N LYS C 520 36.05 48.88 2.33
CA LYS C 520 37.35 48.78 3.02
C LYS C 520 37.70 47.33 3.33
N LEU C 521 36.71 46.57 3.80
CA LEU C 521 36.95 45.19 4.22
C LEU C 521 37.14 44.30 3.00
N THR C 522 36.17 44.35 2.09
CA THR C 522 36.13 43.41 0.96
C THR C 522 37.20 43.64 -0.10
N GLN C 523 37.75 44.87 -0.18
CA GLN C 523 38.85 45.17 -1.11
C GLN C 523 40.20 44.90 -0.46
N ASP C 524 40.21 44.64 0.84
CA ASP C 524 41.48 44.44 1.53
C ASP C 524 42.19 43.19 0.98
N LYS C 525 43.47 43.30 0.65
CA LYS C 525 44.21 42.18 0.07
C LYS C 525 44.27 40.95 0.98
N SER C 526 44.54 41.18 2.26
CA SER C 526 44.62 40.07 3.22
C SER C 526 43.25 39.41 3.38
N PHE C 527 42.20 40.22 3.50
CA PHE C 527 40.83 39.66 3.62
C PHE C 527 40.49 38.68 2.50
N ASN C 528 40.99 38.94 1.29
CA ASN C 528 40.69 38.11 0.13
C ASN C 528 41.49 36.80 0.07
N ASP C 529 42.40 36.63 1.02
CA ASP C 529 43.16 35.38 1.13
C ASP C 529 42.26 34.42 1.93
N ASN C 530 41.98 33.22 1.42
CA ASN C 530 41.21 32.29 2.19
C ASN C 530 42.11 31.62 3.22
N SER C 531 42.73 32.40 4.10
CA SER C 531 43.72 31.82 5.04
C SER C 531 43.14 31.39 6.39
N LYS C 532 41.92 31.82 6.69
CA LYS C 532 41.25 31.47 7.93
C LYS C 532 39.74 31.64 7.77
N ILE C 533 38.98 30.97 8.62
CA ILE C 533 37.53 31.14 8.67
C ILE C 533 37.21 32.57 9.12
N ARG C 534 36.16 33.15 8.53
CA ARG C 534 35.80 34.52 8.81
C ARG C 534 34.30 34.65 8.93
N MET C 535 33.85 35.43 9.90
CA MET C 535 32.44 35.81 9.94
C MET C 535 32.34 37.31 9.79
N ILE C 536 31.41 37.72 8.93
CA ILE C 536 31.13 39.13 8.66
C ILE C 536 29.67 39.37 8.98
N GLU C 537 29.42 40.16 10.04
CA GLU C 537 28.04 40.51 10.37
C GLU C 537 27.67 41.77 9.58
N VAL C 538 26.66 41.63 8.74
CA VAL C 538 26.21 42.69 7.83
C VAL C 538 24.93 43.30 8.41
N MET C 539 25.00 44.58 8.76
CA MET C 539 23.88 45.26 9.43
C MET C 539 23.00 45.92 8.40
N LEU C 540 21.75 45.46 8.34
CA LEU C 540 20.78 45.90 7.31
C LEU C 540 19.45 46.31 7.94
N PRO C 541 18.72 47.24 7.30
CA PRO C 541 17.39 47.56 7.84
C PRO C 541 16.41 46.41 7.78
N VAL C 542 15.43 46.45 8.68
CA VAL C 542 14.43 45.39 8.75
C VAL C 542 13.67 45.15 7.46
N PHE C 543 13.16 46.19 6.80
CA PHE C 543 12.28 45.96 5.67
C PHE C 543 13.01 46.07 4.33
N ASP C 544 14.33 46.21 4.43
CA ASP C 544 15.18 46.33 3.25
C ASP C 544 15.31 44.99 2.54
N ALA C 545 15.33 45.05 1.22
CA ALA C 545 15.33 43.87 0.39
C ALA C 545 15.76 44.30 -1.00
N PRO C 546 16.18 43.32 -1.83
CA PRO C 546 16.51 43.62 -3.22
C PRO C 546 15.26 44.07 -3.96
N GLN C 547 15.44 44.91 -4.97
CA GLN C 547 14.32 45.45 -5.74
C GLN C 547 13.40 44.37 -6.27
N ASN C 548 13.99 43.23 -6.68
CA ASN C 548 13.22 42.09 -7.19
C ASN C 548 12.22 41.52 -6.20
N LEU C 549 12.63 41.43 -4.94
CA LEU C 549 11.77 40.93 -3.87
C LEU C 549 10.75 41.96 -3.39
N VAL C 550 11.12 43.24 -3.40
CA VAL C 550 10.21 44.32 -3.02
C VAL C 550 9.00 44.31 -3.95
N GLU C 551 9.26 44.14 -5.25
CA GLU C 551 8.23 44.14 -6.30
C GLU C 551 7.44 42.83 -6.44
N GLN C 552 8.04 41.69 -6.07
CA GLN C 552 7.26 40.46 -5.95
C GLN C 552 6.37 40.56 -4.73
N ALA C 553 6.89 41.14 -3.64
CA ALA C 553 6.05 41.56 -2.52
C ALA C 553 5.14 42.68 -3.05
N LYS C 554 4.13 43.05 -2.28
CA LYS C 554 3.05 43.89 -2.79
C LYS C 554 2.13 42.99 -3.65
N LEU C 555 2.74 42.36 -4.66
CA LEU C 555 2.06 41.44 -5.58
C LEU C 555 1.65 40.13 -4.87
N THR C 556 2.62 39.47 -4.25
CA THR C 556 2.38 38.22 -3.53
C THR C 556 1.76 38.52 -2.15
N ALA C 557 0.97 39.61 -2.11
CA ALA C 557 0.26 40.05 -0.92
C ALA C 557 -0.92 40.96 -1.33
N ALA C 558 -1.30 40.86 -2.61
CA ALA C 558 -2.40 41.65 -3.15
C ALA C 558 -3.75 40.99 -2.90
N SER D 2 -23.52 32.80 15.14
CA SER D 2 -22.17 33.41 15.35
C SER D 2 -21.08 32.49 14.84
N GLU D 3 -20.20 33.03 14.00
CA GLU D 3 -19.14 32.24 13.43
C GLU D 3 -17.77 32.65 13.99
N ILE D 4 -16.77 31.81 13.69
CA ILE D 4 -15.39 31.98 14.16
C ILE D 4 -14.56 31.28 13.11
N THR D 5 -13.33 31.75 12.88
CA THR D 5 -12.49 31.09 11.89
C THR D 5 -12.06 29.72 12.42
N LEU D 6 -11.90 28.77 11.50
CA LEU D 6 -11.36 27.45 11.84
C LEU D 6 -10.03 27.58 12.60
N GLY D 7 -9.16 28.47 12.13
CA GLY D 7 -7.88 28.72 12.81
C GLY D 7 -8.04 29.13 14.26
N LYS D 8 -8.87 30.14 14.53
CA LYS D 8 -9.10 30.53 15.92
C LYS D 8 -9.78 29.40 16.70
N TYR D 9 -10.67 28.66 16.03
CA TYR D 9 -11.31 27.48 16.63
C TYR D 9 -10.27 26.52 17.21
N LEU D 10 -9.26 26.16 16.40
CA LEU D 10 -8.14 25.35 16.89
C LEU D 10 -7.55 25.86 18.20
N PHE D 11 -7.18 27.15 18.26
CA PHE D 11 -6.52 27.65 19.48
C PHE D 11 -7.44 27.79 20.67
N GLU D 12 -8.73 28.03 20.38
CA GLU D 12 -9.71 28.03 21.46
C GLU D 12 -9.79 26.66 22.11
N ARG D 13 -9.78 25.60 21.29
CA ARG D 13 -9.81 24.22 21.79
C ARG D 13 -8.54 23.88 22.55
N LEU D 14 -7.40 24.30 22.00
CA LEU D 14 -6.12 24.06 22.68
C LEU D 14 -6.09 24.69 24.09
N LYS D 15 -6.53 25.94 24.20
CA LYS D 15 -6.62 26.61 25.48
C LYS D 15 -7.49 25.83 26.47
N GLN D 16 -8.61 25.31 25.96
CA GLN D 16 -9.57 24.57 26.77
C GLN D 16 -8.95 23.30 27.36
N VAL D 17 -7.95 22.77 26.66
CA VAL D 17 -7.29 21.54 27.08
C VAL D 17 -5.90 21.79 27.71
N ASN D 18 -5.66 23.04 28.13
CA ASN D 18 -4.45 23.43 28.88
C ASN D 18 -3.15 23.43 28.07
N VAL D 19 -3.29 23.56 26.76
CA VAL D 19 -2.13 23.77 25.89
C VAL D 19 -2.09 25.27 25.65
N ASN D 20 -1.19 25.96 26.35
CA ASN D 20 -1.17 27.42 26.34
C ASN D 20 0.05 28.02 25.67
N THR D 21 1.02 27.16 25.34
CA THR D 21 2.19 27.53 24.55
C THR D 21 2.19 26.58 23.36
N VAL D 22 2.42 27.13 22.16
CA VAL D 22 2.39 26.36 20.92
C VAL D 22 3.80 26.43 20.33
N PHE D 23 4.34 25.27 19.94
CA PHE D 23 5.74 25.19 19.45
C PHE D 23 5.76 25.16 17.97
N GLY D 24 6.95 25.34 17.38
CA GLY D 24 7.08 25.24 15.93
C GLY D 24 7.75 26.46 15.36
N LEU D 25 7.75 26.51 14.02
CA LEU D 25 8.28 27.65 13.29
C LEU D 25 7.30 28.08 12.19
N PRO D 26 7.27 29.38 11.88
CA PRO D 26 6.41 29.88 10.80
C PRO D 26 6.94 29.51 9.41
N GLY D 27 6.04 29.37 8.46
CA GLY D 27 6.38 29.27 7.03
C GLY D 27 5.17 29.77 6.29
N ASP D 28 5.30 30.13 5.02
CA ASP D 28 4.16 30.83 4.36
C ASP D 28 2.82 30.08 4.44
N PHE D 29 2.89 28.74 4.45
CA PHE D 29 1.70 27.87 4.51
C PHE D 29 0.99 27.79 5.89
N ASN D 30 1.60 28.37 6.92
CA ASN D 30 0.96 28.44 8.24
C ASN D 30 0.80 29.85 8.84
N LEU D 31 1.18 30.90 8.10
CA LEU D 31 1.17 32.26 8.67
C LEU D 31 -0.23 32.74 9.10
N SER D 32 -1.22 32.48 8.26
CA SER D 32 -2.59 32.94 8.58
C SER D 32 -3.09 32.22 9.83
N LEU D 33 -2.72 30.95 9.96
CA LEU D 33 -3.05 30.18 11.15
C LEU D 33 -2.40 30.76 12.40
N LEU D 34 -1.12 31.11 12.30
CA LEU D 34 -0.38 31.64 13.43
C LEU D 34 -0.98 32.97 13.94
N ASP D 35 -1.46 33.81 13.02
CA ASP D 35 -2.13 35.06 13.38
C ASP D 35 -3.18 34.84 14.43
N LYS D 36 -3.85 33.68 14.36
CA LYS D 36 -5.00 33.36 15.21
C LYS D 36 -4.60 33.13 16.67
N ILE D 37 -3.35 32.70 16.90
CA ILE D 37 -2.86 32.55 18.26
C ILE D 37 -3.03 33.83 19.08
N TYR D 38 -2.76 34.97 18.44
CA TYR D 38 -2.74 36.24 19.15
C TYR D 38 -4.14 36.76 19.40
N GLU D 39 -5.11 36.20 18.68
CA GLU D 39 -6.52 36.52 18.86
C GLU D 39 -7.16 35.74 20.02
N VAL D 40 -6.41 34.79 20.58
CA VAL D 40 -6.88 34.02 21.74
C VAL D 40 -6.09 34.45 22.97
N GLU D 41 -6.76 35.09 23.91
CA GLU D 41 -6.11 35.58 25.13
C GLU D 41 -5.43 34.43 25.83
N GLY D 42 -4.17 34.65 26.22
CA GLY D 42 -3.43 33.72 27.08
C GLY D 42 -2.52 32.75 26.33
N MET D 43 -2.68 32.68 25.01
CA MET D 43 -1.94 31.71 24.19
C MET D 43 -0.65 32.35 23.72
N ARG D 44 0.42 31.58 23.70
CA ARG D 44 1.67 32.14 23.22
C ARG D 44 2.36 31.24 22.24
N TRP D 45 3.16 31.86 21.39
CA TRP D 45 3.92 31.15 20.37
C TRP D 45 5.38 31.17 20.79
N ALA D 46 5.95 29.98 21.00
CA ALA D 46 7.30 29.87 21.54
C ALA D 46 8.33 30.59 20.70
N GLY D 47 8.25 30.44 19.37
CA GLY D 47 9.29 30.95 18.49
C GLY D 47 10.57 30.11 18.55
N ASN D 48 10.42 28.81 18.24
CA ASN D 48 11.55 27.89 18.38
C ASN D 48 12.66 28.18 17.38
N ALA D 49 13.87 27.71 17.70
CA ALA D 49 15.05 27.98 16.84
C ALA D 49 15.26 26.93 15.73
N ASN D 50 14.63 25.77 15.84
CA ASN D 50 14.40 24.88 14.70
C ASN D 50 13.27 23.91 14.99
N GLU D 51 12.81 23.19 13.96
CA GLU D 51 11.62 22.35 14.12
C GLU D 51 11.90 21.07 14.90
N LEU D 52 13.09 20.52 14.75
CA LEU D 52 13.39 19.33 15.51
C LEU D 52 13.32 19.65 17.01
N ASN D 53 13.95 20.76 17.37
CA ASN D 53 13.98 21.25 18.73
C ASN D 53 12.58 21.58 19.21
N ALA D 54 11.76 22.14 18.32
CA ALA D 54 10.35 22.44 18.65
C ALA D 54 9.60 21.19 19.02
N ALA D 55 9.84 20.11 18.27
CA ALA D 55 9.16 18.84 18.52
C ALA D 55 9.62 18.26 19.87
N TYR D 56 10.93 18.35 20.13
CA TYR D 56 11.46 17.91 21.40
C TYR D 56 10.79 18.69 22.55
N ALA D 57 10.60 19.99 22.32
CA ALA D 57 10.00 20.88 23.30
C ALA D 57 8.53 20.54 23.52
N ALA D 58 7.78 20.31 22.43
CA ALA D 58 6.37 19.89 22.55
C ALA D 58 6.28 18.63 23.40
N ASP D 59 7.25 17.73 23.24
CA ASP D 59 7.29 16.47 23.98
C ASP D 59 7.46 16.78 25.47
N GLY D 60 8.47 17.57 25.82
CA GLY D 60 8.69 17.96 27.21
C GLY D 60 7.48 18.64 27.81
N TYR D 61 6.86 19.52 27.04
CA TYR D 61 5.67 20.25 27.49
C TYR D 61 4.53 19.27 27.78
N ALA D 62 4.27 18.38 26.81
CA ALA D 62 3.22 17.35 26.98
C ALA D 62 3.45 16.49 28.23
N ARG D 63 4.70 16.15 28.50
CA ARG D 63 5.01 15.27 29.64
C ARG D 63 4.60 15.95 30.93
N ILE D 64 4.76 17.27 31.01
CA ILE D 64 4.47 18.00 32.24
C ILE D 64 3.01 18.39 32.31
N LYS D 65 2.47 18.86 31.20
CA LYS D 65 1.15 19.50 31.17
C LYS D 65 -0.01 18.58 30.76
N GLY D 66 0.32 17.48 30.08
CA GLY D 66 -0.71 16.53 29.64
C GLY D 66 -0.65 16.21 28.17
N MET D 67 -0.65 17.27 27.36
CA MET D 67 -0.50 17.20 25.91
C MET D 67 0.11 18.50 25.38
N SER D 68 0.45 18.50 24.09
CA SER D 68 1.07 19.68 23.48
C SER D 68 0.70 19.82 22.03
N CYS D 69 1.14 20.93 21.45
CA CYS D 69 0.95 21.16 20.03
C CYS D 69 2.18 21.82 19.48
N ILE D 70 2.63 21.27 18.37
CA ILE D 70 3.64 21.89 17.49
C ILE D 70 3.03 22.17 16.11
N ILE D 71 3.30 23.35 15.56
CA ILE D 71 2.83 23.68 14.21
C ILE D 71 4.03 23.92 13.33
N THR D 72 4.06 23.23 12.19
CA THR D 72 5.15 23.41 11.23
C THR D 72 4.58 23.74 9.86
N THR D 73 5.47 24.03 8.92
CA THR D 73 5.05 24.26 7.55
C THR D 73 5.34 23.02 6.68
N PHE D 74 4.53 22.91 5.63
CA PHE D 74 4.52 21.81 4.69
C PHE D 74 5.93 21.46 4.21
N GLY D 75 6.23 20.17 4.22
CA GLY D 75 7.52 19.65 3.72
C GLY D 75 8.71 19.98 4.62
N VAL D 76 9.25 21.16 4.46
CA VAL D 76 10.49 21.56 5.18
C VAL D 76 10.35 21.58 6.69
N GLY D 77 9.18 21.98 7.19
CA GLY D 77 9.01 22.09 8.61
C GLY D 77 8.69 20.74 9.19
N GLU D 78 7.65 20.11 8.64
CA GLU D 78 7.20 18.86 9.19
C GLU D 78 8.27 17.75 9.16
N LEU D 79 9.03 17.67 8.07
CA LEU D 79 10.06 16.64 7.97
C LEU D 79 11.21 16.86 8.95
N SER D 80 11.50 18.13 9.25
CA SER D 80 12.51 18.47 10.24
C SER D 80 12.11 17.94 11.63
N ALA D 81 10.81 17.86 11.88
CA ALA D 81 10.29 17.50 13.19
C ALA D 81 10.17 16.01 13.46
N LEU D 82 10.32 15.19 12.40
CA LEU D 82 9.88 13.80 12.52
C LEU D 82 10.59 12.95 13.56
N ASN D 83 11.89 13.20 13.77
CA ASN D 83 12.55 12.45 14.83
C ASN D 83 12.00 12.78 16.21
N GLY D 84 11.57 14.03 16.42
CA GLY D 84 10.90 14.38 17.69
C GLY D 84 9.55 13.67 17.77
N ILE D 85 8.79 13.73 16.68
CA ILE D 85 7.47 13.03 16.66
C ILE D 85 7.65 11.55 16.91
N ALA D 86 8.64 10.92 16.26
CA ALA D 86 8.82 9.49 16.43
C ALA D 86 9.13 9.10 17.87
N GLY D 87 9.92 9.92 18.57
CA GLY D 87 10.23 9.66 19.94
C GLY D 87 9.02 9.82 20.83
N SER D 88 8.17 10.78 20.49
CA SER D 88 6.87 10.94 21.19
C SER D 88 5.98 9.73 20.95
N TYR D 89 5.99 9.18 19.74
CA TYR D 89 5.23 7.95 19.48
C TYR D 89 5.79 6.80 20.33
N ALA D 90 7.10 6.62 20.22
CA ALA D 90 7.79 5.52 20.91
C ALA D 90 7.54 5.57 22.43
N GLU D 91 7.54 6.77 22.99
CA GLU D 91 7.52 6.93 24.45
C GLU D 91 6.14 7.25 25.00
N HIS D 92 5.15 7.25 24.12
CA HIS D 92 3.73 7.48 24.46
C HIS D 92 3.55 8.86 25.05
N VAL D 93 3.88 9.86 24.24
CA VAL D 93 3.69 11.27 24.62
C VAL D 93 2.72 11.93 23.64
N GLY D 94 1.67 12.55 24.20
CA GLY D 94 0.61 13.12 23.38
C GLY D 94 0.95 14.45 22.76
N VAL D 95 1.52 14.44 21.55
CA VAL D 95 1.86 15.65 20.81
C VAL D 95 1.01 15.83 19.54
N LEU D 96 0.25 16.93 19.45
CA LEU D 96 -0.52 17.21 18.24
C LEU D 96 0.38 18.01 17.31
N HIS D 97 0.69 17.39 16.17
CA HIS D 97 1.49 18.05 15.13
C HIS D 97 0.53 18.56 14.08
N VAL D 98 0.40 19.89 14.03
CA VAL D 98 -0.42 20.58 13.03
C VAL D 98 0.51 21.07 11.93
N VAL D 99 0.18 20.77 10.68
CA VAL D 99 0.99 21.24 9.54
C VAL D 99 0.15 22.14 8.66
N GLY D 100 0.66 23.33 8.39
CA GLY D 100 0.06 24.26 7.43
C GLY D 100 0.39 23.76 6.04
N VAL D 101 -0.63 23.44 5.24
CA VAL D 101 -0.39 22.88 3.91
C VAL D 101 -0.92 23.79 2.79
N PRO D 102 -0.42 23.63 1.56
CA PRO D 102 -0.90 24.51 0.48
C PRO D 102 -2.42 24.42 0.29
N SER D 103 -3.00 25.51 -0.19
CA SER D 103 -4.44 25.60 -0.37
C SER D 103 -4.96 24.51 -1.31
N ILE D 104 -6.24 24.18 -1.18
CA ILE D 104 -6.85 23.13 -1.97
C ILE D 104 -6.75 23.36 -3.48
N SER D 105 -6.98 24.60 -3.92
CA SER D 105 -6.85 24.94 -5.35
C SER D 105 -5.39 24.85 -5.83
N SER D 106 -4.44 25.29 -5.01
CA SER D 106 -3.01 25.12 -5.30
C SER D 106 -2.72 23.64 -5.56
N GLN D 107 -3.19 22.78 -4.66
CA GLN D 107 -3.06 21.33 -4.81
C GLN D 107 -3.77 20.83 -6.08
N ALA D 108 -4.88 21.49 -6.43
CA ALA D 108 -5.68 21.13 -7.61
C ALA D 108 -5.03 21.58 -8.92
N LYS D 109 -4.61 22.85 -8.97
CA LYS D 109 -3.88 23.41 -10.11
C LYS D 109 -2.50 22.75 -10.26
N GLN D 110 -2.20 21.82 -9.33
CA GLN D 110 -0.95 21.05 -9.29
C GLN D 110 0.33 21.88 -9.30
N LEU D 111 0.29 23.05 -8.65
CA LEU D 111 1.38 24.02 -8.70
C LEU D 111 2.72 23.47 -8.24
N LEU D 112 3.77 23.80 -8.97
CA LEU D 112 5.11 23.36 -8.63
C LEU D 112 5.64 24.31 -7.56
N LEU D 113 5.11 24.18 -6.35
CA LEU D 113 5.41 25.09 -5.26
C LEU D 113 6.68 24.72 -4.52
N HIS D 114 7.27 25.72 -3.86
CA HIS D 114 8.36 25.50 -2.94
C HIS D 114 7.95 24.47 -1.87
N HIS D 115 8.92 23.78 -1.30
CA HIS D 115 8.68 22.76 -0.27
C HIS D 115 7.96 21.49 -0.78
N THR D 116 7.93 21.30 -2.10
CA THR D 116 7.44 20.03 -2.65
C THR D 116 8.61 19.25 -3.26
N LEU D 117 8.35 17.98 -3.57
CA LEU D 117 9.37 17.14 -4.23
C LEU D 117 9.49 17.44 -5.72
N GLY D 118 8.65 18.36 -6.20
CA GLY D 118 8.63 18.77 -7.62
C GLY D 118 7.86 17.82 -8.52
N ASN D 119 7.11 16.90 -7.91
CA ASN D 119 6.43 15.83 -8.64
C ASN D 119 4.91 15.92 -8.56
N GLY D 120 4.41 17.00 -7.96
CA GLY D 120 2.97 17.26 -7.86
C GLY D 120 2.24 16.49 -6.79
N ASP D 121 2.98 15.74 -5.96
CA ASP D 121 2.36 14.91 -4.93
C ASP D 121 2.32 15.63 -3.59
N PHE D 122 1.12 16.04 -3.19
CA PHE D 122 0.96 16.77 -1.94
C PHE D 122 0.63 15.86 -0.76
N THR D 123 0.61 14.55 -0.99
CA THR D 123 0.25 13.58 0.05
C THR D 123 1.46 12.95 0.74
N VAL D 124 2.63 13.14 0.14
CA VAL D 124 3.79 12.31 0.49
C VAL D 124 4.22 12.47 1.96
N PHE D 125 4.20 13.70 2.46
CA PHE D 125 4.67 13.98 3.83
C PHE D 125 3.66 13.51 4.87
N HIS D 126 2.40 13.71 4.55
CA HIS D 126 1.32 13.15 5.34
C HIS D 126 1.50 11.65 5.46
N ARG D 127 1.73 10.97 4.33
CA ARG D 127 1.94 9.54 4.33
C ARG D 127 3.14 9.12 5.18
N MET D 128 4.22 9.89 5.11
CA MET D 128 5.40 9.62 5.94
C MET D 128 5.06 9.69 7.41
N SER D 129 4.34 10.75 7.80
CA SER D 129 3.96 10.94 9.21
C SER D 129 2.96 9.91 9.75
N ALA D 130 2.11 9.35 8.88
CA ALA D 130 1.13 8.34 9.33
C ALA D 130 1.80 7.13 9.97
N ASN D 131 3.04 6.87 9.59
CA ASN D 131 3.82 5.78 10.18
C ASN D 131 4.19 5.95 11.64
N ILE D 132 4.16 7.20 12.11
CA ILE D 132 4.56 7.52 13.49
C ILE D 132 3.47 8.30 14.22
N SER D 133 2.22 8.10 13.77
CA SER D 133 1.07 8.78 14.39
C SER D 133 0.04 7.75 14.78
N GLU D 134 -0.69 8.04 15.85
CA GLU D 134 -1.82 7.20 16.22
C GLU D 134 -2.92 7.33 15.17
N THR D 135 -3.18 8.56 14.72
CA THR D 135 -4.13 8.81 13.66
C THR D 135 -3.74 10.08 12.93
N THR D 136 -4.36 10.33 11.79
CA THR D 136 -4.11 11.54 11.06
C THR D 136 -5.40 12.15 10.52
N ALA D 137 -5.34 13.41 10.15
CA ALA D 137 -6.43 14.09 9.45
C ALA D 137 -5.85 15.11 8.49
N MET D 138 -6.31 15.09 7.24
CA MET D 138 -5.98 16.14 6.30
C MET D 138 -7.30 16.82 5.98
N ILE D 139 -7.48 18.02 6.52
CA ILE D 139 -8.76 18.71 6.45
C ILE D 139 -9.04 19.18 5.04
N THR D 140 -10.16 18.75 4.47
CA THR D 140 -10.58 19.19 3.14
C THR D 140 -12.00 19.75 3.15
N ASP D 141 -12.74 19.46 4.23
CA ASP D 141 -14.18 19.75 4.29
C ASP D 141 -14.52 20.58 5.52
N ILE D 142 -14.84 21.86 5.28
CA ILE D 142 -15.11 22.83 6.35
C ILE D 142 -16.25 22.42 7.26
N ALA D 143 -17.21 21.66 6.72
CA ALA D 143 -18.42 21.26 7.44
C ALA D 143 -18.10 20.30 8.59
N THR D 144 -17.05 19.52 8.42
CA THR D 144 -16.65 18.50 9.38
C THR D 144 -15.32 18.83 10.11
N ALA D 145 -14.72 19.96 9.74
CA ALA D 145 -13.40 20.35 10.27
C ALA D 145 -13.38 20.49 11.80
N PRO D 146 -14.37 21.20 12.38
CA PRO D 146 -14.44 21.24 13.84
C PRO D 146 -14.45 19.86 14.51
N ALA D 147 -15.28 18.96 14.01
CA ALA D 147 -15.35 17.59 14.53
C ALA D 147 -14.01 16.87 14.36
N GLU D 148 -13.36 17.07 13.22
CA GLU D 148 -12.05 16.45 12.97
C GLU D 148 -10.95 17.00 13.88
N ILE D 149 -10.95 18.33 14.09
CA ILE D 149 -10.00 18.94 15.03
C ILE D 149 -10.23 18.37 16.43
N ASP D 150 -11.50 18.29 16.82
CA ASP D 150 -11.86 17.69 18.09
C ASP D 150 -11.40 16.25 18.19
N ARG D 151 -11.59 15.48 17.12
CA ARG D 151 -11.16 14.09 17.11
C ARG D 151 -9.64 13.96 17.33
N CYS D 152 -8.88 14.83 16.68
CA CYS D 152 -7.40 14.79 16.77
C CYS D 152 -6.91 15.14 18.16
N ILE D 153 -7.51 16.18 18.76
CA ILE D 153 -7.13 16.60 20.10
C ILE D 153 -7.48 15.52 21.10
N ARG D 154 -8.71 15.00 21.04
CA ARG D 154 -9.11 13.91 21.94
C ARG D 154 -8.15 12.71 21.82
N THR D 155 -7.86 12.31 20.58
CA THR D 155 -7.03 11.13 20.36
C THR D 155 -5.60 11.32 20.92
N THR D 156 -5.02 12.48 20.67
CA THR D 156 -3.69 12.82 21.19
C THR D 156 -3.64 12.59 22.69
N TYR D 157 -4.66 13.06 23.39
CA TYR D 157 -4.62 13.02 24.84
C TYR D 157 -4.94 11.65 25.44
N VAL D 158 -5.97 10.99 24.90
CA VAL D 158 -6.41 9.74 25.48
C VAL D 158 -5.47 8.59 25.15
N THR D 159 -4.82 8.64 23.98
CA THR D 159 -3.89 7.59 23.62
C THR D 159 -2.45 7.93 23.97
N GLN D 160 -2.20 9.21 24.27
CA GLN D 160 -0.83 9.70 24.50
C GLN D 160 0.12 9.27 23.39
N ARG D 161 -0.29 9.54 22.17
CA ARG D 161 0.59 9.39 21.00
C ARG D 161 0.40 10.57 20.08
N PRO D 162 1.40 10.86 19.24
CA PRO D 162 1.24 11.97 18.33
C PRO D 162 0.13 11.78 17.32
N VAL D 163 -0.46 12.89 16.94
CA VAL D 163 -1.52 12.89 15.95
C VAL D 163 -1.14 13.95 14.91
N TYR D 164 -1.42 13.65 13.65
CA TYR D 164 -1.04 14.53 12.55
C TYR D 164 -2.28 15.24 12.02
N LEU D 165 -2.25 16.56 12.01
CA LEU D 165 -3.41 17.35 11.59
C LEU D 165 -2.98 18.34 10.50
N GLY D 166 -3.36 18.05 9.26
CA GLY D 166 -2.99 18.90 8.11
C GLY D 166 -4.05 19.93 7.80
N LEU D 167 -3.66 21.20 7.74
CA LEU D 167 -4.60 22.30 7.52
C LEU D 167 -4.25 23.12 6.28
N PRO D 168 -5.00 22.92 5.17
CA PRO D 168 -4.78 23.75 3.99
C PRO D 168 -5.02 25.22 4.28
N ALA D 169 -4.17 26.07 3.70
CA ALA D 169 -4.13 27.49 4.00
C ALA D 169 -5.50 28.16 3.84
N ASN D 170 -6.25 27.75 2.82
CA ASN D 170 -7.54 28.39 2.50
C ASN D 170 -8.62 28.10 3.51
N LEU D 171 -8.51 26.95 4.18
CA LEU D 171 -9.50 26.50 5.15
C LEU D 171 -9.40 27.14 6.53
N VAL D 172 -8.25 27.75 6.86
CA VAL D 172 -8.04 28.31 8.20
C VAL D 172 -8.84 29.58 8.47
N ASP D 173 -9.16 30.28 7.39
CA ASP D 173 -9.86 31.56 7.44
C ASP D 173 -11.33 31.41 7.02
N LEU D 174 -11.76 30.19 6.75
CA LEU D 174 -13.18 29.91 6.57
C LEU D 174 -13.86 29.83 7.92
N ASN D 175 -15.17 30.08 7.93
CA ASN D 175 -15.91 30.19 9.18
C ASN D 175 -16.59 28.91 9.63
N VAL D 176 -16.67 28.76 10.96
CA VAL D 176 -17.31 27.60 11.57
C VAL D 176 -18.22 28.05 12.71
N PRO D 177 -19.26 27.26 13.03
CA PRO D 177 -20.13 27.60 14.17
C PRO D 177 -19.38 27.83 15.48
N ALA D 178 -19.35 29.06 15.96
CA ALA D 178 -18.68 29.37 17.22
C ALA D 178 -19.34 28.67 18.41
N LYS D 179 -20.62 28.34 18.29
CA LYS D 179 -21.34 27.67 19.38
C LYS D 179 -20.76 26.29 19.70
N LEU D 180 -20.12 25.67 18.72
CA LEU D 180 -19.46 24.38 18.92
C LEU D 180 -18.45 24.40 20.06
N LEU D 181 -17.78 25.53 20.25
CA LEU D 181 -16.78 25.67 21.32
C LEU D 181 -17.37 25.66 22.73
N GLN D 182 -18.68 25.85 22.83
CA GLN D 182 -19.33 25.91 24.14
C GLN D 182 -19.61 24.50 24.68
N THR D 183 -19.43 23.49 23.83
CA THR D 183 -19.44 22.09 24.26
C THR D 183 -18.00 21.53 24.22
N PRO D 184 -17.48 21.14 25.40
CA PRO D 184 -16.07 20.71 25.45
C PRO D 184 -15.84 19.41 24.71
N ILE D 185 -14.61 19.22 24.25
CA ILE D 185 -14.18 17.95 23.70
C ILE D 185 -14.20 16.94 24.84
N ASP D 186 -14.63 15.72 24.54
CA ASP D 186 -14.55 14.62 25.47
C ASP D 186 -13.08 14.19 25.54
N MET D 187 -12.48 14.36 26.71
CA MET D 187 -11.07 14.05 26.93
C MET D 187 -10.91 12.87 27.87
N SER D 188 -12.01 12.14 28.09
CA SER D 188 -12.04 11.03 29.03
C SER D 188 -12.01 9.70 28.32
N LEU D 189 -11.35 8.72 28.94
CA LEU D 189 -11.42 7.34 28.49
C LEU D 189 -12.86 6.85 28.67
N LYS D 190 -13.30 5.93 27.81
CA LYS D 190 -14.62 5.29 27.97
C LYS D 190 -14.53 4.24 29.07
N PRO D 191 -15.53 4.17 29.96
CA PRO D 191 -15.51 3.13 30.99
C PRO D 191 -15.40 1.75 30.36
N ASN D 192 -14.83 0.80 31.10
CA ASN D 192 -14.57 -0.54 30.57
C ASN D 192 -15.82 -1.36 30.36
N ASP D 193 -15.71 -2.39 29.52
CA ASP D 193 -16.71 -3.46 29.46
C ASP D 193 -16.92 -3.96 30.89
N ALA D 194 -18.16 -3.91 31.37
CA ALA D 194 -18.44 -4.14 32.79
C ALA D 194 -18.13 -5.57 33.24
N GLU D 195 -18.43 -6.57 32.41
CA GLU D 195 -18.19 -7.96 32.77
C GLU D 195 -16.72 -8.31 32.82
N SER D 196 -15.97 -7.88 31.81
CA SER D 196 -14.55 -8.18 31.75
C SER D 196 -13.81 -7.49 32.89
N GLU D 197 -14.18 -6.23 33.18
CA GLU D 197 -13.59 -5.46 34.28
C GLU D 197 -13.83 -6.10 35.65
N LYS D 198 -15.05 -6.59 35.89
CA LYS D 198 -15.37 -7.24 37.16
C LYS D 198 -14.51 -8.49 37.38
N GLU D 199 -14.37 -9.29 36.32
CA GLU D 199 -13.58 -10.50 36.38
C GLU D 199 -12.13 -10.18 36.75
N VAL D 200 -11.57 -9.18 36.08
CA VAL D 200 -10.20 -8.74 36.36
C VAL D 200 -10.06 -8.28 37.81
N ILE D 201 -10.96 -7.43 38.26
CA ILE D 201 -10.91 -6.95 39.64
C ILE D 201 -11.01 -8.11 40.63
N ASP D 202 -12.01 -8.97 40.45
CA ASP D 202 -12.21 -10.09 41.36
C ASP D 202 -10.96 -10.96 41.48
N THR D 203 -10.34 -11.25 40.36
CA THR D 203 -9.22 -12.13 40.27
C THR D 203 -7.98 -11.54 40.92
N ILE D 204 -7.75 -10.29 40.64
CA ILE D 204 -6.68 -9.52 41.29
C ILE D 204 -6.85 -9.50 42.82
N LEU D 205 -8.06 -9.21 43.28
CA LEU D 205 -8.35 -9.24 44.71
C LEU D 205 -8.07 -10.62 45.33
N ALA D 206 -8.39 -11.69 44.59
CA ALA D 206 -8.13 -13.06 45.03
C ALA D 206 -6.64 -13.35 45.15
N LEU D 207 -5.85 -12.90 44.17
CA LEU D 207 -4.40 -13.09 44.21
C LEU D 207 -3.75 -12.31 45.35
N VAL D 208 -4.25 -11.10 45.60
CA VAL D 208 -3.75 -10.28 46.69
C VAL D 208 -3.92 -10.99 48.03
N LYS D 209 -5.11 -11.58 48.24
CA LYS D 209 -5.43 -12.33 49.47
C LYS D 209 -4.37 -13.38 49.81
N ASP D 210 -3.93 -14.13 48.80
CA ASP D 210 -3.04 -15.27 49.01
C ASP D 210 -1.54 -14.93 49.02
N ALA D 211 -1.20 -13.67 48.77
CA ALA D 211 0.20 -13.28 48.64
C ALA D 211 0.88 -12.95 49.97
N LYS D 212 2.05 -13.53 50.19
CA LYS D 212 2.83 -13.29 51.41
C LYS D 212 3.99 -12.32 51.17
N ASN D 213 4.48 -12.28 49.92
CA ASN D 213 5.52 -11.35 49.53
C ASN D 213 5.17 -10.66 48.19
N PRO D 214 4.11 -9.85 48.16
CA PRO D 214 3.77 -9.13 46.93
C PRO D 214 4.63 -7.88 46.77
N VAL D 215 4.90 -7.50 45.53
CA VAL D 215 5.61 -6.25 45.26
C VAL D 215 4.89 -5.48 44.17
N ILE D 216 5.10 -4.17 44.16
CA ILE D 216 4.58 -3.28 43.14
C ILE D 216 5.77 -2.78 42.31
N LEU D 217 5.64 -2.86 40.98
CA LEU D 217 6.68 -2.33 40.10
C LEU D 217 6.05 -1.34 39.11
N ALA D 218 6.44 -0.06 39.23
CA ALA D 218 5.95 1.02 38.37
C ALA D 218 6.94 1.30 37.25
N ASP D 219 6.42 1.30 36.01
CA ASP D 219 7.23 1.43 34.80
C ASP D 219 6.69 2.61 33.97
N ALA D 220 7.22 2.75 32.76
CA ALA D 220 6.95 3.90 31.91
C ALA D 220 5.47 4.27 31.81
N CYS D 221 4.60 3.29 31.57
CA CYS D 221 3.21 3.62 31.28
C CYS D 221 2.43 4.03 32.51
N CYS D 222 2.99 3.73 33.68
CA CYS D 222 2.43 4.25 34.93
C CYS D 222 2.37 5.77 34.86
N SER D 223 3.45 6.35 34.34
CA SER D 223 3.55 7.78 34.18
C SER D 223 2.88 8.25 32.90
N ARG D 224 3.23 7.62 31.78
CA ARG D 224 2.75 8.06 30.49
C ARG D 224 1.23 7.97 30.31
N HIS D 225 0.62 6.99 30.97
CA HIS D 225 -0.83 6.81 30.88
C HIS D 225 -1.54 7.15 32.18
N ASP D 226 -1.03 8.18 32.85
CA ASP D 226 -1.73 8.93 33.91
C ASP D 226 -2.37 8.07 35.02
N VAL D 227 -1.60 7.17 35.63
CA VAL D 227 -2.09 6.43 36.82
C VAL D 227 -1.18 6.57 38.05
N LYS D 228 -0.42 7.67 38.10
CA LYS D 228 0.47 7.94 39.22
C LYS D 228 -0.28 8.13 40.55
N ALA D 229 -1.42 8.83 40.50
CA ALA D 229 -2.30 9.02 41.66
C ALA D 229 -2.86 7.69 42.17
N GLU D 230 -3.42 6.90 41.26
CA GLU D 230 -3.97 5.59 41.57
C GLU D 230 -2.93 4.68 42.18
N THR D 231 -1.72 4.71 41.63
CA THR D 231 -0.66 3.85 42.07
C THR D 231 -0.10 4.25 43.43
N LYS D 232 -0.01 5.55 43.63
CA LYS D 232 0.38 6.14 44.91
C LYS D 232 -0.56 5.64 46.01
N LYS D 233 -1.83 5.65 45.73
CA LYS D 233 -2.78 5.19 46.68
C LYS D 233 -2.74 3.71 46.84
N LEU D 234 -2.44 3.02 45.76
CA LEU D 234 -2.27 1.57 45.83
C LEU D 234 -1.17 1.24 46.84
N ILE D 235 -0.07 1.98 46.80
CA ILE D 235 1.05 1.75 47.71
C ILE D 235 0.63 2.04 49.16
N ASP D 236 -0.12 3.13 49.36
CA ASP D 236 -0.60 3.53 50.68
C ASP D 236 -1.53 2.48 51.28
N LEU D 237 -2.64 2.19 50.60
CA LEU D 237 -3.66 1.27 51.12
C LEU D 237 -3.13 -0.14 51.31
N THR D 238 -2.11 -0.48 50.52
CA THR D 238 -1.65 -1.84 50.41
C THR D 238 -0.41 -2.10 51.28
N GLN D 239 0.45 -1.09 51.43
CA GLN D 239 1.76 -1.20 52.10
C GLN D 239 2.73 -2.25 51.51
N PHE D 240 2.54 -2.63 50.25
CA PHE D 240 3.50 -3.52 49.61
C PHE D 240 4.72 -2.69 49.22
N PRO D 241 5.92 -3.32 49.20
CA PRO D 241 7.13 -2.70 48.71
C PRO D 241 6.92 -2.26 47.29
N ALA D 242 7.39 -1.05 46.97
CA ALA D 242 7.18 -0.45 45.68
C ALA D 242 8.54 -0.11 45.08
N PHE D 243 8.70 -0.44 43.80
CA PHE D 243 9.96 -0.27 43.08
C PHE D 243 9.62 0.41 41.77
N VAL D 244 10.62 1.02 41.15
CA VAL D 244 10.37 1.77 39.93
C VAL D 244 11.41 1.39 38.89
N THR D 245 11.09 1.56 37.62
CA THR D 245 12.05 1.26 36.56
C THR D 245 12.77 2.56 36.16
N PRO D 246 13.91 2.45 35.46
CA PRO D 246 14.52 3.67 34.91
C PRO D 246 13.55 4.55 34.11
N MET D 247 12.77 3.93 33.22
CA MET D 247 11.85 4.69 32.39
C MET D 247 10.70 5.28 33.18
N GLY D 248 10.34 4.63 34.29
CA GLY D 248 9.24 5.10 35.13
C GLY D 248 9.64 5.97 36.31
N LYS D 249 10.93 6.26 36.42
CA LYS D 249 11.45 6.98 37.61
C LYS D 249 10.78 8.33 37.82
N GLY D 250 10.32 8.60 39.05
CA GLY D 250 9.55 9.79 39.34
C GLY D 250 8.05 9.51 39.49
N SER D 251 7.61 8.36 38.98
CA SER D 251 6.16 8.09 38.93
C SER D 251 5.64 7.68 40.29
N ILE D 252 6.53 7.19 41.14
CA ILE D 252 6.23 6.93 42.54
C ILE D 252 7.18 7.71 43.45
N ASP D 253 6.67 8.08 44.60
CA ASP D 253 7.41 8.94 45.53
C ASP D 253 8.52 8.19 46.24
N GLU D 254 9.75 8.67 46.07
CA GLU D 254 10.93 7.93 46.51
C GLU D 254 11.24 8.10 48.01
N GLN D 255 10.48 8.99 48.65
CA GLN D 255 10.60 9.24 50.09
C GLN D 255 9.54 8.47 50.87
N HIS D 256 8.75 7.66 50.16
CA HIS D 256 7.76 6.81 50.80
C HIS D 256 8.47 5.67 51.54
N PRO D 257 8.06 5.41 52.81
CA PRO D 257 8.67 4.37 53.64
C PRO D 257 8.72 3.00 52.96
N ARG D 258 7.75 2.73 52.06
CA ARG D 258 7.67 1.42 51.41
C ARG D 258 8.38 1.37 50.05
N TYR D 259 8.94 2.51 49.61
CA TYR D 259 9.70 2.53 48.35
C TYR D 259 11.01 1.75 48.50
N GLY D 260 11.27 0.84 47.56
CA GLY D 260 12.39 -0.08 47.67
C GLY D 260 13.58 0.13 46.76
N GLY D 261 13.42 1.00 45.75
CA GLY D 261 14.53 1.33 44.86
C GLY D 261 14.21 1.12 43.39
N VAL D 262 15.25 1.20 42.57
CA VAL D 262 15.13 1.10 41.10
C VAL D 262 15.48 -0.30 40.61
N TYR D 263 14.50 -1.02 40.08
CA TYR D 263 14.71 -2.37 39.58
C TYR D 263 15.09 -2.33 38.11
N VAL D 264 16.21 -2.96 37.77
CA VAL D 264 16.71 -3.02 36.37
C VAL D 264 17.20 -4.44 36.05
N GLY D 265 16.42 -5.45 36.44
CA GLY D 265 16.82 -6.83 36.21
C GLY D 265 18.16 -7.07 36.89
N THR D 266 19.13 -7.62 36.15
CA THR D 266 20.41 -8.00 36.75
C THR D 266 21.29 -6.80 37.07
N LEU D 267 20.98 -5.65 36.49
CA LEU D 267 21.77 -4.44 36.75
C LEU D 267 21.30 -3.70 38.02
N SER D 268 20.28 -4.23 38.69
CA SER D 268 19.79 -3.68 39.96
C SER D 268 20.84 -3.89 41.07
N LYS D 269 20.73 -3.10 42.15
CA LYS D 269 21.39 -3.43 43.41
C LYS D 269 20.98 -4.86 43.77
N PRO D 270 21.96 -5.71 44.15
CA PRO D 270 21.66 -7.11 44.44
C PRO D 270 20.45 -7.29 45.37
N GLU D 271 20.30 -6.39 46.35
CA GLU D 271 19.19 -6.44 47.30
C GLU D 271 17.84 -6.09 46.68
N VAL D 272 17.85 -5.20 45.69
CA VAL D 272 16.65 -4.82 44.96
C VAL D 272 16.20 -5.97 44.05
N LYS D 273 17.17 -6.57 43.35
CA LYS D 273 16.91 -7.69 42.46
C LYS D 273 16.23 -8.83 43.22
N GLU D 274 16.72 -9.13 44.42
CA GLU D 274 16.16 -10.21 45.24
C GLU D 274 14.78 -9.88 45.80
N ALA D 275 14.60 -8.64 46.24
CA ALA D 275 13.33 -8.21 46.81
C ALA D 275 12.20 -8.32 45.80
N VAL D 276 12.48 -7.94 44.55
CA VAL D 276 11.48 -8.02 43.48
C VAL D 276 11.26 -9.45 43.02
N GLU D 277 12.35 -10.15 42.72
CA GLU D 277 12.28 -11.47 42.12
C GLU D 277 11.87 -12.60 43.08
N SER D 278 11.92 -12.36 44.38
CA SER D 278 11.42 -13.34 45.36
C SER D 278 9.93 -13.18 45.67
N ALA D 279 9.30 -12.17 45.06
CA ALA D 279 7.88 -11.88 45.27
C ALA D 279 7.00 -13.06 44.87
N ASP D 280 5.87 -13.23 45.58
CA ASP D 280 4.91 -14.27 45.20
C ASP D 280 3.65 -13.67 44.52
N LEU D 281 3.74 -12.37 44.23
CA LEU D 281 2.77 -11.66 43.40
C LEU D 281 3.45 -10.38 42.94
N ILE D 282 3.41 -10.11 41.64
CA ILE D 282 3.98 -8.86 41.13
C ILE D 282 2.86 -8.04 40.52
N LEU D 283 2.71 -6.82 41.04
CA LEU D 283 1.76 -5.88 40.49
C LEU D 283 2.53 -4.92 39.62
N SER D 284 2.52 -5.20 38.32
CA SER D 284 3.31 -4.50 37.34
C SER D 284 2.45 -3.43 36.70
N VAL D 285 2.78 -2.18 36.97
CA VAL D 285 1.98 -1.06 36.48
C VAL D 285 2.69 -0.41 35.28
N GLY D 286 2.23 -0.76 34.07
CA GLY D 286 2.67 -0.09 32.83
C GLY D 286 4.02 -0.53 32.30
N ALA D 287 4.26 -1.84 32.24
CA ALA D 287 5.54 -2.38 31.79
C ALA D 287 5.89 -1.95 30.36
N LEU D 288 7.16 -1.60 30.16
CA LEU D 288 7.73 -1.32 28.85
C LEU D 288 9.17 -1.81 28.86
N LEU D 289 9.36 -3.05 28.45
CA LEU D 289 10.60 -3.77 28.72
C LEU D 289 11.63 -3.62 27.60
N SER D 290 12.06 -2.36 27.37
CA SER D 290 13.11 -2.07 26.39
C SER D 290 14.46 -2.53 26.89
N ASP D 291 15.46 -2.59 26.00
CA ASP D 291 16.81 -3.01 26.39
C ASP D 291 17.40 -2.22 27.57
N PHE D 292 17.52 -0.90 27.43
CA PHE D 292 18.15 -0.04 28.45
C PHE D 292 17.31 0.07 29.72
N ASN D 293 16.01 -0.19 29.61
CA ASN D 293 15.12 -0.16 30.77
C ASN D 293 15.32 -1.39 31.66
N THR D 294 16.08 -2.37 31.17
CA THR D 294 15.84 -3.71 31.61
C THR D 294 17.14 -4.55 31.72
N GLY D 295 18.30 -3.92 31.52
CA GLY D 295 19.58 -4.64 31.48
C GLY D 295 19.61 -5.69 30.37
N SER D 296 19.15 -5.31 29.18
CA SER D 296 19.03 -6.22 28.04
C SER D 296 18.18 -7.46 28.33
N PHE D 297 16.97 -7.19 28.83
CA PHE D 297 15.89 -8.17 28.96
C PHE D 297 16.22 -9.21 30.03
N SER D 298 16.69 -8.73 31.17
CA SER D 298 17.32 -9.57 32.19
C SER D 298 16.46 -9.86 33.42
N TYR D 299 15.18 -9.48 33.38
CA TYR D 299 14.25 -9.80 34.45
C TYR D 299 14.23 -11.30 34.66
N SER D 300 14.15 -11.71 35.92
CA SER D 300 14.03 -13.11 36.26
C SER D 300 13.03 -13.29 37.39
N TYR D 301 11.77 -12.96 37.12
CA TYR D 301 10.70 -13.18 38.09
C TYR D 301 10.62 -14.65 38.46
N LYS D 302 10.39 -14.93 39.75
CA LYS D 302 10.28 -16.31 40.23
C LYS D 302 8.86 -16.64 40.66
N THR D 303 7.92 -15.93 40.12
CA THR D 303 6.54 -16.28 40.31
C THR D 303 5.83 -16.24 39.00
N LYS D 304 4.79 -17.07 38.86
CA LYS D 304 3.85 -17.04 37.75
C LYS D 304 2.76 -15.99 38.01
N ASN D 305 2.69 -15.51 39.25
CA ASN D 305 1.59 -14.63 39.66
C ASN D 305 1.94 -13.20 39.33
N ILE D 306 1.80 -12.89 38.05
CA ILE D 306 2.12 -11.56 37.53
C ILE D 306 0.82 -10.92 37.05
N VAL D 307 0.54 -9.70 37.53
CA VAL D 307 -0.58 -8.90 37.08
C VAL D 307 -0.01 -7.72 36.32
N GLU D 308 -0.28 -7.65 35.02
CA GLU D 308 0.19 -6.52 34.24
C GLU D 308 -0.96 -5.56 33.99
N PHE D 309 -0.81 -4.34 34.51
CA PHE D 309 -1.75 -3.26 34.27
C PHE D 309 -1.22 -2.52 33.06
N HIS D 310 -2.03 -2.41 32.02
CA HIS D 310 -1.66 -1.58 30.85
C HIS D 310 -2.77 -0.62 30.53
N SER D 311 -2.45 0.45 29.82
CA SER D 311 -3.46 1.47 29.50
C SER D 311 -4.66 0.94 28.72
N ASP D 312 -4.45 -0.09 27.91
CA ASP D 312 -5.44 -0.59 26.94
C ASP D 312 -5.84 -2.04 27.15
N HIS D 313 -5.21 -2.72 28.10
CA HIS D 313 -5.54 -4.12 28.38
C HIS D 313 -4.99 -4.53 29.74
N MET D 314 -5.38 -5.72 30.19
CA MET D 314 -4.84 -6.32 31.40
C MET D 314 -4.33 -7.70 31.07
N LYS D 315 -3.30 -8.15 31.80
CA LYS D 315 -2.88 -9.54 31.76
C LYS D 315 -2.79 -10.01 33.19
N ILE D 316 -3.36 -11.18 33.46
CA ILE D 316 -3.24 -11.81 34.78
C ILE D 316 -2.72 -13.21 34.56
N ARG D 317 -1.51 -13.49 35.06
CA ARG D 317 -0.81 -14.71 34.71
C ARG D 317 -0.83 -14.78 33.20
N ASN D 318 -1.42 -15.83 32.64
CA ASN D 318 -1.37 -15.98 31.19
C ASN D 318 -2.65 -15.49 30.51
N ALA D 319 -3.59 -14.99 31.30
CA ALA D 319 -4.87 -14.57 30.75
C ALA D 319 -4.79 -13.12 30.31
N THR D 320 -5.16 -12.86 29.06
CA THR D 320 -5.24 -11.50 28.54
C THR D 320 -6.69 -11.04 28.47
N PHE D 321 -6.91 -9.79 28.87
CA PHE D 321 -8.21 -9.14 28.81
C PHE D 321 -8.13 -7.91 27.92
N PRO D 322 -8.27 -8.11 26.59
CA PRO D 322 -8.11 -6.98 25.68
C PRO D 322 -9.13 -5.89 25.96
N GLY D 323 -8.67 -4.65 25.88
CA GLY D 323 -9.52 -3.48 26.07
C GLY D 323 -9.88 -3.10 27.51
N VAL D 324 -9.50 -3.93 28.49
CA VAL D 324 -9.72 -3.55 29.89
C VAL D 324 -8.60 -2.59 30.34
N GLN D 325 -9.00 -1.35 30.60
CA GLN D 325 -8.06 -0.23 30.83
C GLN D 325 -7.67 -0.09 32.30
N MET D 326 -6.37 -0.01 32.57
CA MET D 326 -5.88 0.00 33.96
C MET D 326 -6.37 1.16 34.83
N LYS D 327 -6.68 2.29 34.20
CA LYS D 327 -7.08 3.49 34.92
C LYS D 327 -8.27 3.14 35.81
N PHE D 328 -9.28 2.52 35.21
CA PHE D 328 -10.51 2.21 35.93
C PHE D 328 -10.37 0.97 36.81
N VAL D 329 -9.62 -0.03 36.34
CA VAL D 329 -9.30 -1.21 37.17
C VAL D 329 -8.66 -0.76 38.51
N LEU D 330 -7.66 0.11 38.42
CA LEU D 330 -6.97 0.65 39.60
C LEU D 330 -7.88 1.48 40.51
N GLN D 331 -8.71 2.32 39.89
CA GLN D 331 -9.67 3.13 40.66
C GLN D 331 -10.63 2.25 41.45
N LYS D 332 -11.19 1.23 40.81
CA LYS D 332 -12.17 0.38 41.48
C LYS D 332 -11.54 -0.61 42.44
N LEU D 333 -10.28 -0.97 42.21
CA LEU D 333 -9.48 -1.75 43.14
C LEU D 333 -9.22 -1.03 44.47
N LEU D 334 -9.00 0.28 44.41
CA LEU D 334 -8.70 1.07 45.60
C LEU D 334 -9.86 1.05 46.60
N THR D 335 -10.97 0.48 46.16
CA THR D 335 -12.17 0.52 46.97
C THR D 335 -12.15 -0.68 47.89
N ASN D 336 -11.62 -1.78 47.37
CA ASN D 336 -11.65 -3.06 48.08
C ASN D 336 -10.29 -3.57 48.55
N ILE D 337 -9.19 -3.06 47.98
CA ILE D 337 -7.87 -3.67 48.18
C ILE D 337 -7.32 -3.63 49.62
N ALA D 338 -7.66 -2.58 50.37
CA ALA D 338 -7.23 -2.44 51.76
C ALA D 338 -7.68 -3.64 52.60
N ASP D 339 -8.95 -4.04 52.43
CA ASP D 339 -9.44 -5.24 53.08
C ASP D 339 -8.67 -6.47 52.57
N ALA D 340 -8.48 -6.56 51.26
CA ALA D 340 -7.81 -7.70 50.63
C ALA D 340 -6.38 -7.89 51.14
N ALA D 341 -5.75 -6.82 51.56
CA ALA D 341 -4.36 -6.82 52.00
C ALA D 341 -4.20 -6.77 53.52
N LYS D 342 -5.33 -6.89 54.25
CA LYS D 342 -5.33 -6.74 55.71
C LYS D 342 -4.37 -7.69 56.46
N GLY D 343 -4.30 -8.94 56.02
CA GLY D 343 -3.47 -9.96 56.68
C GLY D 343 -1.99 -9.91 56.34
N TYR D 344 -1.60 -9.00 55.44
CA TYR D 344 -0.20 -8.86 55.01
C TYR D 344 0.70 -8.35 56.13
N LYS D 345 1.79 -9.05 56.37
CA LYS D 345 2.82 -8.65 57.31
C LYS D 345 3.99 -7.99 56.58
N PRO D 346 4.09 -6.68 56.64
CA PRO D 346 5.06 -5.93 55.83
C PRO D 346 6.48 -6.51 55.80
N VAL D 347 6.95 -6.83 54.60
CA VAL D 347 8.32 -7.30 54.37
C VAL D 347 9.22 -6.06 54.32
N ALA D 348 10.43 -6.18 54.85
CA ALA D 348 11.39 -5.08 54.80
C ALA D 348 11.74 -4.75 53.34
N VAL D 349 11.84 -3.46 53.05
CA VAL D 349 12.32 -3.00 51.75
C VAL D 349 13.83 -2.76 51.78
N PRO D 350 14.51 -2.92 50.63
CA PRO D 350 15.94 -2.64 50.59
C PRO D 350 16.24 -1.23 51.09
N ALA D 351 17.39 -1.07 51.73
CA ALA D 351 17.82 0.22 52.28
C ALA D 351 18.30 1.12 51.15
N ARG D 352 18.08 2.43 51.31
CA ARG D 352 18.63 3.42 50.38
C ARG D 352 20.16 3.39 50.42
N THR D 353 20.78 3.79 49.31
CA THR D 353 22.23 3.97 49.26
C THR D 353 22.64 4.94 50.36
N PRO D 354 23.73 4.63 51.08
CA PRO D 354 24.23 5.56 52.09
C PRO D 354 24.68 6.89 51.48
N ALA D 355 24.53 7.98 52.22
CA ALA D 355 25.12 9.27 51.83
C ALA D 355 26.62 9.07 51.58
N ASN D 356 27.18 9.90 50.70
CA ASN D 356 28.61 9.86 50.46
C ASN D 356 29.37 10.20 51.74
N ALA D 357 30.48 9.51 51.97
CA ALA D 357 31.42 9.86 53.06
C ALA D 357 31.98 11.27 52.85
N ALA D 358 32.19 11.98 53.96
CA ALA D 358 32.84 13.29 53.90
C ALA D 358 34.22 13.14 53.27
N VAL D 359 34.57 14.05 52.38
CA VAL D 359 35.90 14.05 51.72
C VAL D 359 36.44 15.47 51.59
N PRO D 360 37.77 15.62 51.42
CA PRO D 360 38.31 16.97 51.28
C PRO D 360 37.65 17.72 50.12
N ALA D 361 37.47 19.03 50.31
CA ALA D 361 36.90 19.90 49.28
C ALA D 361 37.60 19.76 47.93
N SER D 362 38.87 19.40 47.95
CA SER D 362 39.69 19.37 46.74
C SER D 362 39.51 18.08 45.91
N THR D 363 38.74 17.13 46.42
CA THR D 363 38.70 15.86 45.69
C THR D 363 37.96 16.00 44.34
N PRO D 364 38.61 15.51 43.27
CA PRO D 364 38.05 15.61 41.92
C PRO D 364 36.67 14.95 41.81
N LEU D 365 35.77 15.60 41.07
CA LEU D 365 34.42 15.06 40.87
C LEU D 365 34.45 13.76 40.09
N LYS D 366 33.60 12.83 40.52
CA LYS D 366 33.42 11.53 39.86
C LYS D 366 31.91 11.33 39.71
N GLN D 367 31.51 10.65 38.64
CA GLN D 367 30.08 10.40 38.37
C GLN D 367 29.35 9.77 39.55
N GLU D 368 29.88 8.66 40.05
CA GLU D 368 29.21 7.90 41.10
C GLU D 368 28.95 8.76 42.32
N TRP D 369 29.97 9.48 42.78
CA TRP D 369 29.79 10.47 43.84
C TRP D 369 28.67 11.46 43.50
N MET D 370 28.74 12.06 42.30
CA MET D 370 27.83 13.14 41.95
C MET D 370 26.36 12.69 41.93
N TRP D 371 26.06 11.58 41.27
CA TRP D 371 24.67 11.10 41.22
C TRP D 371 24.16 10.78 42.61
N ASN D 372 25.01 10.26 43.49
CA ASN D 372 24.60 10.05 44.89
C ASN D 372 24.41 11.36 45.62
N GLN D 373 25.25 12.35 45.32
CA GLN D 373 25.16 13.64 46.00
C GLN D 373 23.98 14.50 45.53
N LEU D 374 23.58 14.33 44.27
CA LEU D 374 22.56 15.17 43.67
C LEU D 374 21.23 15.26 44.44
N GLY D 375 20.85 14.18 45.11
CA GLY D 375 19.60 14.18 45.87
C GLY D 375 19.53 15.28 46.92
N ASN D 376 20.69 15.72 47.42
CA ASN D 376 20.74 16.82 48.39
C ASN D 376 20.19 18.12 47.82
N PHE D 377 20.47 18.38 46.55
CA PHE D 377 20.09 19.59 45.85
C PHE D 377 18.61 19.61 45.43
N LEU D 378 18.11 18.44 45.01
CA LEU D 378 16.74 18.36 44.50
C LEU D 378 15.71 18.70 45.58
N GLN D 379 14.57 19.24 45.14
CA GLN D 379 13.48 19.62 46.04
C GLN D 379 12.15 19.15 45.47
N GLU D 380 11.13 19.01 46.32
CA GLU D 380 9.83 18.55 45.86
C GLU D 380 9.29 19.47 44.75
N GLY D 381 8.70 18.89 43.72
CA GLY D 381 8.14 19.67 42.62
C GLY D 381 9.10 19.86 41.46
N ASP D 382 10.36 19.50 41.66
CA ASP D 382 11.38 19.69 40.60
C ASP D 382 11.03 18.85 39.37
N VAL D 383 11.37 19.37 38.20
CA VAL D 383 11.44 18.57 36.97
C VAL D 383 12.90 18.26 36.75
N VAL D 384 13.24 16.98 36.62
CA VAL D 384 14.62 16.51 36.50
C VAL D 384 14.78 15.73 35.20
N ILE D 385 15.61 16.25 34.30
CA ILE D 385 15.69 15.76 32.93
C ILE D 385 17.12 15.29 32.76
N ALA D 386 17.29 14.08 32.22
CA ALA D 386 18.61 13.44 32.08
C ALA D 386 18.74 12.97 30.67
N GLU D 387 19.82 13.39 30.01
CA GLU D 387 20.05 13.03 28.61
C GLU D 387 20.65 11.64 28.46
N THR D 388 20.24 10.94 27.39
CA THR D 388 20.84 9.68 27.00
C THR D 388 22.36 9.84 26.95
N GLY D 389 23.06 8.88 27.55
CA GLY D 389 24.51 9.03 27.77
C GLY D 389 24.73 8.76 29.24
N THR D 390 25.88 9.17 29.78
CA THR D 390 26.14 8.89 31.22
C THR D 390 25.04 9.45 32.12
N SER D 391 24.47 10.60 31.75
CA SER D 391 23.41 11.26 32.57
C SER D 391 22.21 10.37 32.84
N ALA D 392 21.66 9.78 31.77
CA ALA D 392 20.46 8.93 31.93
C ALA D 392 20.74 7.70 32.78
N PHE D 393 21.93 7.13 32.66
CA PHE D 393 22.30 5.97 33.48
C PHE D 393 22.58 6.39 34.91
N GLY D 394 23.21 7.56 35.08
CA GLY D 394 23.57 8.08 36.39
C GLY D 394 22.38 8.44 37.26
N ILE D 395 21.38 9.08 36.65
CA ILE D 395 20.22 9.55 37.41
C ILE D 395 19.44 8.41 38.11
N ASN D 396 19.57 7.19 37.61
CA ASN D 396 18.96 6.03 38.28
C ASN D 396 19.45 5.88 39.73
N GLN D 397 20.63 6.43 40.01
CA GLN D 397 21.28 6.36 41.33
C GLN D 397 20.98 7.58 42.22
N THR D 398 20.24 8.54 41.69
CA THR D 398 19.87 9.73 42.44
C THR D 398 18.54 9.46 43.15
N THR D 399 18.46 9.82 44.43
CA THR D 399 17.19 9.71 45.16
C THR D 399 16.37 10.99 44.94
N PHE D 400 15.14 10.83 44.49
CA PHE D 400 14.29 11.97 44.26
C PHE D 400 13.50 12.34 45.50
N PRO D 401 13.26 13.65 45.69
CA PRO D 401 12.22 14.06 46.64
C PRO D 401 10.85 13.59 46.16
N ASN D 402 9.88 13.52 47.06
CA ASN D 402 8.50 13.27 46.62
C ASN D 402 8.08 14.30 45.56
N ASN D 403 7.13 13.90 44.71
CA ASN D 403 6.59 14.77 43.67
C ASN D 403 7.71 15.30 42.75
N THR D 404 8.59 14.42 42.33
CA THR D 404 9.62 14.80 41.35
C THR D 404 9.21 14.27 39.99
N TYR D 405 9.18 15.15 38.98
CA TYR D 405 8.90 14.70 37.63
C TYR D 405 10.20 14.40 36.88
N GLY D 406 10.49 13.12 36.70
CA GLY D 406 11.68 12.71 35.95
C GLY D 406 11.34 12.61 34.46
N ILE D 407 12.29 13.03 33.61
CA ILE D 407 12.21 12.76 32.17
C ILE D 407 13.51 12.10 31.74
N SER D 408 13.40 10.89 31.22
CA SER D 408 14.56 10.19 30.66
C SER D 408 14.02 9.34 29.52
N GLN D 409 14.53 9.59 28.32
CA GLN D 409 13.98 8.98 27.10
C GLN D 409 14.66 7.62 26.84
N VAL D 410 14.41 6.67 27.73
CA VAL D 410 15.16 5.43 27.77
C VAL D 410 14.96 4.56 26.52
N LEU D 411 13.74 4.54 25.98
CA LEU D 411 13.46 3.75 24.78
C LEU D 411 13.95 4.45 23.53
N TRP D 412 13.48 5.67 23.27
CA TRP D 412 13.81 6.27 21.99
C TRP D 412 15.28 6.66 21.95
N GLY D 413 15.74 7.28 23.03
CA GLY D 413 17.18 7.53 23.18
C GLY D 413 17.81 8.45 22.14
N SER D 414 17.11 9.50 21.76
CA SER D 414 17.65 10.48 20.81
C SER D 414 18.50 11.52 21.54
N ILE D 415 19.83 11.45 21.40
CA ILE D 415 20.61 12.50 22.06
C ILE D 415 20.29 13.88 21.48
N GLY D 416 20.28 14.90 22.33
CA GLY D 416 19.88 16.26 21.97
C GLY D 416 18.46 16.55 22.40
N PHE D 417 17.66 15.49 22.53
CA PHE D 417 16.28 15.60 22.95
C PHE D 417 16.10 16.57 24.12
N THR D 418 16.97 16.45 25.13
CA THR D 418 16.71 17.13 26.39
C THR D 418 16.88 18.65 26.37
N THR D 419 17.63 19.20 25.43
CA THR D 419 17.66 20.68 25.34
C THR D 419 16.27 21.20 25.00
N GLY D 420 15.59 20.53 24.06
CA GLY D 420 14.28 20.97 23.63
C GLY D 420 13.30 20.62 24.74
N ALA D 421 13.43 19.43 25.32
CA ALA D 421 12.46 18.97 26.36
C ALA D 421 12.52 19.94 27.52
N THR D 422 13.73 20.41 27.84
CA THR D 422 13.91 21.39 28.94
C THR D 422 13.15 22.69 28.66
N LEU D 423 13.22 23.20 27.43
CA LEU D 423 12.42 24.36 27.04
C LEU D 423 10.93 24.11 27.28
N GLY D 424 10.44 22.98 26.77
CA GLY D 424 9.02 22.66 26.86
C GLY D 424 8.59 22.47 28.28
N ALA D 425 9.39 21.74 29.06
CA ALA D 425 9.11 21.54 30.49
C ALA D 425 9.13 22.88 31.24
N ALA D 426 10.07 23.76 30.89
CA ALA D 426 10.15 25.07 31.54
C ALA D 426 8.91 25.95 31.25
N PHE D 427 8.40 25.93 30.02
CA PHE D 427 7.15 26.66 29.69
C PHE D 427 6.03 26.08 30.54
N ALA D 428 5.93 24.75 30.55
CA ALA D 428 4.86 24.09 31.28
C ALA D 428 4.97 24.41 32.77
N ALA D 429 6.18 24.30 33.34
CA ALA D 429 6.41 24.56 34.76
C ALA D 429 6.06 26.01 35.11
N GLU D 430 6.45 26.94 34.23
CA GLU D 430 6.14 28.36 34.44
C GLU D 430 4.63 28.61 34.57
N GLU D 431 3.86 27.93 33.71
CA GLU D 431 2.40 28.09 33.68
C GLU D 431 1.73 27.47 34.91
N ILE D 432 2.35 26.42 35.44
CA ILE D 432 1.87 25.75 36.65
C ILE D 432 2.24 26.62 37.87
N ASP D 433 3.52 26.95 38.00
CA ASP D 433 3.98 27.72 39.14
C ASP D 433 5.36 28.22 38.82
N PRO D 434 5.52 29.57 38.68
CA PRO D 434 6.83 30.14 38.32
C PRO D 434 7.96 29.78 39.29
N LYS D 435 7.63 29.22 40.45
CA LYS D 435 8.64 28.83 41.43
C LYS D 435 9.10 27.38 41.28
N LYS D 436 8.48 26.65 40.33
CA LYS D 436 8.84 25.26 40.06
C LYS D 436 10.12 25.25 39.25
N ARG D 437 11.07 24.42 39.68
CA ARG D 437 12.41 24.38 39.07
C ARG D 437 12.48 23.31 37.99
N VAL D 438 13.30 23.58 36.97
CA VAL D 438 13.59 22.61 35.91
C VAL D 438 15.10 22.45 35.80
N ILE D 439 15.54 21.21 36.00
CA ILE D 439 16.96 20.85 36.17
C ILE D 439 17.33 19.87 35.08
N LEU D 440 18.34 20.22 34.30
CA LEU D 440 18.78 19.38 33.20
C LEU D 440 20.20 18.92 33.44
N PHE D 441 20.42 17.62 33.23
CA PHE D 441 21.75 17.02 33.04
C PHE D 441 21.92 16.54 31.61
N ILE D 442 22.81 17.21 30.87
CA ILE D 442 23.04 16.90 29.46
C ILE D 442 24.52 16.76 29.19
N GLY D 443 24.90 15.81 28.35
CA GLY D 443 26.30 15.64 28.03
C GLY D 443 26.80 16.71 27.09
N ASP D 444 28.11 16.92 27.14
CA ASP D 444 28.74 17.84 26.19
C ASP D 444 28.50 17.43 24.73
N GLY D 445 28.53 16.14 24.41
CA GLY D 445 28.21 15.73 23.04
C GLY D 445 26.77 15.99 22.61
N SER D 446 25.82 15.65 23.47
CA SER D 446 24.40 15.78 23.16
C SER D 446 24.01 17.23 23.00
N LEU D 447 24.58 18.09 23.86
CA LEU D 447 24.29 19.51 23.78
C LEU D 447 24.51 20.07 22.36
N GLN D 448 25.51 19.57 21.64
CA GLN D 448 25.82 20.16 20.33
C GLN D 448 24.71 20.02 19.32
N LEU D 449 23.91 18.96 19.43
CA LEU D 449 22.91 18.68 18.40
C LEU D 449 21.73 19.64 18.44
N THR D 450 21.49 20.22 19.63
CA THR D 450 20.27 21.01 19.84
C THR D 450 20.52 22.31 20.62
N VAL D 451 21.79 22.71 20.67
CA VAL D 451 22.26 23.82 21.51
C VAL D 451 21.45 25.10 21.32
N GLN D 452 20.95 25.35 20.11
CA GLN D 452 20.33 26.64 19.82
C GLN D 452 19.03 26.85 20.60
N GLU D 453 18.45 25.77 21.12
CA GLU D 453 17.18 25.98 21.86
C GLU D 453 17.35 26.69 23.21
N ILE D 454 18.59 26.83 23.67
CA ILE D 454 18.85 27.69 24.87
C ILE D 454 18.41 29.13 24.54
N SER D 455 18.61 29.53 23.28
CA SER D 455 18.13 30.82 22.80
C SER D 455 16.68 31.10 23.16
N THR D 456 15.84 30.10 22.93
CA THR D 456 14.40 30.26 23.19
C THR D 456 14.05 30.33 24.67
N MET D 457 14.82 29.63 25.50
CA MET D 457 14.72 29.81 26.96
C MET D 457 14.98 31.26 27.35
N ILE D 458 16.05 31.84 26.82
CA ILE D 458 16.42 33.24 27.08
C ILE D 458 15.34 34.22 26.63
N ARG D 459 14.85 34.03 25.42
CA ARG D 459 13.84 34.89 24.84
C ARG D 459 12.61 35.07 25.75
N TRP D 460 12.25 34.00 26.45
CA TRP D 460 11.04 34.01 27.29
C TRP D 460 11.36 34.17 28.78
N GLY D 461 12.63 34.43 29.10
CA GLY D 461 13.03 34.60 30.49
C GLY D 461 12.79 33.37 31.34
N LEU D 462 12.92 32.19 30.73
CA LEU D 462 12.81 30.94 31.48
C LEU D 462 14.11 30.68 32.21
N LYS D 463 14.01 30.02 33.36
CA LYS D 463 15.10 29.98 34.32
C LYS D 463 15.54 28.56 34.72
N PRO D 464 15.74 27.65 33.73
CA PRO D 464 16.20 26.32 34.07
C PRO D 464 17.66 26.28 34.51
N TYR D 465 18.04 25.17 35.15
CA TYR D 465 19.42 24.89 35.54
C TYR D 465 19.97 23.94 34.50
N LEU D 466 21.00 24.39 33.78
CA LEU D 466 21.59 23.58 32.70
C LEU D 466 22.93 23.03 33.14
N PHE D 467 22.94 21.79 33.62
CA PHE D 467 24.17 21.14 34.05
C PHE D 467 24.74 20.42 32.83
N VAL D 468 25.91 20.85 32.37
CA VAL D 468 26.56 20.24 31.21
C VAL D 468 27.74 19.40 31.68
N LEU D 469 27.74 18.10 31.38
CA LEU D 469 28.81 17.20 31.80
C LEU D 469 29.92 17.22 30.77
N ASN D 470 30.98 17.97 31.09
CA ASN D 470 32.12 18.04 30.19
C ASN D 470 33.11 16.93 30.50
N ASN D 471 33.00 15.85 29.74
CA ASN D 471 33.94 14.75 29.79
C ASN D 471 34.65 14.55 28.46
N ASP D 472 34.73 15.63 27.68
CA ASP D 472 35.51 15.66 26.45
C ASP D 472 35.14 14.56 25.45
N GLY D 473 33.85 14.47 25.14
CA GLY D 473 33.38 13.66 24.04
C GLY D 473 32.28 12.68 24.43
N TYR D 474 32.15 11.64 23.63
CA TYR D 474 30.99 10.77 23.76
C TYR D 474 31.33 9.60 24.65
N THR D 475 31.26 9.74 25.93
CA THR D 475 31.75 8.72 26.84
C THR D 475 30.99 7.39 26.75
N ILE D 476 29.68 7.46 26.78
CA ILE D 476 28.83 6.27 26.67
C ILE D 476 29.27 5.43 25.47
N GLN D 477 29.55 6.09 24.35
CA GLN D 477 29.99 5.37 23.16
C GLN D 477 31.37 4.76 23.29
N LYS D 478 32.31 5.52 23.86
CA LYS D 478 33.69 5.02 24.09
C LYS D 478 33.67 3.74 24.91
N LEU D 479 32.65 3.59 25.75
CA LEU D 479 32.49 2.34 26.51
C LEU D 479 31.85 1.19 25.71
N ILE D 480 31.12 1.52 24.64
CA ILE D 480 30.53 0.50 23.79
C ILE D 480 31.58 0.00 22.81
N HIS D 481 32.28 0.93 22.16
CA HIS D 481 33.24 0.59 21.10
C HIS D 481 34.03 1.82 20.70
N GLY D 482 35.35 1.70 20.67
CA GLY D 482 36.21 2.74 20.10
C GLY D 482 36.58 3.81 21.11
N PRO D 483 37.24 3.43 22.23
CA PRO D 483 37.50 4.36 23.31
C PRO D 483 38.31 5.58 22.91
N LYS D 484 39.12 5.45 21.87
CA LYS D 484 39.94 6.57 21.37
C LYS D 484 39.64 6.90 19.91
N ALA D 485 38.54 6.35 19.40
CA ALA D 485 38.14 6.52 18.00
C ALA D 485 37.77 7.97 17.80
N GLN D 486 38.22 8.55 16.69
CA GLN D 486 37.96 9.97 16.45
C GLN D 486 36.47 10.31 16.25
N TYR D 487 35.69 9.33 15.81
CA TYR D 487 34.23 9.55 15.68
C TYR D 487 33.57 9.72 17.06
N ASN D 488 34.25 9.27 18.11
CA ASN D 488 33.74 9.49 19.48
C ASN D 488 34.22 10.79 20.13
N GLU D 489 35.03 11.57 19.40
CA GLU D 489 35.52 12.83 19.93
C GLU D 489 34.70 13.97 19.33
N ILE D 490 34.70 15.12 20.01
CA ILE D 490 33.94 16.28 19.55
C ILE D 490 34.79 17.53 19.60
N GLN D 491 34.37 18.53 18.81
CA GLN D 491 34.98 19.83 18.87
C GLN D 491 34.71 20.42 20.25
N GLY D 492 35.74 20.99 20.88
CA GLY D 492 35.57 21.59 22.20
C GLY D 492 35.00 22.98 22.13
N TRP D 493 33.88 23.15 22.82
CA TRP D 493 33.19 24.42 22.91
C TRP D 493 33.48 25.12 24.24
N ASP D 494 33.32 26.44 24.24
CA ASP D 494 33.36 27.25 25.45
C ASP D 494 31.94 27.30 25.95
N HIS D 495 31.54 26.31 26.73
CA HIS D 495 30.15 26.17 27.18
C HIS D 495 29.61 27.38 27.88
N LEU D 496 30.40 27.97 28.78
CA LEU D 496 29.85 29.03 29.61
C LEU D 496 29.61 30.33 28.84
N SER D 497 30.15 30.44 27.62
CA SER D 497 29.88 31.60 26.77
C SER D 497 28.59 31.45 25.94
N LEU D 498 27.93 30.29 26.07
CA LEU D 498 26.71 30.02 25.26
C LEU D 498 25.58 30.99 25.61
N LEU D 499 25.29 31.15 26.90
CA LEU D 499 24.24 32.09 27.30
C LEU D 499 24.44 33.52 26.76
N PRO D 500 25.60 34.16 27.04
CA PRO D 500 25.74 35.49 26.46
C PRO D 500 25.79 35.51 24.92
N THR D 501 26.38 34.49 24.32
CA THR D 501 26.39 34.42 22.86
C THR D 501 24.95 34.45 22.27
N PHE D 502 24.02 33.80 22.98
CA PHE D 502 22.61 33.76 22.54
C PHE D 502 21.81 34.96 23.07
N GLY D 503 22.53 35.93 23.64
CA GLY D 503 21.90 37.20 24.02
C GLY D 503 21.40 37.32 25.45
N ALA D 504 21.78 36.37 26.31
CA ALA D 504 21.34 36.42 27.73
C ALA D 504 21.91 37.66 28.37
N LYS D 505 21.04 38.36 29.11
CA LYS D 505 21.45 39.55 29.86
C LYS D 505 21.47 39.24 31.35
N ASP D 506 20.54 38.41 31.80
CA ASP D 506 20.37 38.06 33.21
C ASP D 506 20.58 36.54 33.31
N TYR D 507 21.75 36.16 33.80
CA TYR D 507 22.15 34.76 33.85
C TYR D 507 23.27 34.55 34.88
N GLU D 508 23.48 33.29 35.26
CA GLU D 508 24.67 32.88 36.01
C GLU D 508 25.34 31.71 35.34
N THR D 509 26.67 31.73 35.33
CA THR D 509 27.45 30.55 34.95
C THR D 509 28.40 30.16 36.06
N HIS D 510 28.73 28.85 36.10
CA HIS D 510 29.58 28.25 37.12
C HIS D 510 30.31 27.08 36.50
N ARG D 511 31.57 26.89 36.87
CA ARG D 511 32.27 25.66 36.61
C ARG D 511 32.54 24.97 37.93
N VAL D 512 32.33 23.66 37.95
CA VAL D 512 32.63 22.84 39.14
C VAL D 512 33.47 21.65 38.72
N ALA D 513 34.51 21.35 39.50
CA ALA D 513 35.44 20.26 39.16
C ALA D 513 35.80 19.42 40.37
N THR D 514 35.42 19.94 41.53
CA THR D 514 35.73 19.29 42.78
C THR D 514 34.47 19.13 43.61
N THR D 515 34.54 18.18 44.53
CA THR D 515 33.47 18.00 45.50
C THR D 515 33.11 19.21 46.35
N GLY D 516 34.13 19.94 46.75
CA GLY D 516 33.86 21.20 47.45
C GLY D 516 33.09 22.23 46.63
N GLU D 517 33.52 22.45 45.39
CA GLU D 517 32.82 23.39 44.52
C GLU D 517 31.37 22.95 44.33
N TRP D 518 31.17 21.66 44.15
CA TRP D 518 29.83 21.12 43.97
C TRP D 518 28.94 21.37 45.18
N ASP D 519 29.41 20.97 46.36
CA ASP D 519 28.62 21.17 47.57
C ASP D 519 28.33 22.62 47.85
N LYS D 520 29.35 23.48 47.76
CA LYS D 520 29.12 24.87 48.09
C LYS D 520 28.16 25.56 47.14
N LEU D 521 28.23 25.24 45.85
CA LEU D 521 27.33 25.89 44.92
C LEU D 521 25.91 25.37 45.15
N THR D 522 25.76 24.06 45.19
CA THR D 522 24.43 23.46 45.17
C THR D 522 23.75 23.56 46.55
N GLN D 523 24.53 23.86 47.59
CA GLN D 523 23.94 24.07 48.92
C GLN D 523 23.57 25.53 49.15
N ASP D 524 24.00 26.39 48.24
CA ASP D 524 23.83 27.82 48.42
C ASP D 524 22.37 28.24 48.30
N LYS D 525 21.91 29.06 49.24
CA LYS D 525 20.50 29.42 49.29
C LYS D 525 20.05 30.11 48.01
N SER D 526 20.82 31.08 47.55
CA SER D 526 20.37 31.85 46.40
C SER D 526 20.45 30.99 45.15
N PHE D 527 21.43 30.08 45.09
CA PHE D 527 21.55 29.18 43.94
C PHE D 527 20.29 28.35 43.79
N ASN D 528 19.67 28.02 44.92
CA ASN D 528 18.50 27.14 44.97
C ASN D 528 17.19 27.80 44.58
N ASP D 529 17.23 29.12 44.43
CA ASP D 529 16.09 29.87 43.94
C ASP D 529 16.23 29.99 42.41
N ASN D 530 15.14 29.73 41.69
CA ASN D 530 15.17 29.84 40.22
C ASN D 530 15.03 31.28 39.76
N SER D 531 15.97 32.14 40.16
CA SER D 531 15.84 33.57 39.91
C SER D 531 16.33 33.98 38.53
N LYS D 532 17.14 33.12 37.90
CA LYS D 532 17.66 33.37 36.55
C LYS D 532 18.14 32.06 35.92
N ILE D 533 18.26 32.07 34.60
CA ILE D 533 18.79 30.94 33.89
C ILE D 533 20.25 30.71 34.30
N ARG D 534 20.60 29.44 34.52
CA ARG D 534 21.95 29.08 34.93
C ARG D 534 22.57 27.98 34.09
N MET D 535 23.87 28.09 33.82
CA MET D 535 24.60 26.96 33.28
C MET D 535 25.77 26.59 34.16
N ILE D 536 25.87 25.31 34.45
CA ILE D 536 26.90 24.76 35.31
C ILE D 536 27.71 23.73 34.53
N GLU D 537 28.98 24.06 34.26
CA GLU D 537 29.82 23.13 33.55
C GLU D 537 30.51 22.22 34.55
N VAL D 538 30.21 20.92 34.46
CA VAL D 538 30.72 19.90 35.39
C VAL D 538 31.87 19.18 34.72
N MET D 539 33.05 19.28 35.30
CA MET D 539 34.25 18.69 34.70
C MET D 539 34.44 17.28 35.23
N LEU D 540 34.39 16.33 34.31
CA LEU D 540 34.46 14.90 34.68
C LEU D 540 35.45 14.15 33.81
N PRO D 541 35.99 13.03 34.32
CA PRO D 541 36.98 12.28 33.53
C PRO D 541 36.40 11.67 32.27
N VAL D 542 37.27 11.51 31.26
CA VAL D 542 36.86 10.97 29.97
C VAL D 542 36.17 9.60 30.04
N PHE D 543 36.69 8.67 30.84
CA PHE D 543 36.14 7.33 30.85
C PHE D 543 35.30 7.02 32.10
N ASP D 544 34.97 8.05 32.86
CA ASP D 544 34.21 7.93 34.10
C ASP D 544 32.72 7.78 33.77
N ALA D 545 32.07 6.79 34.38
CA ALA D 545 30.67 6.51 34.06
C ALA D 545 30.06 5.63 35.14
N PRO D 546 28.73 5.75 35.33
CA PRO D 546 28.08 4.87 36.31
C PRO D 546 28.29 3.42 35.89
N GLN D 547 28.36 2.52 36.87
CA GLN D 547 28.71 1.13 36.60
C GLN D 547 27.64 0.36 35.82
N ASN D 548 26.37 0.70 36.02
CA ASN D 548 25.29 0.12 35.23
C ASN D 548 25.48 0.36 33.73
N LEU D 549 26.05 1.52 33.37
CA LEU D 549 26.29 1.84 31.97
C LEU D 549 27.45 1.03 31.42
N VAL D 550 28.51 0.93 32.22
CA VAL D 550 29.68 0.16 31.84
C VAL D 550 29.23 -1.24 31.39
N GLU D 551 28.36 -1.86 32.18
CA GLU D 551 27.88 -3.21 31.87
C GLU D 551 26.84 -3.25 30.75
N GLN D 552 25.90 -2.30 30.74
CA GLN D 552 24.95 -2.19 29.62
C GLN D 552 25.67 -2.03 28.27
N ALA D 553 26.70 -1.18 28.26
CA ALA D 553 27.50 -0.91 27.07
C ALA D 553 28.05 -2.20 26.47
N LYS D 554 28.55 -3.07 27.35
CA LYS D 554 29.05 -4.36 26.91
C LYS D 554 27.94 -5.26 26.38
N LEU D 555 26.77 -5.21 27.00
CA LEU D 555 25.64 -6.05 26.55
C LEU D 555 25.18 -5.62 25.15
N THR D 556 25.14 -4.31 24.94
CA THR D 556 24.68 -3.74 23.69
C THR D 556 25.65 -3.99 22.54
N ALA D 557 26.95 -3.83 22.80
CA ALA D 557 27.96 -4.12 21.78
C ALA D 557 27.87 -5.58 21.33
N ALA D 558 27.68 -6.49 22.29
CA ALA D 558 27.60 -7.92 22.00
C ALA D 558 26.39 -8.26 21.13
N THR D 559 25.23 -7.70 21.50
CA THR D 559 24.00 -7.84 20.74
C THR D 559 24.18 -7.42 19.28
N ASN D 560 24.86 -6.31 19.07
CA ASN D 560 25.00 -5.75 17.73
C ASN D 560 25.94 -6.57 16.86
N ALA D 561 26.99 -7.11 17.49
CA ALA D 561 28.02 -7.86 16.76
C ALA D 561 27.68 -9.34 16.51
N LYS D 562 26.69 -9.84 17.24
CA LYS D 562 26.29 -11.26 17.22
C LYS D 562 25.74 -11.72 15.86
N GLN D 563 26.28 -12.85 15.37
CA GLN D 563 25.79 -13.49 14.15
C GLN D 563 24.55 -14.33 14.42
N1' TPP E . -25.38 -15.95 -6.22
C2' TPP E . -24.47 -16.67 -5.52
CM2 TPP E . -23.16 -17.07 -6.15
N3' TPP E . -24.71 -17.02 -4.23
C4' TPP E . -25.90 -16.67 -3.63
N4' TPP E . -26.06 -17.04 -2.37
C5' TPP E . -26.87 -15.97 -4.37
C6' TPP E . -26.61 -15.59 -5.67
C7' TPP E . -28.21 -15.62 -3.75
N3 TPP E . -29.08 -16.80 -3.50
C2 TPP E . -29.26 -17.41 -2.27
S1 TPP E . -30.32 -18.65 -2.27
C5 TPP E . -30.62 -18.44 -3.85
C4 TPP E . -29.92 -17.39 -4.40
CM4 TPP E . -30.09 -16.99 -5.85
C6 TPP E . -31.67 -19.31 -4.52
C7 TPP E . -31.37 -20.81 -4.46
O7 TPP E . -32.38 -21.50 -5.17
PA TPP E . -32.50 -23.09 -5.18
O1A TPP E . -33.44 -23.53 -6.26
O2A TPP E . -31.09 -23.67 -5.39
O3A TPP E . -32.94 -23.51 -3.69
PB TPP E . -34.45 -23.67 -3.12
O1B TPP E . -34.49 -25.11 -2.67
O2B TPP E . -34.55 -22.66 -2.02
O3B TPP E . -35.38 -23.42 -4.28
MG MG F . -35.33 -24.28 -6.15
C3 PY0 G . -11.91 -19.68 15.08
C2 PY0 G . -12.26 -21.10 14.62
O3 PY0 G . -13.00 -21.75 15.64
C1 PY0 G . -11.02 -21.92 14.67
O1 PY0 G . -10.26 -21.32 15.63
O2 PY0 G . -11.34 -23.19 14.94
N PY0 G . -10.27 -21.98 13.45
C3 PY0 H . 0.64 -36.90 5.45
C2 PY0 H . 0.80 -35.97 6.66
O3 PY0 H . 2.02 -35.20 6.54
C1 PY0 H . -0.39 -35.05 6.86
O1 PY0 H . -0.39 -34.57 8.21
O2 PY0 H . -0.34 -33.92 5.98
N PY0 H . -1.65 -35.77 6.60
N1' TPP I . -9.11 -20.92 -18.67
C2' TPP I . -9.67 -19.76 -19.14
CM2 TPP I . -10.79 -19.11 -18.39
N3' TPP I . -9.20 -19.15 -20.26
C4' TPP I . -8.17 -19.69 -20.99
N4' TPP I . -7.71 -19.03 -22.06
C5' TPP I . -7.62 -20.90 -20.56
C6' TPP I . -8.09 -21.53 -19.41
C7' TPP I . -6.48 -21.58 -21.31
N3 TPP I . -6.92 -22.08 -22.63
C2 TPP I . -6.67 -21.49 -23.84
S1 TPP I . -7.27 -22.19 -25.15
C5 TPP I . -7.93 -23.34 -24.21
C4 TPP I . -7.69 -23.16 -22.85
CM4 TPP I . -8.15 -24.06 -21.72
C6 TPP I . -8.71 -24.46 -24.87
C7 TPP I . -9.79 -24.08 -25.90
O7 TPP I . -10.30 -25.30 -26.39
PA TPP I . -11.36 -25.30 -27.58
O1A TPP I . -11.83 -26.74 -27.74
O2A TPP I . -12.47 -24.33 -27.18
O3A TPP I . -10.75 -24.68 -28.92
PB TPP I . -9.98 -25.45 -30.13
O1B TPP I . -10.83 -25.07 -31.31
O2B TPP I . -8.60 -24.90 -30.26
O3B TPP I . -10.08 -26.92 -29.84
MG MG J . -11.55 -28.05 -29.32
C3 PY0 K . -5.63 -19.56 -25.50
C2 PY0 K . -5.28 -20.39 -24.29
O3 PY0 K . -5.11 -19.54 -23.17
C1 PY0 K . -3.89 -20.93 -24.62
O1 PY0 K . -4.11 -22.00 -25.42
O2 PY0 K . -3.06 -19.90 -25.20
N PY0 K . -3.29 -21.40 -23.47
C3 PY0 L . -5.89 0.76 -26.70
C2 PY0 L . -6.42 1.89 -27.52
O3 PY0 L . -5.56 2.01 -28.63
C1 PY0 L . -6.62 3.23 -26.81
O1 PY0 L . -7.37 3.17 -25.63
O2 PY0 L . -5.40 3.78 -26.49
N PY0 L . -7.34 4.05 -27.66
N1' TPP M . 11.32 26.32 8.40
C2' TPP M . 12.16 25.74 7.47
CM2 TPP M . 12.94 24.54 7.89
N3' TPP M . 12.22 26.23 6.20
C4' TPP M . 11.49 27.34 5.79
N4' TPP M . 11.57 27.77 4.55
C5' TPP M . 10.68 27.99 6.73
C6' TPP M . 10.62 27.46 8.02
C7' TPP M . 9.89 29.23 6.38
N3 TPP M . 10.74 30.39 6.09
C2 TPP M . 11.03 30.92 4.85
S1 TPP M . 11.98 32.22 4.88
C5 TPP M . 12.03 32.20 6.48
C4 TPP M . 11.31 31.17 7.06
CM4 TPP M . 11.17 30.91 8.53
C6 TPP M . 12.80 33.32 7.15
C7 TPP M . 14.30 33.40 6.91
O7 TPP M . 14.74 34.54 7.62
PA TPP M . 16.24 35.12 7.48
O1A TPP M . 16.51 36.03 8.64
O2A TPP M . 17.15 33.92 7.35
O3A TPP M . 16.25 35.86 6.06
PB TPP M . 15.90 37.39 5.70
O1B TPP M . 17.11 37.99 5.02
O2B TPP M . 14.74 37.38 4.72
O3B TPP M . 15.63 38.11 6.99
MG MG N . 16.75 38.07 8.68
C3 PY0 O . 10.58 31.43 1.70
C2 PY0 O . 9.99 30.82 2.95
O3 PY0 O . 9.77 29.42 2.77
C1 PY0 O . 8.63 31.48 3.10
O1 PY0 O . 8.80 32.85 3.27
O2 PY0 O . 7.85 31.12 1.98
N PY0 O . 7.93 31.02 4.22
C3 PY0 P . 14.55 18.66 -13.35
C2 PY0 P . 15.47 18.44 -14.54
O3 PY0 P . 15.14 19.23 -15.66
C1 PY0 P . 15.40 17.04 -15.03
O1 PY0 P . 15.64 16.04 -14.09
O2 PY0 P . 14.14 16.74 -15.59
N PY0 P . 16.54 16.95 -15.81
N1' TPP Q . 22.30 10.59 17.07
C2' TPP Q . 21.12 10.75 17.74
CM2 TPP Q . 20.12 11.78 17.25
N3' TPP Q . 20.86 9.96 18.85
C4' TPP Q . 21.74 9.02 19.30
N4' TPP Q . 21.36 8.30 20.36
C5' TPP Q . 22.97 8.87 18.66
C6' TPP Q . 23.23 9.65 17.53
C7' TPP Q . 24.03 7.87 19.11
N3 TPP Q . 24.56 8.26 20.42
C2 TPP Q . 24.22 7.74 21.64
S1 TPP Q . 24.96 8.35 22.94
C5 TPP Q . 25.78 9.35 21.98
C4 TPP Q . 25.51 9.21 20.62
CM4 TPP Q . 26.14 10.02 19.51
C6 TPP Q . 26.79 10.32 22.56
C7 TPP Q . 26.40 11.00 23.88
O7 TPP Q . 27.52 11.78 24.27
PA TPP Q . 27.43 12.74 25.54
O1A TPP Q . 28.70 13.52 25.58
O2A TPP Q . 26.18 13.57 25.42
O3A TPP Q . 27.21 11.76 26.78
PB TPP Q . 28.32 11.17 27.79
O1B TPP Q . 27.95 11.75 29.13
O2B TPP Q . 28.21 9.68 27.74
O3B TPP Q . 29.69 11.64 27.39
MG MG R . 30.34 13.59 26.89
C3 PY0 S . 22.85 6.20 23.24
C2 PY0 S . 23.39 5.95 21.86
O3 PY0 S . 22.34 5.70 20.96
C1 PY0 S . 24.33 4.75 21.88
O1 PY0 S . 25.41 5.03 22.68
O2 PY0 S . 23.64 3.56 22.31
N PY0 S . 24.88 4.55 20.60
C3 PY0 T . 3.40 0.26 27.19
C2 PY0 T . 2.48 0.70 28.31
O3 PY0 T . 2.75 -0.22 29.34
C1 PY0 T . 1.01 0.65 27.91
O1 PY0 T . 0.25 0.96 28.99
O2 PY0 T . 0.66 1.57 26.93
N PY0 T . 0.67 -0.62 27.41
#